data_7FVK
# 
_entry.id   7FVK 
# 
_audit_conform.dict_name       mmcif_pdbx.dic 
_audit_conform.dict_version    5.392 
_audit_conform.dict_location   http://mmcif.pdb.org/dictionaries/ascii/mmcif_pdbx.dic 
# 
loop_
_database_2.database_id 
_database_2.database_code 
_database_2.pdbx_database_accession 
_database_2.pdbx_DOI 
PDB   7FVK         pdb_00007fvk 10.2210/pdb7fvk/pdb 
WWPDB D_1001405401 ?            ?                   
# 
loop_
_pdbx_audit_revision_history.ordinal 
_pdbx_audit_revision_history.data_content_type 
_pdbx_audit_revision_history.major_revision 
_pdbx_audit_revision_history.minor_revision 
_pdbx_audit_revision_history.revision_date 
1 'Structure model' 1 0 2023-03-29 
2 'Structure model' 1 1 2024-05-22 
# 
_pdbx_audit_revision_details.ordinal             1 
_pdbx_audit_revision_details.revision_ordinal    1 
_pdbx_audit_revision_details.data_content_type   'Structure model' 
_pdbx_audit_revision_details.provider            repository 
_pdbx_audit_revision_details.type                'Initial release' 
_pdbx_audit_revision_details.description         ? 
_pdbx_audit_revision_details.details             ? 
# 
_pdbx_audit_revision_group.ordinal             1 
_pdbx_audit_revision_group.revision_ordinal    2 
_pdbx_audit_revision_group.data_content_type   'Structure model' 
_pdbx_audit_revision_group.group               'Data collection' 
# 
loop_
_pdbx_audit_revision_category.ordinal 
_pdbx_audit_revision_category.revision_ordinal 
_pdbx_audit_revision_category.data_content_type 
_pdbx_audit_revision_category.category 
1 2 'Structure model' chem_comp_atom 
2 2 'Structure model' chem_comp_bond 
# 
_pdbx_database_status.entry_id                        7FVK 
_pdbx_database_status.status_code                     REL 
_pdbx_database_status.status_code_sf                  REL 
_pdbx_database_status.status_code_mr                  ? 
_pdbx_database_status.status_code_cs                  ? 
_pdbx_database_status.recvd_initial_deposition_date   2023-03-09 
_pdbx_database_status.status_code_nmr_data            ? 
_pdbx_database_status.deposit_site                    RCSB 
_pdbx_database_status.process_site                    RCSB 
_pdbx_database_status.SG_entry                        ? 
_pdbx_database_status.pdb_format_compatible           Y 
_pdbx_database_status.methods_development_category    ? 
# 
_pdbx_contact_author.id                 1 
_pdbx_contact_author.email              frank.von-delft@diamond.ac.uk 
_pdbx_contact_author.name_first         Frank 
_pdbx_contact_author.name_last          'von Delft' 
_pdbx_contact_author.role               'principal investigator/group leader' 
_pdbx_contact_author.identifier_ORCID   0000-0003-0378-0017 
_pdbx_contact_author.name_mi            ? 
# 
loop_
_audit_author.name 
_audit_author.pdbx_ordinal 
'Grosjean, H.'   1 
'Tomlinson, C.'  2 
'Bradshaw, W.J.' 3 
'Koekemoer, L.'  4 
'Krojer, T.'     5 
'Fearon, D.'     6 
'Biggin, P.C.'   7 
'von Delft, F.'  8 
# 
_citation.id                        primary 
_citation.title                     'PanDDA analysis group deposition' 
_citation.journal_abbrev            'To Be Published' 
_citation.journal_volume            ? 
_citation.page_first                ? 
_citation.page_last                 ? 
_citation.year                      ? 
_citation.journal_id_ASTM           ? 
_citation.country                   ? 
_citation.journal_id_ISSN           ? 
_citation.journal_id_CSD            0353 
_citation.book_publisher            ? 
_citation.pdbx_database_id_PubMed   ? 
_citation.pdbx_database_id_DOI      ? 
# 
loop_
_citation_author.citation_id 
_citation_author.name 
_citation_author.identifier_ORCID 
_citation_author.ordinal 
primary 'Grosjean, H.'   ? 1 
primary 'Tomlinson, C.'  ? 2 
primary 'Bradshaw, W.J.' ? 3 
primary 'Koekemoer, L.'  ? 4 
primary 'Krojer, T.'     ? 5 
primary 'Fearon, D.'     ? 6 
primary 'Biggin, P.C.'   ? 7 
primary 'von Delft, F.'  ? 8 
# 
loop_
_entity.id 
_entity.type 
_entity.src_method 
_entity.pdbx_description 
_entity.formula_weight 
_entity.pdbx_number_of_molecules 
_entity.pdbx_ec 
_entity.pdbx_mutation 
_entity.pdbx_fragment 
_entity.details 
1 polymer     man 'PH-interacting protein'                                                    17627.859 1   ? ? ? ? 
2 non-polymer syn '4-(furan-2-carbonyl)-N-(2-methoxy-5-methylphenyl)piperazine-1-carboxamide' 343.377   1   ? ? ? ? 
3 water       nat water                                                                       18.015    205 ? ? ? ? 
# 
_entity_name_com.entity_id   1 
_entity_name_com.name        
'PHIP,DDB1- and CUL4-associated factor 14,IRS-1 PH domain-binding protein,WD repeat-containing protein 11' 
# 
_entity_poly.entity_id                      1 
_entity_poly.type                           'polypeptide(L)' 
_entity_poly.nstd_linkage                   no 
_entity_poly.nstd_monomer                   no 
_entity_poly.pdbx_seq_one_letter_code       
;MHHHHHHSSGVDLGTENLYFQSMSYDIQAWKKQCEELLNLIFQCEDSEPFRQPVDLLEYPDYRDIIDTPMDFATVRETLE
AGNYESPMELCKDVRLIFSNSKAYTPSKRSRIYSMSLRLSAFFEEHISSVLSDYKSALRFHKRNTITKR
;
_entity_poly.pdbx_seq_one_letter_code_can   
;MHHHHHHSSGVDLGTENLYFQSMSYDIQAWKKQCEELLNLIFQCEDSEPFRQPVDLLEYPDYRDIIDTPMDFATVRETLE
AGNYESPMELCKDVRLIFSNSKAYTPSKRSRIYSMSLRLSAFFEEHISSVLSDYKSALRFHKRNTITKR
;
_entity_poly.pdbx_strand_id                 A 
_entity_poly.pdbx_target_identifier         ? 
# 
loop_
_pdbx_entity_nonpoly.entity_id 
_pdbx_entity_nonpoly.name 
_pdbx_entity_nonpoly.comp_id 
2 '4-(furan-2-carbonyl)-N-(2-methoxy-5-methylphenyl)piperazine-1-carboxamide' ZOU 
3 water                                                                       HOH 
# 
loop_
_entity_poly_seq.entity_id 
_entity_poly_seq.num 
_entity_poly_seq.mon_id 
_entity_poly_seq.hetero 
1 1   MET n 
1 2   HIS n 
1 3   HIS n 
1 4   HIS n 
1 5   HIS n 
1 6   HIS n 
1 7   HIS n 
1 8   SER n 
1 9   SER n 
1 10  GLY n 
1 11  VAL n 
1 12  ASP n 
1 13  LEU n 
1 14  GLY n 
1 15  THR n 
1 16  GLU n 
1 17  ASN n 
1 18  LEU n 
1 19  TYR n 
1 20  PHE n 
1 21  GLN n 
1 22  SER n 
1 23  MET n 
1 24  SER n 
1 25  TYR n 
1 26  ASP n 
1 27  ILE n 
1 28  GLN n 
1 29  ALA n 
1 30  TRP n 
1 31  LYS n 
1 32  LYS n 
1 33  GLN n 
1 34  CYS n 
1 35  GLU n 
1 36  GLU n 
1 37  LEU n 
1 38  LEU n 
1 39  ASN n 
1 40  LEU n 
1 41  ILE n 
1 42  PHE n 
1 43  GLN n 
1 44  CYS n 
1 45  GLU n 
1 46  ASP n 
1 47  SER n 
1 48  GLU n 
1 49  PRO n 
1 50  PHE n 
1 51  ARG n 
1 52  GLN n 
1 53  PRO n 
1 54  VAL n 
1 55  ASP n 
1 56  LEU n 
1 57  LEU n 
1 58  GLU n 
1 59  TYR n 
1 60  PRO n 
1 61  ASP n 
1 62  TYR n 
1 63  ARG n 
1 64  ASP n 
1 65  ILE n 
1 66  ILE n 
1 67  ASP n 
1 68  THR n 
1 69  PRO n 
1 70  MET n 
1 71  ASP n 
1 72  PHE n 
1 73  ALA n 
1 74  THR n 
1 75  VAL n 
1 76  ARG n 
1 77  GLU n 
1 78  THR n 
1 79  LEU n 
1 80  GLU n 
1 81  ALA n 
1 82  GLY n 
1 83  ASN n 
1 84  TYR n 
1 85  GLU n 
1 86  SER n 
1 87  PRO n 
1 88  MET n 
1 89  GLU n 
1 90  LEU n 
1 91  CYS n 
1 92  LYS n 
1 93  ASP n 
1 94  VAL n 
1 95  ARG n 
1 96  LEU n 
1 97  ILE n 
1 98  PHE n 
1 99  SER n 
1 100 ASN n 
1 101 SER n 
1 102 LYS n 
1 103 ALA n 
1 104 TYR n 
1 105 THR n 
1 106 PRO n 
1 107 SER n 
1 108 LYS n 
1 109 ARG n 
1 110 SER n 
1 111 ARG n 
1 112 ILE n 
1 113 TYR n 
1 114 SER n 
1 115 MET n 
1 116 SER n 
1 117 LEU n 
1 118 ARG n 
1 119 LEU n 
1 120 SER n 
1 121 ALA n 
1 122 PHE n 
1 123 PHE n 
1 124 GLU n 
1 125 GLU n 
1 126 HIS n 
1 127 ILE n 
1 128 SER n 
1 129 SER n 
1 130 VAL n 
1 131 LEU n 
1 132 SER n 
1 133 ASP n 
1 134 TYR n 
1 135 LYS n 
1 136 SER n 
1 137 ALA n 
1 138 LEU n 
1 139 ARG n 
1 140 PHE n 
1 141 HIS n 
1 142 LYS n 
1 143 ARG n 
1 144 ASN n 
1 145 THR n 
1 146 ILE n 
1 147 THR n 
1 148 LYS n 
1 149 ARG n 
# 
_entity_src_gen.entity_id                          1 
_entity_src_gen.pdbx_src_id                        1 
_entity_src_gen.pdbx_alt_source_flag               sample 
_entity_src_gen.pdbx_seq_type                      'Biological sequence' 
_entity_src_gen.pdbx_beg_seq_num                   1 
_entity_src_gen.pdbx_end_seq_num                   149 
_entity_src_gen.gene_src_common_name               human 
_entity_src_gen.gene_src_genus                     ? 
_entity_src_gen.pdbx_gene_src_gene                 'PHIP, DCAF14, WDR11' 
_entity_src_gen.gene_src_species                   ? 
_entity_src_gen.gene_src_strain                    ? 
_entity_src_gen.gene_src_tissue                    ? 
_entity_src_gen.gene_src_tissue_fraction           ? 
_entity_src_gen.gene_src_details                   ? 
_entity_src_gen.pdbx_gene_src_fragment             ? 
_entity_src_gen.pdbx_gene_src_scientific_name      'Homo sapiens' 
_entity_src_gen.pdbx_gene_src_ncbi_taxonomy_id     9606 
_entity_src_gen.pdbx_gene_src_variant              ? 
_entity_src_gen.pdbx_gene_src_cell_line            ? 
_entity_src_gen.pdbx_gene_src_atcc                 ? 
_entity_src_gen.pdbx_gene_src_organ                ? 
_entity_src_gen.pdbx_gene_src_organelle            ? 
_entity_src_gen.pdbx_gene_src_cell                 ? 
_entity_src_gen.pdbx_gene_src_cellular_location    ? 
_entity_src_gen.host_org_common_name               ? 
_entity_src_gen.pdbx_host_org_scientific_name      'Escherichia coli' 
_entity_src_gen.pdbx_host_org_ncbi_taxonomy_id     562 
_entity_src_gen.host_org_genus                     ? 
_entity_src_gen.pdbx_host_org_gene                 ? 
_entity_src_gen.pdbx_host_org_organ                ? 
_entity_src_gen.host_org_species                   ? 
_entity_src_gen.pdbx_host_org_tissue               ? 
_entity_src_gen.pdbx_host_org_tissue_fraction      ? 
_entity_src_gen.pdbx_host_org_strain               ? 
_entity_src_gen.pdbx_host_org_variant              ? 
_entity_src_gen.pdbx_host_org_cell_line            ? 
_entity_src_gen.pdbx_host_org_atcc                 ? 
_entity_src_gen.pdbx_host_org_culture_collection   ? 
_entity_src_gen.pdbx_host_org_cell                 ? 
_entity_src_gen.pdbx_host_org_organelle            ? 
_entity_src_gen.pdbx_host_org_cellular_location    ? 
_entity_src_gen.pdbx_host_org_vector_type          ? 
_entity_src_gen.pdbx_host_org_vector               ? 
_entity_src_gen.host_org_details                   ? 
_entity_src_gen.expression_system_id               ? 
_entity_src_gen.plasmid_name                       ? 
_entity_src_gen.plasmid_details                    ? 
_entity_src_gen.pdbx_description                   ? 
# 
loop_
_chem_comp.id 
_chem_comp.type 
_chem_comp.mon_nstd_flag 
_chem_comp.name 
_chem_comp.pdbx_synonyms 
_chem_comp.formula 
_chem_comp.formula_weight 
ALA 'L-peptide linking' y ALANINE                                                                     ? 'C3 H7 N O2'     89.093  
ARG 'L-peptide linking' y ARGININE                                                                    ? 'C6 H15 N4 O2 1' 175.209 
ASN 'L-peptide linking' y ASPARAGINE                                                                  ? 'C4 H8 N2 O3'    132.118 
ASP 'L-peptide linking' y 'ASPARTIC ACID'                                                             ? 'C4 H7 N O4'     133.103 
CYS 'L-peptide linking' y CYSTEINE                                                                    ? 'C3 H7 N O2 S'   121.158 
GLN 'L-peptide linking' y GLUTAMINE                                                                   ? 'C5 H10 N2 O3'   146.144 
GLU 'L-peptide linking' y 'GLUTAMIC ACID'                                                             ? 'C5 H9 N O4'     147.129 
GLY 'peptide linking'   y GLYCINE                                                                     ? 'C2 H5 N O2'     75.067  
HIS 'L-peptide linking' y HISTIDINE                                                                   ? 'C6 H10 N3 O2 1' 156.162 
HOH non-polymer         . WATER                                                                       ? 'H2 O'           18.015  
ILE 'L-peptide linking' y ISOLEUCINE                                                                  ? 'C6 H13 N O2'    131.173 
LEU 'L-peptide linking' y LEUCINE                                                                     ? 'C6 H13 N O2'    131.173 
LYS 'L-peptide linking' y LYSINE                                                                      ? 'C6 H15 N2 O2 1' 147.195 
MET 'L-peptide linking' y METHIONINE                                                                  ? 'C5 H11 N O2 S'  149.211 
PHE 'L-peptide linking' y PHENYLALANINE                                                               ? 'C9 H11 N O2'    165.189 
PRO 'L-peptide linking' y PROLINE                                                                     ? 'C5 H9 N O2'     115.130 
SER 'L-peptide linking' y SERINE                                                                      ? 'C3 H7 N O3'     105.093 
THR 'L-peptide linking' y THREONINE                                                                   ? 'C4 H9 N O3'     119.119 
TRP 'L-peptide linking' y TRYPTOPHAN                                                                  ? 'C11 H12 N2 O2'  204.225 
TYR 'L-peptide linking' y TYROSINE                                                                    ? 'C9 H11 N O3'    181.189 
VAL 'L-peptide linking' y VALINE                                                                      ? 'C5 H11 N O2'    117.146 
ZOU non-polymer         . '4-(furan-2-carbonyl)-N-(2-methoxy-5-methylphenyl)piperazine-1-carboxamide' ? 'C18 H21 N3 O4'  343.377 
# 
loop_
_pdbx_poly_seq_scheme.asym_id 
_pdbx_poly_seq_scheme.entity_id 
_pdbx_poly_seq_scheme.seq_id 
_pdbx_poly_seq_scheme.mon_id 
_pdbx_poly_seq_scheme.ndb_seq_num 
_pdbx_poly_seq_scheme.pdb_seq_num 
_pdbx_poly_seq_scheme.auth_seq_num 
_pdbx_poly_seq_scheme.pdb_mon_id 
_pdbx_poly_seq_scheme.auth_mon_id 
_pdbx_poly_seq_scheme.pdb_strand_id 
_pdbx_poly_seq_scheme.pdb_ins_code 
_pdbx_poly_seq_scheme.hetero 
A 1 1   MET 1   1292 ?    ?   ?   A . n 
A 1 2   HIS 2   1293 ?    ?   ?   A . n 
A 1 3   HIS 3   1294 ?    ?   ?   A . n 
A 1 4   HIS 4   1295 ?    ?   ?   A . n 
A 1 5   HIS 5   1296 ?    ?   ?   A . n 
A 1 6   HIS 6   1297 ?    ?   ?   A . n 
A 1 7   HIS 7   1298 ?    ?   ?   A . n 
A 1 8   SER 8   1299 ?    ?   ?   A . n 
A 1 9   SER 9   1300 ?    ?   ?   A . n 
A 1 10  GLY 10  1301 ?    ?   ?   A . n 
A 1 11  VAL 11  1302 ?    ?   ?   A . n 
A 1 12  ASP 12  1303 ?    ?   ?   A . n 
A 1 13  LEU 13  1304 ?    ?   ?   A . n 
A 1 14  GLY 14  1305 ?    ?   ?   A . n 
A 1 15  THR 15  1306 ?    ?   ?   A . n 
A 1 16  GLU 16  1307 ?    ?   ?   A . n 
A 1 17  ASN 17  1308 ?    ?   ?   A . n 
A 1 18  LEU 18  1309 ?    ?   ?   A . n 
A 1 19  TYR 19  1310 ?    ?   ?   A . n 
A 1 20  PHE 20  1311 ?    ?   ?   A . n 
A 1 21  GLN 21  1312 ?    ?   ?   A . n 
A 1 22  SER 22  1313 ?    ?   ?   A . n 
A 1 23  MET 23  1314 ?    ?   ?   A . n 
A 1 24  SER 24  1315 1315 SER SER A . n 
A 1 25  TYR 25  1316 1316 TYR TYR A . n 
A 1 26  ASP 26  1317 1317 ASP ASP A . n 
A 1 27  ILE 27  1318 1318 ILE ILE A . n 
A 1 28  GLN 28  1319 1319 GLN GLN A . n 
A 1 29  ALA 29  1320 1320 ALA ALA A . n 
A 1 30  TRP 30  1321 1321 TRP TRP A . n 
A 1 31  LYS 31  1322 1322 LYS LYS A . n 
A 1 32  LYS 32  1323 1323 LYS LYS A . n 
A 1 33  GLN 33  1324 1324 GLN GLN A . n 
A 1 34  CYS 34  1325 1325 CYS CYS A . n 
A 1 35  GLU 35  1326 1326 GLU GLU A . n 
A 1 36  GLU 36  1327 1327 GLU GLU A . n 
A 1 37  LEU 37  1328 1328 LEU LEU A . n 
A 1 38  LEU 38  1329 1329 LEU LEU A . n 
A 1 39  ASN 39  1330 1330 ASN ASN A . n 
A 1 40  LEU 40  1331 1331 LEU LEU A . n 
A 1 41  ILE 41  1332 1332 ILE ILE A . n 
A 1 42  PHE 42  1333 1333 PHE PHE A . n 
A 1 43  GLN 43  1334 1334 GLN GLN A . n 
A 1 44  CYS 44  1335 1335 CYS CYS A . n 
A 1 45  GLU 45  1336 1336 GLU GLU A . n 
A 1 46  ASP 46  1337 1337 ASP ASP A . n 
A 1 47  SER 47  1338 1338 SER SER A . n 
A 1 48  GLU 48  1339 1339 GLU GLU A . n 
A 1 49  PRO 49  1340 1340 PRO PRO A . n 
A 1 50  PHE 50  1341 1341 PHE PHE A . n 
A 1 51  ARG 51  1342 1342 ARG ARG A . n 
A 1 52  GLN 52  1343 1343 GLN GLN A . n 
A 1 53  PRO 53  1344 1344 PRO PRO A . n 
A 1 54  VAL 54  1345 1345 VAL VAL A . n 
A 1 55  ASP 55  1346 1346 ASP ASP A . n 
A 1 56  LEU 56  1347 1347 LEU LEU A . n 
A 1 57  LEU 57  1348 1348 LEU LEU A . n 
A 1 58  GLU 58  1349 1349 GLU GLU A . n 
A 1 59  TYR 59  1350 1350 TYR TYR A . n 
A 1 60  PRO 60  1351 1351 PRO PRO A . n 
A 1 61  ASP 61  1352 1352 ASP ASP A . n 
A 1 62  TYR 62  1353 1353 TYR TYR A . n 
A 1 63  ARG 63  1354 1354 ARG ARG A . n 
A 1 64  ASP 64  1355 1355 ASP ASP A . n 
A 1 65  ILE 65  1356 1356 ILE ILE A . n 
A 1 66  ILE 66  1357 1357 ILE ILE A . n 
A 1 67  ASP 67  1358 1358 ASP ASP A . n 
A 1 68  THR 68  1359 1359 THR THR A . n 
A 1 69  PRO 69  1360 1360 PRO PRO A . n 
A 1 70  MET 70  1361 1361 MET MET A . n 
A 1 71  ASP 71  1362 1362 ASP ASP A . n 
A 1 72  PHE 72  1363 1363 PHE PHE A . n 
A 1 73  ALA 73  1364 1364 ALA ALA A . n 
A 1 74  THR 74  1365 1365 THR THR A . n 
A 1 75  VAL 75  1366 1366 VAL VAL A . n 
A 1 76  ARG 76  1367 1367 ARG ARG A . n 
A 1 77  GLU 77  1368 1368 GLU GLU A . n 
A 1 78  THR 78  1369 1369 THR THR A . n 
A 1 79  LEU 79  1370 1370 LEU LEU A . n 
A 1 80  GLU 80  1371 1371 GLU GLU A . n 
A 1 81  ALA 81  1372 1372 ALA ALA A . n 
A 1 82  GLY 82  1373 1373 GLY GLY A . n 
A 1 83  ASN 83  1374 1374 ASN ASN A . n 
A 1 84  TYR 84  1375 1375 TYR TYR A . n 
A 1 85  GLU 85  1376 1376 GLU GLU A . n 
A 1 86  SER 86  1377 1377 SER SER A . n 
A 1 87  PRO 87  1378 1378 PRO PRO A . n 
A 1 88  MET 88  1379 1379 MET MET A . n 
A 1 89  GLU 89  1380 1380 GLU GLU A . n 
A 1 90  LEU 90  1381 1381 LEU LEU A . n 
A 1 91  CYS 91  1382 1382 CYS CYS A . n 
A 1 92  LYS 92  1383 1383 LYS LYS A . n 
A 1 93  ASP 93  1384 1384 ASP ASP A . n 
A 1 94  VAL 94  1385 1385 VAL VAL A . n 
A 1 95  ARG 95  1386 1386 ARG ARG A . n 
A 1 96  LEU 96  1387 1387 LEU LEU A . n 
A 1 97  ILE 97  1388 1388 ILE ILE A . n 
A 1 98  PHE 98  1389 1389 PHE PHE A . n 
A 1 99  SER 99  1390 1390 SER SER A . n 
A 1 100 ASN 100 1391 1391 ASN ASN A . n 
A 1 101 SER 101 1392 1392 SER SER A . n 
A 1 102 LYS 102 1393 1393 LYS LYS A . n 
A 1 103 ALA 103 1394 1394 ALA ALA A . n 
A 1 104 TYR 104 1395 1395 TYR TYR A . n 
A 1 105 THR 105 1396 1396 THR THR A . n 
A 1 106 PRO 106 1397 1397 PRO PRO A . n 
A 1 107 SER 107 1398 1398 SER SER A . n 
A 1 108 LYS 108 1399 1399 LYS LYS A . n 
A 1 109 ARG 109 1400 1400 ARG ARG A . n 
A 1 110 SER 110 1401 1401 SER SER A . n 
A 1 111 ARG 111 1402 1402 ARG ARG A . n 
A 1 112 ILE 112 1403 1403 ILE ILE A . n 
A 1 113 TYR 113 1404 1404 TYR TYR A . n 
A 1 114 SER 114 1405 1405 SER SER A . n 
A 1 115 MET 115 1406 1406 MET MET A . n 
A 1 116 SER 116 1407 1407 SER SER A . n 
A 1 117 LEU 117 1408 1408 LEU LEU A . n 
A 1 118 ARG 118 1409 1409 ARG ARG A . n 
A 1 119 LEU 119 1410 1410 LEU LEU A . n 
A 1 120 SER 120 1411 1411 SER SER A . n 
A 1 121 ALA 121 1412 1412 ALA ALA A . n 
A 1 122 PHE 122 1413 1413 PHE PHE A . n 
A 1 123 PHE 123 1414 1414 PHE PHE A . n 
A 1 124 GLU 124 1415 1415 GLU GLU A . n 
A 1 125 GLU 125 1416 1416 GLU GLU A . n 
A 1 126 HIS 126 1417 1417 HIS HIS A . n 
A 1 127 ILE 127 1418 1418 ILE ILE A . n 
A 1 128 SER 128 1419 1419 SER SER A . n 
A 1 129 SER 129 1420 1420 SER SER A . n 
A 1 130 VAL 130 1421 1421 VAL VAL A . n 
A 1 131 LEU 131 1422 1422 LEU LEU A . n 
A 1 132 SER 132 1423 1423 SER SER A . n 
A 1 133 ASP 133 1424 1424 ASP ASP A . n 
A 1 134 TYR 134 1425 1425 TYR TYR A . n 
A 1 135 LYS 135 1426 1426 LYS LYS A . n 
A 1 136 SER 136 1427 1427 SER SER A . n 
A 1 137 ALA 137 1428 1428 ALA ALA A . n 
A 1 138 LEU 138 1429 1429 LEU LEU A . n 
A 1 139 ARG 139 1430 1430 ARG ARG A . n 
A 1 140 PHE 140 1431 1431 PHE PHE A . n 
A 1 141 HIS 141 1432 1432 HIS HIS A . n 
A 1 142 LYS 142 1433 1433 LYS LYS A . n 
A 1 143 ARG 143 1434 1434 ARG ARG A . n 
A 1 144 ASN 144 1435 1435 ASN ASN A . n 
A 1 145 THR 145 1436 ?    ?   ?   A . n 
A 1 146 ILE 146 1437 ?    ?   ?   A . n 
A 1 147 THR 147 1438 ?    ?   ?   A . n 
A 1 148 LYS 148 1439 ?    ?   ?   A . n 
A 1 149 ARG 149 1440 ?    ?   ?   A . n 
# 
loop_
_pdbx_nonpoly_scheme.asym_id 
_pdbx_nonpoly_scheme.entity_id 
_pdbx_nonpoly_scheme.mon_id 
_pdbx_nonpoly_scheme.ndb_seq_num 
_pdbx_nonpoly_scheme.pdb_seq_num 
_pdbx_nonpoly_scheme.auth_seq_num 
_pdbx_nonpoly_scheme.pdb_mon_id 
_pdbx_nonpoly_scheme.auth_mon_id 
_pdbx_nonpoly_scheme.pdb_strand_id 
_pdbx_nonpoly_scheme.pdb_ins_code 
B 2 ZOU 1   1901 1901 ZOU LIG A . 
C 3 HOH 1   2001 24   HOH HOH A . 
C 3 HOH 2   2002 29   HOH HOH A . 
C 3 HOH 3   2003 1662 HOH HOH A . 
C 3 HOH 4   2004 1607 HOH HOH A . 
C 3 HOH 5   2005 1628 HOH HOH A . 
C 3 HOH 6   2006 1642 HOH HOH A . 
C 3 HOH 7   2007 12   HOH HOH A . 
C 3 HOH 8   2008 1676 HOH HOH A . 
C 3 HOH 9   2009 1730 HOH HOH A . 
C 3 HOH 10  2010 25   HOH HOH A . 
C 3 HOH 11  2011 1631 HOH HOH A . 
C 3 HOH 12  2012 1712 HOH HOH A . 
C 3 HOH 13  2013 1613 HOH HOH A . 
C 3 HOH 14  2014 1767 HOH HOH A . 
C 3 HOH 15  2015 30   HOH HOH A . 
C 3 HOH 16  2016 1739 HOH HOH A . 
C 3 HOH 17  2017 1608 HOH HOH A . 
C 3 HOH 18  2018 1622 HOH HOH A . 
C 3 HOH 19  2019 1602 HOH HOH A . 
C 3 HOH 20  2020 1643 HOH HOH A . 
C 3 HOH 21  2021 1630 HOH HOH A . 
C 3 HOH 22  2022 1626 HOH HOH A . 
C 3 HOH 23  2023 1641 HOH HOH A . 
C 3 HOH 24  2024 1629 HOH HOH A . 
C 3 HOH 25  2025 1624 HOH HOH A . 
C 3 HOH 26  2026 4    HOH HOH A . 
C 3 HOH 27  2027 1671 HOH HOH A . 
C 3 HOH 28  2028 1612 HOH HOH A . 
C 3 HOH 29  2029 1610 HOH HOH A . 
C 3 HOH 30  2030 1615 HOH HOH A . 
C 3 HOH 31  2031 1757 HOH HOH A . 
C 3 HOH 32  2032 22   HOH HOH A . 
C 3 HOH 33  2033 1604 HOH HOH A . 
C 3 HOH 34  2034 1620 HOH HOH A . 
C 3 HOH 35  2035 1603 HOH HOH A . 
C 3 HOH 36  2036 1609 HOH HOH A . 
C 3 HOH 37  2037 1723 HOH HOH A . 
C 3 HOH 38  2038 1732 HOH HOH A . 
C 3 HOH 39  2039 1625 HOH HOH A . 
C 3 HOH 40  2040 1733 HOH HOH A . 
C 3 HOH 41  2041 1716 HOH HOH A . 
C 3 HOH 42  2042 1617 HOH HOH A . 
C 3 HOH 43  2043 1655 HOH HOH A . 
C 3 HOH 44  2044 1708 HOH HOH A . 
C 3 HOH 45  2045 1679 HOH HOH A . 
C 3 HOH 46  2046 9    HOH HOH A . 
C 3 HOH 47  2047 1645 HOH HOH A . 
C 3 HOH 48  2048 1648 HOH HOH A . 
C 3 HOH 49  2049 1771 HOH HOH A . 
C 3 HOH 50  2050 1649 HOH HOH A . 
C 3 HOH 51  2051 1664 HOH HOH A . 
C 3 HOH 52  2052 1684 HOH HOH A . 
C 3 HOH 53  2053 1658 HOH HOH A . 
C 3 HOH 54  2054 1660 HOH HOH A . 
C 3 HOH 55  2055 1644 HOH HOH A . 
C 3 HOH 56  2056 1646 HOH HOH A . 
C 3 HOH 57  2057 1632 HOH HOH A . 
C 3 HOH 58  2058 1616 HOH HOH A . 
C 3 HOH 59  2059 1665 HOH HOH A . 
C 3 HOH 60  2060 1677 HOH HOH A . 
C 3 HOH 61  2061 10   HOH HOH A . 
C 3 HOH 62  2062 1605 HOH HOH A . 
C 3 HOH 63  2063 1634 HOH HOH A . 
C 3 HOH 64  2064 1668 HOH HOH A . 
C 3 HOH 65  2065 1693 HOH HOH A . 
C 3 HOH 66  2066 1623 HOH HOH A . 
C 3 HOH 67  2067 1633 HOH HOH A . 
C 3 HOH 68  2068 1650 HOH HOH A . 
C 3 HOH 69  2069 1678 HOH HOH A . 
C 3 HOH 70  2070 1759 HOH HOH A . 
C 3 HOH 71  2071 14   HOH HOH A . 
C 3 HOH 72  2072 1706 HOH HOH A . 
C 3 HOH 73  2073 1673 HOH HOH A . 
C 3 HOH 74  2074 1682 HOH HOH A . 
C 3 HOH 75  2075 1734 HOH HOH A . 
C 3 HOH 76  2076 1621 HOH HOH A . 
C 3 HOH 77  2077 1666 HOH HOH A . 
C 3 HOH 78  2078 1694 HOH HOH A . 
C 3 HOH 79  2079 1672 HOH HOH A . 
C 3 HOH 80  2080 1700 HOH HOH A . 
C 3 HOH 81  2081 1689 HOH HOH A . 
C 3 HOH 82  2082 1652 HOH HOH A . 
C 3 HOH 83  2083 1699 HOH HOH A . 
C 3 HOH 84  2084 1611 HOH HOH A . 
C 3 HOH 85  2085 1680 HOH HOH A . 
C 3 HOH 86  2086 1674 HOH HOH A . 
C 3 HOH 87  2087 1731 HOH HOH A . 
C 3 HOH 88  2088 1697 HOH HOH A . 
C 3 HOH 89  2089 1687 HOH HOH A . 
C 3 HOH 90  2090 1685 HOH HOH A . 
C 3 HOH 91  2091 1686 HOH HOH A . 
C 3 HOH 92  2092 1701 HOH HOH A . 
C 3 HOH 93  2093 1688 HOH HOH A . 
C 3 HOH 94  2094 1661 HOH HOH A . 
C 3 HOH 95  2095 1690 HOH HOH A . 
C 3 HOH 96  2096 1675 HOH HOH A . 
C 3 HOH 97  2097 1637 HOH HOH A . 
C 3 HOH 98  2098 1704 HOH HOH A . 
C 3 HOH 99  2099 19   HOH HOH A . 
C 3 HOH 100 2100 1601 HOH HOH A . 
C 3 HOH 101 2101 26   HOH HOH A . 
C 3 HOH 102 2102 1651 HOH HOH A . 
C 3 HOH 103 2103 23   HOH HOH A . 
C 3 HOH 104 2104 1696 HOH HOH A . 
C 3 HOH 105 2105 1711 HOH HOH A . 
C 3 HOH 106 2106 1681 HOH HOH A . 
C 3 HOH 107 2107 7    HOH HOH A . 
C 3 HOH 108 2108 1721 HOH HOH A . 
C 3 HOH 109 2109 1683 HOH HOH A . 
C 3 HOH 110 2110 1741 HOH HOH A . 
C 3 HOH 111 2111 1725 HOH HOH A . 
C 3 HOH 112 2112 1738 HOH HOH A . 
C 3 HOH 113 2113 1669 HOH HOH A . 
C 3 HOH 114 2114 1720 HOH HOH A . 
C 3 HOH 115 2115 1619 HOH HOH A . 
C 3 HOH 116 2116 13   HOH HOH A . 
C 3 HOH 117 2117 1714 HOH HOH A . 
C 3 HOH 118 2118 1718 HOH HOH A . 
C 3 HOH 119 2119 31   HOH HOH A . 
C 3 HOH 120 2120 1719 HOH HOH A . 
C 3 HOH 121 2121 11   HOH HOH A . 
C 3 HOH 122 2122 1663 HOH HOH A . 
C 3 HOH 123 2123 1647 HOH HOH A . 
C 3 HOH 124 2124 1728 HOH HOH A . 
C 3 HOH 125 2125 1722 HOH HOH A . 
C 3 HOH 126 2126 1724 HOH HOH A . 
C 3 HOH 127 2127 1747 HOH HOH A . 
C 3 HOH 128 2128 1713 HOH HOH A . 
C 3 HOH 129 2129 1695 HOH HOH A . 
C 3 HOH 130 2130 1627 HOH HOH A . 
C 3 HOH 131 2131 1729 HOH HOH A . 
C 3 HOH 132 2132 1715 HOH HOH A . 
C 3 HOH 133 2133 1640 HOH HOH A . 
C 3 HOH 134 2134 1709 HOH HOH A . 
C 3 HOH 135 2135 1737 HOH HOH A . 
C 3 HOH 136 2136 1726 HOH HOH A . 
C 3 HOH 137 2137 1801 HOH HOH A . 
C 3 HOH 138 2138 1667 HOH HOH A . 
C 3 HOH 139 2139 1702 HOH HOH A . 
C 3 HOH 140 2140 1744 HOH HOH A . 
C 3 HOH 141 2141 20   HOH HOH A . 
C 3 HOH 142 2142 1727 HOH HOH A . 
C 3 HOH 143 2143 1710 HOH HOH A . 
C 3 HOH 144 2144 1736 HOH HOH A . 
C 3 HOH 145 2145 1735 HOH HOH A . 
C 3 HOH 146 2146 1796 HOH HOH A . 
C 3 HOH 147 2147 1703 HOH HOH A . 
C 3 HOH 148 2148 1746 HOH HOH A . 
C 3 HOH 149 2149 5    HOH HOH A . 
C 3 HOH 150 2150 1638 HOH HOH A . 
C 3 HOH 151 2151 1656 HOH HOH A . 
C 3 HOH 152 2152 1635 HOH HOH A . 
C 3 HOH 153 2153 1763 HOH HOH A . 
C 3 HOH 154 2154 1752 HOH HOH A . 
C 3 HOH 155 2155 1756 HOH HOH A . 
C 3 HOH 156 2156 8    HOH HOH A . 
C 3 HOH 157 2157 1751 HOH HOH A . 
C 3 HOH 158 2158 17   HOH HOH A . 
C 3 HOH 159 2159 1    HOH HOH A . 
C 3 HOH 160 2160 1753 HOH HOH A . 
C 3 HOH 161 2161 1755 HOH HOH A . 
C 3 HOH 162 2162 1754 HOH HOH A . 
C 3 HOH 163 2163 1769 HOH HOH A . 
C 3 HOH 164 2164 1795 HOH HOH A . 
C 3 HOH 165 2165 1766 HOH HOH A . 
C 3 HOH 166 2166 1768 HOH HOH A . 
C 3 HOH 167 2167 1777 HOH HOH A . 
C 3 HOH 168 2168 1742 HOH HOH A . 
C 3 HOH 169 2169 1758 HOH HOH A . 
C 3 HOH 170 2170 1748 HOH HOH A . 
C 3 HOH 171 2171 6    HOH HOH A . 
C 3 HOH 172 2172 1762 HOH HOH A . 
C 3 HOH 173 2173 1743 HOH HOH A . 
C 3 HOH 174 2174 1764 HOH HOH A . 
C 3 HOH 175 2175 1794 HOH HOH A . 
C 3 HOH 176 2176 1773 HOH HOH A . 
C 3 HOH 177 2177 1765 HOH HOH A . 
C 3 HOH 178 2178 1779 HOH HOH A . 
C 3 HOH 179 2179 1784 HOH HOH A . 
C 3 HOH 180 2180 27   HOH HOH A . 
C 3 HOH 181 2181 1778 HOH HOH A . 
C 3 HOH 182 2182 1782 HOH HOH A . 
C 3 HOH 183 2183 1760 HOH HOH A . 
C 3 HOH 184 2184 1781 HOH HOH A . 
C 3 HOH 185 2185 1774 HOH HOH A . 
C 3 HOH 186 2186 1775 HOH HOH A . 
C 3 HOH 187 2187 21   HOH HOH A . 
C 3 HOH 188 2188 1783 HOH HOH A . 
C 3 HOH 189 2189 1780 HOH HOH A . 
C 3 HOH 190 2190 1789 HOH HOH A . 
C 3 HOH 191 2191 16   HOH HOH A . 
C 3 HOH 192 2192 1787 HOH HOH A . 
C 3 HOH 193 2193 1791 HOH HOH A . 
C 3 HOH 194 2194 15   HOH HOH A . 
C 3 HOH 195 2195 1770 HOH HOH A . 
C 3 HOH 196 2196 1790 HOH HOH A . 
C 3 HOH 197 2197 1786 HOH HOH A . 
C 3 HOH 198 2198 1792 HOH HOH A . 
C 3 HOH 199 2199 1793 HOH HOH A . 
C 3 HOH 200 2200 28   HOH HOH A . 
C 3 HOH 201 2201 1798 HOH HOH A . 
C 3 HOH 202 2202 1797 HOH HOH A . 
C 3 HOH 203 2203 1799 HOH HOH A . 
C 3 HOH 204 2204 1788 HOH HOH A . 
C 3 HOH 205 2205 1800 HOH HOH A . 
# 
loop_
_pdbx_unobs_or_zero_occ_atoms.id 
_pdbx_unobs_or_zero_occ_atoms.PDB_model_num 
_pdbx_unobs_or_zero_occ_atoms.polymer_flag 
_pdbx_unobs_or_zero_occ_atoms.occupancy_flag 
_pdbx_unobs_or_zero_occ_atoms.auth_asym_id 
_pdbx_unobs_or_zero_occ_atoms.auth_comp_id 
_pdbx_unobs_or_zero_occ_atoms.auth_seq_id 
_pdbx_unobs_or_zero_occ_atoms.PDB_ins_code 
_pdbx_unobs_or_zero_occ_atoms.auth_atom_id 
_pdbx_unobs_or_zero_occ_atoms.label_alt_id 
_pdbx_unobs_or_zero_occ_atoms.label_asym_id 
_pdbx_unobs_or_zero_occ_atoms.label_comp_id 
_pdbx_unobs_or_zero_occ_atoms.label_seq_id 
_pdbx_unobs_or_zero_occ_atoms.label_atom_id 
1 1 Y 1 A GLN 1334 ? CD  ? A GLN 43 CD  
2 1 Y 1 A GLN 1334 ? OE1 ? A GLN 43 OE1 
3 1 Y 1 A GLN 1334 ? NE2 ? A GLN 43 NE2 
# 
loop_
_software.pdbx_ordinal 
_software.name 
_software.version 
_software.date 
_software.type 
_software.contact_author 
_software.contact_author_email 
_software.classification 
_software.location 
_software.language 
_software.citation_id 
1 REFMAC      5.8.0267 ?               program 'Garib N. Murshudov' garib@ysbl.york.ac.uk    refinement        
http://www.ccp4.ac.uk/dist/html/refmac5.html        Fortran_77 ? 
2 Aimless     0.7.7    23/04/21        program 'Phil Evans'         ?                        'data scaling'    
http://www.mrc-lmb.cam.ac.uk/harry/pre/aimless.html ?          ? 
3 PDB_EXTRACT 3.23     'SEP. 23, 2016' package PDB                  deposit@deposit.rcsb.org 'data extraction' 
http://sw-tools.pdb.org/apps/PDB_EXTRACT/           C++        ? 
4 XDS         .        ?               program ?                    ?                        'data reduction'  ? ?          ? 
5 REFMAC      .        ?               program ?                    ?                        phasing           ? ?          ? 
# 
_cell.entry_id           7FVK 
_cell.length_a           81.942 
_cell.length_b           27.432 
_cell.length_c           56.396 
_cell.angle_alpha        90.000 
_cell.angle_beta         99.950 
_cell.angle_gamma        90.000 
_cell.Z_PDB              4 
_cell.pdbx_unique_axis   ? 
# 
_symmetry.entry_id                         7FVK 
_symmetry.space_group_name_H-M             'C 1 2 1' 
_symmetry.pdbx_full_space_group_name_H-M   ? 
_symmetry.cell_setting                     ? 
_symmetry.Int_Tables_number                5 
# 
_exptl.crystals_number   1 
_exptl.entry_id          7FVK 
_exptl.method            'X-RAY DIFFRACTION' 
# 
_exptl_crystal.id                    1 
_exptl_crystal.pdbx_mosaicity        0.000 
_exptl_crystal.pdbx_mosaicity_esd    ? 
_exptl_crystal.density_Matthews      1.77 
_exptl_crystal.density_diffrn        ? 
_exptl_crystal.density_meas          ? 
_exptl_crystal.density_meas_temp     ? 
_exptl_crystal.density_percent_sol   30.54 
_exptl_crystal.size_max              ? 
_exptl_crystal.size_mid              ? 
_exptl_crystal.size_min              ? 
_exptl_crystal.size_rad              ? 
_exptl_crystal.description           ? 
# 
_exptl_crystal_grow.crystal_id      1 
_exptl_crystal_grow.method          'VAPOR DIFFUSION, SITTING DROP' 
_exptl_crystal_grow.pH              5.6 
_exptl_crystal_grow.temp            277 
_exptl_crystal_grow.pdbx_details    '20% PEG 8000, 0.04M potassium phosphate' 
_exptl_crystal_grow.temp_details    ? 
_exptl_crystal_grow.pdbx_pH_range   ? 
# 
_diffrn.id                     1 
_diffrn.ambient_temp           100 
_diffrn.crystal_id             1 
_diffrn.ambient_temp_details   ? 
# 
_diffrn_detector.detector               PIXEL 
_diffrn_detector.type                   'DECTRIS PILATUS 6M' 
_diffrn_detector.pdbx_collection_date   2022-09-24 
_diffrn_detector.diffrn_id              1 
_diffrn_detector.details                ? 
# 
_diffrn_radiation.diffrn_id                        1 
_diffrn_radiation.wavelength_id                    1 
_diffrn_radiation.pdbx_diffrn_protocol             'SINGLE WAVELENGTH' 
_diffrn_radiation.pdbx_monochromatic_or_laue_m_l   ? 
_diffrn_radiation.monochromator                    ? 
_diffrn_radiation.pdbx_scattering_type             x-ray 
# 
_diffrn_radiation_wavelength.id           1 
_diffrn_radiation_wavelength.wavelength   0.92124 
_diffrn_radiation_wavelength.wt           1.0 
# 
_diffrn_source.diffrn_id                   1 
_diffrn_source.source                      SYNCHROTRON 
_diffrn_source.type                        'DIAMOND BEAMLINE I04-1' 
_diffrn_source.pdbx_wavelength_list        0.92124 
_diffrn_source.pdbx_synchrotron_site       Diamond 
_diffrn_source.pdbx_synchrotron_beamline   I04-1 
_diffrn_source.pdbx_wavelength             ? 
# 
_reflns.entry_id                     7FVK 
_reflns.pdbx_diffrn_id               1 
_reflns.pdbx_ordinal                 1 
_reflns.observed_criterion_sigma_I   ? 
_reflns.observed_criterion_sigma_F   ? 
_reflns.d_resolution_low             55.560 
_reflns.d_resolution_high            1.150 
_reflns.number_obs                   33445 
_reflns.number_all                   ? 
_reflns.percent_possible_obs         75.700 
_reflns.pdbx_Rmerge_I_obs            0.056 
_reflns.pdbx_Rsym_value              ? 
_reflns.pdbx_netI_over_sigmaI        18.700 
_reflns.B_iso_Wilson_estimate        ? 
_reflns.pdbx_redundancy              5.200 
_reflns.pdbx_Rrim_I_all              0.061 
_reflns.pdbx_Rpim_I_all              0.025 
_reflns.pdbx_CC_half                 0.964 
_reflns.pdbx_netI_over_av_sigmaI     ? 
_reflns.pdbx_number_measured_all     175065 
_reflns.pdbx_scaling_rejects         0 
_reflns.pdbx_chi_squared             ? 
_reflns.Rmerge_F_all                 ? 
_reflns.Rmerge_F_obs                 ? 
_reflns.observed_criterion_F_max     ? 
_reflns.observed_criterion_F_min     ? 
_reflns.observed_criterion_I_max     ? 
_reflns.observed_criterion_I_min     ? 
_reflns.pdbx_d_res_high_opt          ? 
_reflns.pdbx_d_res_low_opt           ? 
_reflns.details                      ? 
# 
loop_
_reflns_shell.pdbx_diffrn_id 
_reflns_shell.pdbx_ordinal 
_reflns_shell.d_res_high 
_reflns_shell.d_res_low 
_reflns_shell.number_measured_obs 
_reflns_shell.number_measured_all 
_reflns_shell.number_unique_obs 
_reflns_shell.pdbx_rejects 
_reflns_shell.Rmerge_I_obs 
_reflns_shell.meanI_over_sigI_obs 
_reflns_shell.pdbx_Rsym_value 
_reflns_shell.pdbx_chi_squared 
_reflns_shell.pdbx_redundancy 
_reflns_shell.percent_possible_obs 
_reflns_shell.pdbx_netI_over_sigmaI_obs 
_reflns_shell.number_possible 
_reflns_shell.number_unique_all 
_reflns_shell.Rmerge_F_all 
_reflns_shell.Rmerge_F_obs 
_reflns_shell.Rmerge_I_all 
_reflns_shell.meanI_over_sigI_all 
_reflns_shell.percent_possible_all 
_reflns_shell.pdbx_Rrim_I_all 
_reflns_shell.pdbx_Rpim_I_all 
_reflns_shell.pdbx_CC_half 
1 1 1.150 1.170  ? 147  ? ? 0.158 ? ? ? 1.000 ? 1.000  ? 144 ? ? ? ? 6.500  0.223 0.158 ?     
1 2 6.200 55.560 ? 1899 ? ? 0.102 ? ? ? 5.900 ? 33.700 ? 323 ? ? ? ? 99.800 0.113 0.047 0.972 
# 
_refine.entry_id                                 7FVK 
_refine.pdbx_refine_id                           'X-RAY DIFFRACTION' 
_refine.ls_d_res_high                            1.1500 
_refine.ls_d_res_low                             55.5500 
_refine.pdbx_ls_sigma_F                          0.000 
_refine.pdbx_data_cutoff_high_absF               ? 
_refine.pdbx_data_cutoff_low_absF                ? 
_refine.ls_percent_reflns_obs                    75.4600 
_refine.ls_number_reflns_obs                     31774 
_refine.ls_number_reflns_all                     ? 
_refine.pdbx_ls_cross_valid_method               THROUGHOUT 
_refine.ls_matrix_type                           ? 
_refine.pdbx_R_Free_selection_details            RANDOM 
_refine.details                                  
'HYDROGENS HAVE BEEN ADDED IN THE RIDING POSITIONS U VALUES      : REFINED INDIVIDUALLY' 
_refine.ls_R_factor_all                          ? 
_refine.ls_R_factor_obs                          0.1744 
_refine.ls_R_factor_R_work                       0.1731 
_refine.ls_wR_factor_R_work                      ? 
_refine.ls_R_factor_R_free                       0.1987 
_refine.ls_wR_factor_R_free                      ? 
_refine.ls_percent_reflns_R_free                 5.0000 
_refine.ls_number_reflns_R_free                  1670 
_refine.ls_number_reflns_R_work                  ? 
_refine.ls_R_factor_R_free_error                 ? 
_refine.B_iso_mean                               17.4100 
_refine.solvent_model_param_bsol                 ? 
_refine.solvent_model_param_ksol                 ? 
_refine.pdbx_isotropic_thermal_model             ? 
_refine.aniso_B[1][1]                            -0.0200 
_refine.aniso_B[2][2]                            0.9500 
_refine.aniso_B[3][3]                            -0.9600 
_refine.aniso_B[1][2]                            0.0000 
_refine.aniso_B[1][3]                            0.2700 
_refine.aniso_B[2][3]                            0.0000 
_refine.correlation_coeff_Fo_to_Fc               0.9560 
_refine.correlation_coeff_Fo_to_Fc_free          0.9520 
_refine.overall_SU_R_Cruickshank_DPI             ? 
_refine.pdbx_overall_SU_R_free_Cruickshank_DPI   ? 
_refine.pdbx_overall_SU_R_Blow_DPI               ? 
_refine.pdbx_overall_SU_R_free_Blow_DPI          ? 
_refine.overall_SU_R_free                        ? 
_refine.pdbx_overall_ESU_R                       0.0880 
_refine.pdbx_overall_ESU_R_Free                  0.0790 
_refine.overall_SU_ML                            0.0580 
_refine.overall_SU_B                             1.2920 
_refine.solvent_model_details                    MASK 
_refine.pdbx_solvent_vdw_probe_radii             1.2000 
_refine.pdbx_solvent_ion_probe_radii             0.8000 
_refine.pdbx_solvent_shrinkage_radii             0.8000 
_refine.ls_number_parameters                     ? 
_refine.ls_number_restraints                     ? 
_refine.pdbx_starting_model                      7av9 
_refine.pdbx_method_to_determine_struct          'FOURIER SYNTHESIS' 
_refine.pdbx_stereochemistry_target_values       'MAXIMUM LIKELIHOOD' 
_refine.pdbx_stereochem_target_val_spec_case     ? 
_refine.overall_FOM_work_R_set                   ? 
_refine.B_iso_max                                79.200 
_refine.B_iso_min                                9.760 
_refine.pdbx_overall_phase_error                 ? 
_refine.occupancy_max                            ? 
_refine.occupancy_min                            ? 
_refine.pdbx_diffrn_id                           1 
_refine.pdbx_TLS_residual_ADP_flag               ? 
_refine.pdbx_ls_sigma_I                          ? 
_refine.pdbx_data_cutoff_high_rms_absF           ? 
_refine.ls_R_factor_R_free_error_details         ? 
# 
_refine_hist.cycle_id                         final 
_refine_hist.pdbx_refine_id                   'X-RAY DIFFRACTION' 
_refine_hist.d_res_high                       1.1500 
_refine_hist.d_res_low                        55.5500 
_refine_hist.pdbx_number_atoms_ligand         25 
_refine_hist.number_atoms_solvent             205 
_refine_hist.number_atoms_total               1233 
_refine_hist.pdbx_number_residues_total       121 
_refine_hist.pdbx_B_iso_mean_ligand           34.51 
_refine_hist.pdbx_B_iso_mean_solvent          28.13 
_refine_hist.pdbx_number_atoms_protein        1003 
_refine_hist.pdbx_number_atoms_nucleic_acid   0 
# 
loop_
_refine_ls_restr.pdbx_refine_id 
_refine_ls_restr.type 
_refine_ls_restr.number 
_refine_ls_restr.dev_ideal 
_refine_ls_restr.dev_ideal_target 
_refine_ls_restr.weight 
_refine_ls_restr.pdbx_restraint_function 
'X-RAY DIFFRACTION' r_bond_refined_d       4008 0.008  0.015  ? ? 
'X-RAY DIFFRACTION' r_bond_other_d         2609 0.001  0.014  ? ? 
'X-RAY DIFFRACTION' r_angle_refined_deg    3903 1.624  1.664  ? ? 
'X-RAY DIFFRACTION' r_angle_other_deg      6087 1.449  1.587  ? ? 
'X-RAY DIFFRACTION' r_dihedral_angle_1_deg 363  6.169  5.000  ? ? 
'X-RAY DIFFRACTION' r_dihedral_angle_2_deg 171  24.011 20.994 ? ? 
'X-RAY DIFFRACTION' r_dihedral_angle_3_deg 515  13.886 15.000 ? ? 
'X-RAY DIFFRACTION' r_dihedral_angle_4_deg 27   11.086 15.000 ? ? 
'X-RAY DIFFRACTION' r_chiral_restr         350  0.085  0.200  ? ? 
'X-RAY DIFFRACTION' r_gen_planes_refined   3386 0.008  0.020  ? ? 
'X-RAY DIFFRACTION' r_gen_planes_other     686  0.002  0.020  ? ? 
'X-RAY DIFFRACTION' r_mcbond_it            1894 0.967  1.625  ? ? 
'X-RAY DIFFRACTION' r_mcbond_other         1829 0.984  1.582  ? ? 
'X-RAY DIFFRACTION' r_mcangle_it           1733 1.879  2.339  ? ? 
# 
_refine_ls_shell.d_res_high                       1.1500 
_refine_ls_shell.d_res_low                        1.1800 
_refine_ls_shell.pdbx_total_number_of_bins_used   20 
_refine_ls_shell.percent_reflns_obs               7.9700 
_refine_ls_shell.number_reflns_R_work             242 
_refine_ls_shell.R_factor_all                     ? 
_refine_ls_shell.R_factor_R_work                  0.3460 
_refine_ls_shell.R_factor_R_free                  0.2890 
_refine_ls_shell.percent_reflns_R_free            ? 
_refine_ls_shell.number_reflns_R_free             17 
_refine_ls_shell.R_factor_R_free_error            ? 
_refine_ls_shell.number_reflns_all                259 
_refine_ls_shell.number_reflns_obs                ? 
_refine_ls_shell.pdbx_refine_id                   'X-RAY DIFFRACTION' 
# 
_struct.entry_id                  7FVK 
_struct.title                     'PanDDA analysis group deposition -- PHIP in complex with Z409964562' 
_struct.pdbx_model_details        ? 
_struct.pdbx_CASP_flag            ? 
_struct.pdbx_model_type_details   ? 
# 
_struct_keywords.entry_id        7FVK 
_struct_keywords.text            
'False negatives, ligand features, rescreening, catalogue, fragment follow-ups, automated chemistry, SIGNALING PROTEIN' 
_struct_keywords.pdbx_keywords   'SIGNALING PROTEIN' 
# 
loop_
_struct_asym.id 
_struct_asym.pdbx_blank_PDB_chainid_flag 
_struct_asym.pdbx_modified 
_struct_asym.entity_id 
_struct_asym.details 
A N N 1 ? 
B N N 2 ? 
C N N 3 ? 
# 
_struct_ref.id                         1 
_struct_ref.db_name                    UNP 
_struct_ref.db_code                    PHIP_HUMAN 
_struct_ref.pdbx_db_accession          Q8WWQ0 
_struct_ref.pdbx_db_isoform            ? 
_struct_ref.entity_id                  1 
_struct_ref.pdbx_seq_one_letter_code   
;SYDIQAWKKQCEELLNLIFQCEDSEPFRQPVDLLEYPDYRDIIDTPMDFATVRETLEAGNYESPMELCKDVRLIFSNSKA
YTPSKRSRIYSMSLRLSAFFEEHISSVLSDYKSALRFHKRNTITKR
;
_struct_ref.pdbx_align_begin           1315 
# 
_struct_ref_seq.align_id                      1 
_struct_ref_seq.ref_id                        1 
_struct_ref_seq.pdbx_PDB_id_code              7FVK 
_struct_ref_seq.pdbx_strand_id                A 
_struct_ref_seq.seq_align_beg                 24 
_struct_ref_seq.pdbx_seq_align_beg_ins_code   ? 
_struct_ref_seq.seq_align_end                 149 
_struct_ref_seq.pdbx_seq_align_end_ins_code   ? 
_struct_ref_seq.pdbx_db_accession             Q8WWQ0 
_struct_ref_seq.db_align_beg                  1315 
_struct_ref_seq.pdbx_db_align_beg_ins_code    ? 
_struct_ref_seq.db_align_end                  1440 
_struct_ref_seq.pdbx_db_align_end_ins_code    ? 
_struct_ref_seq.pdbx_auth_seq_align_beg       1315 
_struct_ref_seq.pdbx_auth_seq_align_end       1440 
# 
loop_
_struct_ref_seq_dif.align_id 
_struct_ref_seq_dif.pdbx_pdb_id_code 
_struct_ref_seq_dif.mon_id 
_struct_ref_seq_dif.pdbx_pdb_strand_id 
_struct_ref_seq_dif.seq_num 
_struct_ref_seq_dif.pdbx_pdb_ins_code 
_struct_ref_seq_dif.pdbx_seq_db_name 
_struct_ref_seq_dif.pdbx_seq_db_accession_code 
_struct_ref_seq_dif.db_mon_id 
_struct_ref_seq_dif.pdbx_seq_db_seq_num 
_struct_ref_seq_dif.details 
_struct_ref_seq_dif.pdbx_auth_seq_num 
_struct_ref_seq_dif.pdbx_ordinal 
1 7FVK MET A 1  ? UNP Q8WWQ0 ? ? 'initiating methionine' 1292 1  
1 7FVK HIS A 2  ? UNP Q8WWQ0 ? ? 'expression tag'        1293 2  
1 7FVK HIS A 3  ? UNP Q8WWQ0 ? ? 'expression tag'        1294 3  
1 7FVK HIS A 4  ? UNP Q8WWQ0 ? ? 'expression tag'        1295 4  
1 7FVK HIS A 5  ? UNP Q8WWQ0 ? ? 'expression tag'        1296 5  
1 7FVK HIS A 6  ? UNP Q8WWQ0 ? ? 'expression tag'        1297 6  
1 7FVK HIS A 7  ? UNP Q8WWQ0 ? ? 'expression tag'        1298 7  
1 7FVK SER A 8  ? UNP Q8WWQ0 ? ? 'expression tag'        1299 8  
1 7FVK SER A 9  ? UNP Q8WWQ0 ? ? 'expression tag'        1300 9  
1 7FVK GLY A 10 ? UNP Q8WWQ0 ? ? 'expression tag'        1301 10 
1 7FVK VAL A 11 ? UNP Q8WWQ0 ? ? 'expression tag'        1302 11 
1 7FVK ASP A 12 ? UNP Q8WWQ0 ? ? 'expression tag'        1303 12 
1 7FVK LEU A 13 ? UNP Q8WWQ0 ? ? 'expression tag'        1304 13 
1 7FVK GLY A 14 ? UNP Q8WWQ0 ? ? 'expression tag'        1305 14 
1 7FVK THR A 15 ? UNP Q8WWQ0 ? ? 'expression tag'        1306 15 
1 7FVK GLU A 16 ? UNP Q8WWQ0 ? ? 'expression tag'        1307 16 
1 7FVK ASN A 17 ? UNP Q8WWQ0 ? ? 'expression tag'        1308 17 
1 7FVK LEU A 18 ? UNP Q8WWQ0 ? ? 'expression tag'        1309 18 
1 7FVK TYR A 19 ? UNP Q8WWQ0 ? ? 'expression tag'        1310 19 
1 7FVK PHE A 20 ? UNP Q8WWQ0 ? ? 'expression tag'        1311 20 
1 7FVK GLN A 21 ? UNP Q8WWQ0 ? ? 'expression tag'        1312 21 
1 7FVK SER A 22 ? UNP Q8WWQ0 ? ? 'expression tag'        1313 22 
1 7FVK MET A 23 ? UNP Q8WWQ0 ? ? 'expression tag'        1314 23 
# 
_pdbx_struct_assembly.id                   1 
_pdbx_struct_assembly.details              author_and_software_defined_assembly 
_pdbx_struct_assembly.method_details       PISA 
_pdbx_struct_assembly.oligomeric_details   monomeric 
_pdbx_struct_assembly.oligomeric_count     1 
# 
_pdbx_struct_assembly_gen.assembly_id       1 
_pdbx_struct_assembly_gen.oper_expression   1 
_pdbx_struct_assembly_gen.asym_id_list      A,B,C 
# 
_pdbx_struct_oper_list.id                   1 
_pdbx_struct_oper_list.type                 'identity operation' 
_pdbx_struct_oper_list.name                 1_555 
_pdbx_struct_oper_list.symmetry_operation   x,y,z 
_pdbx_struct_oper_list.matrix[1][1]         1.0000000000 
_pdbx_struct_oper_list.matrix[1][2]         0.0000000000 
_pdbx_struct_oper_list.matrix[1][3]         0.0000000000 
_pdbx_struct_oper_list.vector[1]            0.0000000000 
_pdbx_struct_oper_list.matrix[2][1]         0.0000000000 
_pdbx_struct_oper_list.matrix[2][2]         1.0000000000 
_pdbx_struct_oper_list.matrix[2][3]         0.0000000000 
_pdbx_struct_oper_list.vector[2]            0.0000000000 
_pdbx_struct_oper_list.matrix[3][1]         0.0000000000 
_pdbx_struct_oper_list.matrix[3][2]         0.0000000000 
_pdbx_struct_oper_list.matrix[3][3]         1.0000000000 
_pdbx_struct_oper_list.vector[3]            0.0000000000 
# 
loop_
_struct_conf.conf_type_id 
_struct_conf.id 
_struct_conf.pdbx_PDB_helix_id 
_struct_conf.beg_label_comp_id 
_struct_conf.beg_label_asym_id 
_struct_conf.beg_label_seq_id 
_struct_conf.pdbx_beg_PDB_ins_code 
_struct_conf.end_label_comp_id 
_struct_conf.end_label_asym_id 
_struct_conf.end_label_seq_id 
_struct_conf.pdbx_end_PDB_ins_code 
_struct_conf.beg_auth_comp_id 
_struct_conf.beg_auth_asym_id 
_struct_conf.beg_auth_seq_id 
_struct_conf.end_auth_comp_id 
_struct_conf.end_auth_asym_id 
_struct_conf.end_auth_seq_id 
_struct_conf.pdbx_PDB_helix_class 
_struct_conf.details 
_struct_conf.pdbx_PDB_helix_length 
HELX_P HELX_P1 AA1 ALA A 29  ? CYS A 44  ? ALA A 1320 CYS A 1335 1 ? 16 
HELX_P HELX_P2 AA2 GLU A 45  ? ARG A 51  ? GLU A 1336 ARG A 1342 5 ? 7  
HELX_P HELX_P3 AA3 ASP A 61  ? ILE A 66  ? ASP A 1352 ILE A 1357 1 ? 6  
HELX_P HELX_P4 AA4 ASP A 71  ? ALA A 81  ? ASP A 1362 ALA A 1372 1 ? 11 
HELX_P HELX_P5 AA5 SER A 86  ? THR A 105 ? SER A 1377 THR A 1396 1 ? 20 
HELX_P HELX_P6 AA6 SER A 110 ? LYS A 142 ? SER A 1401 LYS A 1433 1 ? 33 
# 
_struct_conf_type.id          HELX_P 
_struct_conf_type.criteria    ? 
_struct_conf_type.reference   ? 
# 
loop_
_pdbx_validate_close_contact.id 
_pdbx_validate_close_contact.PDB_model_num 
_pdbx_validate_close_contact.auth_atom_id_1 
_pdbx_validate_close_contact.auth_asym_id_1 
_pdbx_validate_close_contact.auth_comp_id_1 
_pdbx_validate_close_contact.auth_seq_id_1 
_pdbx_validate_close_contact.PDB_ins_code_1 
_pdbx_validate_close_contact.label_alt_id_1 
_pdbx_validate_close_contact.auth_atom_id_2 
_pdbx_validate_close_contact.auth_asym_id_2 
_pdbx_validate_close_contact.auth_comp_id_2 
_pdbx_validate_close_contact.auth_seq_id_2 
_pdbx_validate_close_contact.PDB_ins_code_2 
_pdbx_validate_close_contact.label_alt_id_2 
_pdbx_validate_close_contact.dist 
1 1 O  A HOH 2080 ? ? O A HOH 2112 ? ? 2.03 
2 1 O  A HOH 2022 ? ? O A HOH 2151 ? ? 2.06 
3 1 CD A ARG 1386 ? ? O A HOH 2101 ? ? 2.16 
# 
loop_
_pdbx_struct_special_symmetry.id 
_pdbx_struct_special_symmetry.PDB_model_num 
_pdbx_struct_special_symmetry.auth_asym_id 
_pdbx_struct_special_symmetry.auth_comp_id 
_pdbx_struct_special_symmetry.auth_seq_id 
_pdbx_struct_special_symmetry.PDB_ins_code 
_pdbx_struct_special_symmetry.label_asym_id 
_pdbx_struct_special_symmetry.label_comp_id 
_pdbx_struct_special_symmetry.label_seq_id 
1 1 A HOH 2145 ? C HOH . 
2 1 A HOH 2196 ? C HOH . 
# 
_phasing.method   MR 
# 
_pdbx_entry_details.entry_id                 7FVK 
_pdbx_entry_details.compound_details         ? 
_pdbx_entry_details.source_details           ? 
_pdbx_entry_details.nonpolymer_details       ? 
_pdbx_entry_details.sequence_details         ? 
_pdbx_entry_details.has_ligand_of_interest   Y 
# 
loop_
_pdbx_unobs_or_zero_occ_residues.id 
_pdbx_unobs_or_zero_occ_residues.PDB_model_num 
_pdbx_unobs_or_zero_occ_residues.polymer_flag 
_pdbx_unobs_or_zero_occ_residues.occupancy_flag 
_pdbx_unobs_or_zero_occ_residues.auth_asym_id 
_pdbx_unobs_or_zero_occ_residues.auth_comp_id 
_pdbx_unobs_or_zero_occ_residues.auth_seq_id 
_pdbx_unobs_or_zero_occ_residues.PDB_ins_code 
_pdbx_unobs_or_zero_occ_residues.label_asym_id 
_pdbx_unobs_or_zero_occ_residues.label_comp_id 
_pdbx_unobs_or_zero_occ_residues.label_seq_id 
1  1 Y 1 A MET 1292 ? A MET 1   
2  1 Y 1 A HIS 1293 ? A HIS 2   
3  1 Y 1 A HIS 1294 ? A HIS 3   
4  1 Y 1 A HIS 1295 ? A HIS 4   
5  1 Y 1 A HIS 1296 ? A HIS 5   
6  1 Y 1 A HIS 1297 ? A HIS 6   
7  1 Y 1 A HIS 1298 ? A HIS 7   
8  1 Y 1 A SER 1299 ? A SER 8   
9  1 Y 1 A SER 1300 ? A SER 9   
10 1 Y 1 A GLY 1301 ? A GLY 10  
11 1 Y 1 A VAL 1302 ? A VAL 11  
12 1 Y 1 A ASP 1303 ? A ASP 12  
13 1 Y 1 A LEU 1304 ? A LEU 13  
14 1 Y 1 A GLY 1305 ? A GLY 14  
15 1 Y 1 A THR 1306 ? A THR 15  
16 1 Y 1 A GLU 1307 ? A GLU 16  
17 1 Y 1 A ASN 1308 ? A ASN 17  
18 1 Y 1 A LEU 1309 ? A LEU 18  
19 1 Y 1 A TYR 1310 ? A TYR 19  
20 1 Y 1 A PHE 1311 ? A PHE 20  
21 1 Y 1 A GLN 1312 ? A GLN 21  
22 1 Y 1 A SER 1313 ? A SER 22  
23 1 Y 1 A MET 1314 ? A MET 23  
24 1 Y 1 A THR 1436 ? A THR 145 
25 1 Y 1 A ILE 1437 ? A ILE 146 
26 1 Y 1 A THR 1438 ? A THR 147 
27 1 Y 1 A LYS 1439 ? A LYS 148 
28 1 Y 1 A ARG 1440 ? A ARG 149 
# 
loop_
_chem_comp_atom.comp_id 
_chem_comp_atom.atom_id 
_chem_comp_atom.type_symbol 
_chem_comp_atom.pdbx_aromatic_flag 
_chem_comp_atom.pdbx_stereo_config 
_chem_comp_atom.pdbx_ordinal 
ALA N    N N N 1   
ALA CA   C N S 2   
ALA C    C N N 3   
ALA O    O N N 4   
ALA CB   C N N 5   
ALA OXT  O N N 6   
ALA H    H N N 7   
ALA H2   H N N 8   
ALA HA   H N N 9   
ALA HB1  H N N 10  
ALA HB2  H N N 11  
ALA HB3  H N N 12  
ALA HXT  H N N 13  
ARG N    N N N 14  
ARG CA   C N S 15  
ARG C    C N N 16  
ARG O    O N N 17  
ARG CB   C N N 18  
ARG CG   C N N 19  
ARG CD   C N N 20  
ARG NE   N N N 21  
ARG CZ   C N N 22  
ARG NH1  N N N 23  
ARG NH2  N N N 24  
ARG OXT  O N N 25  
ARG H    H N N 26  
ARG H2   H N N 27  
ARG HA   H N N 28  
ARG HB2  H N N 29  
ARG HB3  H N N 30  
ARG HG2  H N N 31  
ARG HG3  H N N 32  
ARG HD2  H N N 33  
ARG HD3  H N N 34  
ARG HE   H N N 35  
ARG HH11 H N N 36  
ARG HH12 H N N 37  
ARG HH21 H N N 38  
ARG HH22 H N N 39  
ARG HXT  H N N 40  
ASN N    N N N 41  
ASN CA   C N S 42  
ASN C    C N N 43  
ASN O    O N N 44  
ASN CB   C N N 45  
ASN CG   C N N 46  
ASN OD1  O N N 47  
ASN ND2  N N N 48  
ASN OXT  O N N 49  
ASN H    H N N 50  
ASN H2   H N N 51  
ASN HA   H N N 52  
ASN HB2  H N N 53  
ASN HB3  H N N 54  
ASN HD21 H N N 55  
ASN HD22 H N N 56  
ASN HXT  H N N 57  
ASP N    N N N 58  
ASP CA   C N S 59  
ASP C    C N N 60  
ASP O    O N N 61  
ASP CB   C N N 62  
ASP CG   C N N 63  
ASP OD1  O N N 64  
ASP OD2  O N N 65  
ASP OXT  O N N 66  
ASP H    H N N 67  
ASP H2   H N N 68  
ASP HA   H N N 69  
ASP HB2  H N N 70  
ASP HB3  H N N 71  
ASP HD2  H N N 72  
ASP HXT  H N N 73  
CYS N    N N N 74  
CYS CA   C N R 75  
CYS C    C N N 76  
CYS O    O N N 77  
CYS CB   C N N 78  
CYS SG   S N N 79  
CYS OXT  O N N 80  
CYS H    H N N 81  
CYS H2   H N N 82  
CYS HA   H N N 83  
CYS HB2  H N N 84  
CYS HB3  H N N 85  
CYS HG   H N N 86  
CYS HXT  H N N 87  
GLN N    N N N 88  
GLN CA   C N S 89  
GLN C    C N N 90  
GLN O    O N N 91  
GLN CB   C N N 92  
GLN CG   C N N 93  
GLN CD   C N N 94  
GLN OE1  O N N 95  
GLN NE2  N N N 96  
GLN OXT  O N N 97  
GLN H    H N N 98  
GLN H2   H N N 99  
GLN HA   H N N 100 
GLN HB2  H N N 101 
GLN HB3  H N N 102 
GLN HG2  H N N 103 
GLN HG3  H N N 104 
GLN HE21 H N N 105 
GLN HE22 H N N 106 
GLN HXT  H N N 107 
GLU N    N N N 108 
GLU CA   C N S 109 
GLU C    C N N 110 
GLU O    O N N 111 
GLU CB   C N N 112 
GLU CG   C N N 113 
GLU CD   C N N 114 
GLU OE1  O N N 115 
GLU OE2  O N N 116 
GLU OXT  O N N 117 
GLU H    H N N 118 
GLU H2   H N N 119 
GLU HA   H N N 120 
GLU HB2  H N N 121 
GLU HB3  H N N 122 
GLU HG2  H N N 123 
GLU HG3  H N N 124 
GLU HE2  H N N 125 
GLU HXT  H N N 126 
GLY N    N N N 127 
GLY CA   C N N 128 
GLY C    C N N 129 
GLY O    O N N 130 
GLY OXT  O N N 131 
GLY H    H N N 132 
GLY H2   H N N 133 
GLY HA2  H N N 134 
GLY HA3  H N N 135 
GLY HXT  H N N 136 
HIS N    N N N 137 
HIS CA   C N S 138 
HIS C    C N N 139 
HIS O    O N N 140 
HIS CB   C N N 141 
HIS CG   C Y N 142 
HIS ND1  N Y N 143 
HIS CD2  C Y N 144 
HIS CE1  C Y N 145 
HIS NE2  N Y N 146 
HIS OXT  O N N 147 
HIS H    H N N 148 
HIS H2   H N N 149 
HIS HA   H N N 150 
HIS HB2  H N N 151 
HIS HB3  H N N 152 
HIS HD1  H N N 153 
HIS HD2  H N N 154 
HIS HE1  H N N 155 
HIS HE2  H N N 156 
HIS HXT  H N N 157 
HOH O    O N N 158 
HOH H1   H N N 159 
HOH H2   H N N 160 
ILE N    N N N 161 
ILE CA   C N S 162 
ILE C    C N N 163 
ILE O    O N N 164 
ILE CB   C N S 165 
ILE CG1  C N N 166 
ILE CG2  C N N 167 
ILE CD1  C N N 168 
ILE OXT  O N N 169 
ILE H    H N N 170 
ILE H2   H N N 171 
ILE HA   H N N 172 
ILE HB   H N N 173 
ILE HG12 H N N 174 
ILE HG13 H N N 175 
ILE HG21 H N N 176 
ILE HG22 H N N 177 
ILE HG23 H N N 178 
ILE HD11 H N N 179 
ILE HD12 H N N 180 
ILE HD13 H N N 181 
ILE HXT  H N N 182 
LEU N    N N N 183 
LEU CA   C N S 184 
LEU C    C N N 185 
LEU O    O N N 186 
LEU CB   C N N 187 
LEU CG   C N N 188 
LEU CD1  C N N 189 
LEU CD2  C N N 190 
LEU OXT  O N N 191 
LEU H    H N N 192 
LEU H2   H N N 193 
LEU HA   H N N 194 
LEU HB2  H N N 195 
LEU HB3  H N N 196 
LEU HG   H N N 197 
LEU HD11 H N N 198 
LEU HD12 H N N 199 
LEU HD13 H N N 200 
LEU HD21 H N N 201 
LEU HD22 H N N 202 
LEU HD23 H N N 203 
LEU HXT  H N N 204 
LYS N    N N N 205 
LYS CA   C N S 206 
LYS C    C N N 207 
LYS O    O N N 208 
LYS CB   C N N 209 
LYS CG   C N N 210 
LYS CD   C N N 211 
LYS CE   C N N 212 
LYS NZ   N N N 213 
LYS OXT  O N N 214 
LYS H    H N N 215 
LYS H2   H N N 216 
LYS HA   H N N 217 
LYS HB2  H N N 218 
LYS HB3  H N N 219 
LYS HG2  H N N 220 
LYS HG3  H N N 221 
LYS HD2  H N N 222 
LYS HD3  H N N 223 
LYS HE2  H N N 224 
LYS HE3  H N N 225 
LYS HZ1  H N N 226 
LYS HZ2  H N N 227 
LYS HZ3  H N N 228 
LYS HXT  H N N 229 
MET N    N N N 230 
MET CA   C N S 231 
MET C    C N N 232 
MET O    O N N 233 
MET CB   C N N 234 
MET CG   C N N 235 
MET SD   S N N 236 
MET CE   C N N 237 
MET OXT  O N N 238 
MET H    H N N 239 
MET H2   H N N 240 
MET HA   H N N 241 
MET HB2  H N N 242 
MET HB3  H N N 243 
MET HG2  H N N 244 
MET HG3  H N N 245 
MET HE1  H N N 246 
MET HE2  H N N 247 
MET HE3  H N N 248 
MET HXT  H N N 249 
PHE N    N N N 250 
PHE CA   C N S 251 
PHE C    C N N 252 
PHE O    O N N 253 
PHE CB   C N N 254 
PHE CG   C Y N 255 
PHE CD1  C Y N 256 
PHE CD2  C Y N 257 
PHE CE1  C Y N 258 
PHE CE2  C Y N 259 
PHE CZ   C Y N 260 
PHE OXT  O N N 261 
PHE H    H N N 262 
PHE H2   H N N 263 
PHE HA   H N N 264 
PHE HB2  H N N 265 
PHE HB3  H N N 266 
PHE HD1  H N N 267 
PHE HD2  H N N 268 
PHE HE1  H N N 269 
PHE HE2  H N N 270 
PHE HZ   H N N 271 
PHE HXT  H N N 272 
PRO N    N N N 273 
PRO CA   C N S 274 
PRO C    C N N 275 
PRO O    O N N 276 
PRO CB   C N N 277 
PRO CG   C N N 278 
PRO CD   C N N 279 
PRO OXT  O N N 280 
PRO H    H N N 281 
PRO HA   H N N 282 
PRO HB2  H N N 283 
PRO HB3  H N N 284 
PRO HG2  H N N 285 
PRO HG3  H N N 286 
PRO HD2  H N N 287 
PRO HD3  H N N 288 
PRO HXT  H N N 289 
SER N    N N N 290 
SER CA   C N S 291 
SER C    C N N 292 
SER O    O N N 293 
SER CB   C N N 294 
SER OG   O N N 295 
SER OXT  O N N 296 
SER H    H N N 297 
SER H2   H N N 298 
SER HA   H N N 299 
SER HB2  H N N 300 
SER HB3  H N N 301 
SER HG   H N N 302 
SER HXT  H N N 303 
THR N    N N N 304 
THR CA   C N S 305 
THR C    C N N 306 
THR O    O N N 307 
THR CB   C N R 308 
THR OG1  O N N 309 
THR CG2  C N N 310 
THR OXT  O N N 311 
THR H    H N N 312 
THR H2   H N N 313 
THR HA   H N N 314 
THR HB   H N N 315 
THR HG1  H N N 316 
THR HG21 H N N 317 
THR HG22 H N N 318 
THR HG23 H N N 319 
THR HXT  H N N 320 
TRP N    N N N 321 
TRP CA   C N S 322 
TRP C    C N N 323 
TRP O    O N N 324 
TRP CB   C N N 325 
TRP CG   C Y N 326 
TRP CD1  C Y N 327 
TRP CD2  C Y N 328 
TRP NE1  N Y N 329 
TRP CE2  C Y N 330 
TRP CE3  C Y N 331 
TRP CZ2  C Y N 332 
TRP CZ3  C Y N 333 
TRP CH2  C Y N 334 
TRP OXT  O N N 335 
TRP H    H N N 336 
TRP H2   H N N 337 
TRP HA   H N N 338 
TRP HB2  H N N 339 
TRP HB3  H N N 340 
TRP HD1  H N N 341 
TRP HE1  H N N 342 
TRP HE3  H N N 343 
TRP HZ2  H N N 344 
TRP HZ3  H N N 345 
TRP HH2  H N N 346 
TRP HXT  H N N 347 
TYR N    N N N 348 
TYR CA   C N S 349 
TYR C    C N N 350 
TYR O    O N N 351 
TYR CB   C N N 352 
TYR CG   C Y N 353 
TYR CD1  C Y N 354 
TYR CD2  C Y N 355 
TYR CE1  C Y N 356 
TYR CE2  C Y N 357 
TYR CZ   C Y N 358 
TYR OH   O N N 359 
TYR OXT  O N N 360 
TYR H    H N N 361 
TYR H2   H N N 362 
TYR HA   H N N 363 
TYR HB2  H N N 364 
TYR HB3  H N N 365 
TYR HD1  H N N 366 
TYR HD2  H N N 367 
TYR HE1  H N N 368 
TYR HE2  H N N 369 
TYR HH   H N N 370 
TYR HXT  H N N 371 
VAL N    N N N 372 
VAL CA   C N S 373 
VAL C    C N N 374 
VAL O    O N N 375 
VAL CB   C N N 376 
VAL CG1  C N N 377 
VAL CG2  C N N 378 
VAL OXT  O N N 379 
VAL H    H N N 380 
VAL H2   H N N 381 
VAL HA   H N N 382 
VAL HB   H N N 383 
VAL HG11 H N N 384 
VAL HG12 H N N 385 
VAL HG13 H N N 386 
VAL HG21 H N N 387 
VAL HG22 H N N 388 
VAL HG23 H N N 389 
VAL HXT  H N N 390 
ZOU N1   N N N 391 
ZOU N3   N N N 392 
ZOU C4   C Y N 393 
ZOU C5   C Y N 394 
ZOU C6   C N N 395 
ZOU C7   C Y N 396 
ZOU C8   C Y N 397 
ZOU C10  C N N 398 
ZOU C13  C N N 399 
ZOU C15  C Y N 400 
ZOU C17  C Y N 401 
ZOU C1   C N N 402 
ZOU C11  C N N 403 
ZOU C12  C N N 404 
ZOU C14  C N N 405 
ZOU C16  C Y N 406 
ZOU C18  C Y N 407 
ZOU C2   C Y N 408 
ZOU C3   C Y N 409 
ZOU C9   C N N 410 
ZOU N2   N N N 411 
ZOU O1   O N N 412 
ZOU O2   O N N 413 
ZOU O3   O N N 414 
ZOU O4   O Y N 415 
ZOU H10  H N N 416 
ZOU H5   H N N 417 
ZOU H8   H N N 418 
ZOU H6   H N N 419 
ZOU H7   H N N 420 
ZOU H9   H N N 421 
ZOU H11  H N N 422 
ZOU H12  H N N 423 
ZOU H18  H N N 424 
ZOU H17  H N N 425 
ZOU H20  H N N 426 
ZOU H1   H N N 427 
ZOU H2   H N N 428 
ZOU H3   H N N 429 
ZOU H14  H N N 430 
ZOU H13  H N N 431 
ZOU H15  H N N 432 
ZOU H16  H N N 433 
ZOU H19  H N N 434 
ZOU H21  H N N 435 
ZOU H4   H N N 436 
# 
loop_
_chem_comp_bond.comp_id 
_chem_comp_bond.atom_id_1 
_chem_comp_bond.atom_id_2 
_chem_comp_bond.value_order 
_chem_comp_bond.pdbx_aromatic_flag 
_chem_comp_bond.pdbx_stereo_config 
_chem_comp_bond.pdbx_ordinal 
ALA N   CA   sing N N 1   
ALA N   H    sing N N 2   
ALA N   H2   sing N N 3   
ALA CA  C    sing N N 4   
ALA CA  CB   sing N N 5   
ALA CA  HA   sing N N 6   
ALA C   O    doub N N 7   
ALA C   OXT  sing N N 8   
ALA CB  HB1  sing N N 9   
ALA CB  HB2  sing N N 10  
ALA CB  HB3  sing N N 11  
ALA OXT HXT  sing N N 12  
ARG N   CA   sing N N 13  
ARG N   H    sing N N 14  
ARG N   H2   sing N N 15  
ARG CA  C    sing N N 16  
ARG CA  CB   sing N N 17  
ARG CA  HA   sing N N 18  
ARG C   O    doub N N 19  
ARG C   OXT  sing N N 20  
ARG CB  CG   sing N N 21  
ARG CB  HB2  sing N N 22  
ARG CB  HB3  sing N N 23  
ARG CG  CD   sing N N 24  
ARG CG  HG2  sing N N 25  
ARG CG  HG3  sing N N 26  
ARG CD  NE   sing N N 27  
ARG CD  HD2  sing N N 28  
ARG CD  HD3  sing N N 29  
ARG NE  CZ   sing N N 30  
ARG NE  HE   sing N N 31  
ARG CZ  NH1  sing N N 32  
ARG CZ  NH2  doub N N 33  
ARG NH1 HH11 sing N N 34  
ARG NH1 HH12 sing N N 35  
ARG NH2 HH21 sing N N 36  
ARG NH2 HH22 sing N N 37  
ARG OXT HXT  sing N N 38  
ASN N   CA   sing N N 39  
ASN N   H    sing N N 40  
ASN N   H2   sing N N 41  
ASN CA  C    sing N N 42  
ASN CA  CB   sing N N 43  
ASN CA  HA   sing N N 44  
ASN C   O    doub N N 45  
ASN C   OXT  sing N N 46  
ASN CB  CG   sing N N 47  
ASN CB  HB2  sing N N 48  
ASN CB  HB3  sing N N 49  
ASN CG  OD1  doub N N 50  
ASN CG  ND2  sing N N 51  
ASN ND2 HD21 sing N N 52  
ASN ND2 HD22 sing N N 53  
ASN OXT HXT  sing N N 54  
ASP N   CA   sing N N 55  
ASP N   H    sing N N 56  
ASP N   H2   sing N N 57  
ASP CA  C    sing N N 58  
ASP CA  CB   sing N N 59  
ASP CA  HA   sing N N 60  
ASP C   O    doub N N 61  
ASP C   OXT  sing N N 62  
ASP CB  CG   sing N N 63  
ASP CB  HB2  sing N N 64  
ASP CB  HB3  sing N N 65  
ASP CG  OD1  doub N N 66  
ASP CG  OD2  sing N N 67  
ASP OD2 HD2  sing N N 68  
ASP OXT HXT  sing N N 69  
CYS N   CA   sing N N 70  
CYS N   H    sing N N 71  
CYS N   H2   sing N N 72  
CYS CA  C    sing N N 73  
CYS CA  CB   sing N N 74  
CYS CA  HA   sing N N 75  
CYS C   O    doub N N 76  
CYS C   OXT  sing N N 77  
CYS CB  SG   sing N N 78  
CYS CB  HB2  sing N N 79  
CYS CB  HB3  sing N N 80  
CYS SG  HG   sing N N 81  
CYS OXT HXT  sing N N 82  
GLN N   CA   sing N N 83  
GLN N   H    sing N N 84  
GLN N   H2   sing N N 85  
GLN CA  C    sing N N 86  
GLN CA  CB   sing N N 87  
GLN CA  HA   sing N N 88  
GLN C   O    doub N N 89  
GLN C   OXT  sing N N 90  
GLN CB  CG   sing N N 91  
GLN CB  HB2  sing N N 92  
GLN CB  HB3  sing N N 93  
GLN CG  CD   sing N N 94  
GLN CG  HG2  sing N N 95  
GLN CG  HG3  sing N N 96  
GLN CD  OE1  doub N N 97  
GLN CD  NE2  sing N N 98  
GLN NE2 HE21 sing N N 99  
GLN NE2 HE22 sing N N 100 
GLN OXT HXT  sing N N 101 
GLU N   CA   sing N N 102 
GLU N   H    sing N N 103 
GLU N   H2   sing N N 104 
GLU CA  C    sing N N 105 
GLU CA  CB   sing N N 106 
GLU CA  HA   sing N N 107 
GLU C   O    doub N N 108 
GLU C   OXT  sing N N 109 
GLU CB  CG   sing N N 110 
GLU CB  HB2  sing N N 111 
GLU CB  HB3  sing N N 112 
GLU CG  CD   sing N N 113 
GLU CG  HG2  sing N N 114 
GLU CG  HG3  sing N N 115 
GLU CD  OE1  doub N N 116 
GLU CD  OE2  sing N N 117 
GLU OE2 HE2  sing N N 118 
GLU OXT HXT  sing N N 119 
GLY N   CA   sing N N 120 
GLY N   H    sing N N 121 
GLY N   H2   sing N N 122 
GLY CA  C    sing N N 123 
GLY CA  HA2  sing N N 124 
GLY CA  HA3  sing N N 125 
GLY C   O    doub N N 126 
GLY C   OXT  sing N N 127 
GLY OXT HXT  sing N N 128 
HIS N   CA   sing N N 129 
HIS N   H    sing N N 130 
HIS N   H2   sing N N 131 
HIS CA  C    sing N N 132 
HIS CA  CB   sing N N 133 
HIS CA  HA   sing N N 134 
HIS C   O    doub N N 135 
HIS C   OXT  sing N N 136 
HIS CB  CG   sing N N 137 
HIS CB  HB2  sing N N 138 
HIS CB  HB3  sing N N 139 
HIS CG  ND1  sing Y N 140 
HIS CG  CD2  doub Y N 141 
HIS ND1 CE1  doub Y N 142 
HIS ND1 HD1  sing N N 143 
HIS CD2 NE2  sing Y N 144 
HIS CD2 HD2  sing N N 145 
HIS CE1 NE2  sing Y N 146 
HIS CE1 HE1  sing N N 147 
HIS NE2 HE2  sing N N 148 
HIS OXT HXT  sing N N 149 
HOH O   H1   sing N N 150 
HOH O   H2   sing N N 151 
ILE N   CA   sing N N 152 
ILE N   H    sing N N 153 
ILE N   H2   sing N N 154 
ILE CA  C    sing N N 155 
ILE CA  CB   sing N N 156 
ILE CA  HA   sing N N 157 
ILE C   O    doub N N 158 
ILE C   OXT  sing N N 159 
ILE CB  CG1  sing N N 160 
ILE CB  CG2  sing N N 161 
ILE CB  HB   sing N N 162 
ILE CG1 CD1  sing N N 163 
ILE CG1 HG12 sing N N 164 
ILE CG1 HG13 sing N N 165 
ILE CG2 HG21 sing N N 166 
ILE CG2 HG22 sing N N 167 
ILE CG2 HG23 sing N N 168 
ILE CD1 HD11 sing N N 169 
ILE CD1 HD12 sing N N 170 
ILE CD1 HD13 sing N N 171 
ILE OXT HXT  sing N N 172 
LEU N   CA   sing N N 173 
LEU N   H    sing N N 174 
LEU N   H2   sing N N 175 
LEU CA  C    sing N N 176 
LEU CA  CB   sing N N 177 
LEU CA  HA   sing N N 178 
LEU C   O    doub N N 179 
LEU C   OXT  sing N N 180 
LEU CB  CG   sing N N 181 
LEU CB  HB2  sing N N 182 
LEU CB  HB3  sing N N 183 
LEU CG  CD1  sing N N 184 
LEU CG  CD2  sing N N 185 
LEU CG  HG   sing N N 186 
LEU CD1 HD11 sing N N 187 
LEU CD1 HD12 sing N N 188 
LEU CD1 HD13 sing N N 189 
LEU CD2 HD21 sing N N 190 
LEU CD2 HD22 sing N N 191 
LEU CD2 HD23 sing N N 192 
LEU OXT HXT  sing N N 193 
LYS N   CA   sing N N 194 
LYS N   H    sing N N 195 
LYS N   H2   sing N N 196 
LYS CA  C    sing N N 197 
LYS CA  CB   sing N N 198 
LYS CA  HA   sing N N 199 
LYS C   O    doub N N 200 
LYS C   OXT  sing N N 201 
LYS CB  CG   sing N N 202 
LYS CB  HB2  sing N N 203 
LYS CB  HB3  sing N N 204 
LYS CG  CD   sing N N 205 
LYS CG  HG2  sing N N 206 
LYS CG  HG3  sing N N 207 
LYS CD  CE   sing N N 208 
LYS CD  HD2  sing N N 209 
LYS CD  HD3  sing N N 210 
LYS CE  NZ   sing N N 211 
LYS CE  HE2  sing N N 212 
LYS CE  HE3  sing N N 213 
LYS NZ  HZ1  sing N N 214 
LYS NZ  HZ2  sing N N 215 
LYS NZ  HZ3  sing N N 216 
LYS OXT HXT  sing N N 217 
MET N   CA   sing N N 218 
MET N   H    sing N N 219 
MET N   H2   sing N N 220 
MET CA  C    sing N N 221 
MET CA  CB   sing N N 222 
MET CA  HA   sing N N 223 
MET C   O    doub N N 224 
MET C   OXT  sing N N 225 
MET CB  CG   sing N N 226 
MET CB  HB2  sing N N 227 
MET CB  HB3  sing N N 228 
MET CG  SD   sing N N 229 
MET CG  HG2  sing N N 230 
MET CG  HG3  sing N N 231 
MET SD  CE   sing N N 232 
MET CE  HE1  sing N N 233 
MET CE  HE2  sing N N 234 
MET CE  HE3  sing N N 235 
MET OXT HXT  sing N N 236 
PHE N   CA   sing N N 237 
PHE N   H    sing N N 238 
PHE N   H2   sing N N 239 
PHE CA  C    sing N N 240 
PHE CA  CB   sing N N 241 
PHE CA  HA   sing N N 242 
PHE C   O    doub N N 243 
PHE C   OXT  sing N N 244 
PHE CB  CG   sing N N 245 
PHE CB  HB2  sing N N 246 
PHE CB  HB3  sing N N 247 
PHE CG  CD1  doub Y N 248 
PHE CG  CD2  sing Y N 249 
PHE CD1 CE1  sing Y N 250 
PHE CD1 HD1  sing N N 251 
PHE CD2 CE2  doub Y N 252 
PHE CD2 HD2  sing N N 253 
PHE CE1 CZ   doub Y N 254 
PHE CE1 HE1  sing N N 255 
PHE CE2 CZ   sing Y N 256 
PHE CE2 HE2  sing N N 257 
PHE CZ  HZ   sing N N 258 
PHE OXT HXT  sing N N 259 
PRO N   CA   sing N N 260 
PRO N   CD   sing N N 261 
PRO N   H    sing N N 262 
PRO CA  C    sing N N 263 
PRO CA  CB   sing N N 264 
PRO CA  HA   sing N N 265 
PRO C   O    doub N N 266 
PRO C   OXT  sing N N 267 
PRO CB  CG   sing N N 268 
PRO CB  HB2  sing N N 269 
PRO CB  HB3  sing N N 270 
PRO CG  CD   sing N N 271 
PRO CG  HG2  sing N N 272 
PRO CG  HG3  sing N N 273 
PRO CD  HD2  sing N N 274 
PRO CD  HD3  sing N N 275 
PRO OXT HXT  sing N N 276 
SER N   CA   sing N N 277 
SER N   H    sing N N 278 
SER N   H2   sing N N 279 
SER CA  C    sing N N 280 
SER CA  CB   sing N N 281 
SER CA  HA   sing N N 282 
SER C   O    doub N N 283 
SER C   OXT  sing N N 284 
SER CB  OG   sing N N 285 
SER CB  HB2  sing N N 286 
SER CB  HB3  sing N N 287 
SER OG  HG   sing N N 288 
SER OXT HXT  sing N N 289 
THR N   CA   sing N N 290 
THR N   H    sing N N 291 
THR N   H2   sing N N 292 
THR CA  C    sing N N 293 
THR CA  CB   sing N N 294 
THR CA  HA   sing N N 295 
THR C   O    doub N N 296 
THR C   OXT  sing N N 297 
THR CB  OG1  sing N N 298 
THR CB  CG2  sing N N 299 
THR CB  HB   sing N N 300 
THR OG1 HG1  sing N N 301 
THR CG2 HG21 sing N N 302 
THR CG2 HG22 sing N N 303 
THR CG2 HG23 sing N N 304 
THR OXT HXT  sing N N 305 
TRP N   CA   sing N N 306 
TRP N   H    sing N N 307 
TRP N   H2   sing N N 308 
TRP CA  C    sing N N 309 
TRP CA  CB   sing N N 310 
TRP CA  HA   sing N N 311 
TRP C   O    doub N N 312 
TRP C   OXT  sing N N 313 
TRP CB  CG   sing N N 314 
TRP CB  HB2  sing N N 315 
TRP CB  HB3  sing N N 316 
TRP CG  CD1  doub Y N 317 
TRP CG  CD2  sing Y N 318 
TRP CD1 NE1  sing Y N 319 
TRP CD1 HD1  sing N N 320 
TRP CD2 CE2  doub Y N 321 
TRP CD2 CE3  sing Y N 322 
TRP NE1 CE2  sing Y N 323 
TRP NE1 HE1  sing N N 324 
TRP CE2 CZ2  sing Y N 325 
TRP CE3 CZ3  doub Y N 326 
TRP CE3 HE3  sing N N 327 
TRP CZ2 CH2  doub Y N 328 
TRP CZ2 HZ2  sing N N 329 
TRP CZ3 CH2  sing Y N 330 
TRP CZ3 HZ3  sing N N 331 
TRP CH2 HH2  sing N N 332 
TRP OXT HXT  sing N N 333 
TYR N   CA   sing N N 334 
TYR N   H    sing N N 335 
TYR N   H2   sing N N 336 
TYR CA  C    sing N N 337 
TYR CA  CB   sing N N 338 
TYR CA  HA   sing N N 339 
TYR C   O    doub N N 340 
TYR C   OXT  sing N N 341 
TYR CB  CG   sing N N 342 
TYR CB  HB2  sing N N 343 
TYR CB  HB3  sing N N 344 
TYR CG  CD1  doub Y N 345 
TYR CG  CD2  sing Y N 346 
TYR CD1 CE1  sing Y N 347 
TYR CD1 HD1  sing N N 348 
TYR CD2 CE2  doub Y N 349 
TYR CD2 HD2  sing N N 350 
TYR CE1 CZ   doub Y N 351 
TYR CE1 HE1  sing N N 352 
TYR CE2 CZ   sing Y N 353 
TYR CE2 HE2  sing N N 354 
TYR CZ  OH   sing N N 355 
TYR OH  HH   sing N N 356 
TYR OXT HXT  sing N N 357 
VAL N   CA   sing N N 358 
VAL N   H    sing N N 359 
VAL N   H2   sing N N 360 
VAL CA  C    sing N N 361 
VAL CA  CB   sing N N 362 
VAL CA  HA   sing N N 363 
VAL C   O    doub N N 364 
VAL C   OXT  sing N N 365 
VAL CB  CG1  sing N N 366 
VAL CB  CG2  sing N N 367 
VAL CB  HB   sing N N 368 
VAL CG1 HG11 sing N N 369 
VAL CG1 HG12 sing N N 370 
VAL CG1 HG13 sing N N 371 
VAL CG2 HG21 sing N N 372 
VAL CG2 HG22 sing N N 373 
VAL CG2 HG23 sing N N 374 
VAL OXT HXT  sing N N 375 
ZOU C1  O1   sing N N 376 
ZOU O1  C2   sing N N 377 
ZOU C2  C3   doub Y N 378 
ZOU C3  C4   sing Y N 379 
ZOU C4  C5   doub Y N 380 
ZOU C5  C6   sing N N 381 
ZOU C5  C7   sing Y N 382 
ZOU C7  C8   doub Y N 383 
ZOU C8  N1   sing N N 384 
ZOU N1  C9   sing N N 385 
ZOU C9  O2   doub N N 386 
ZOU C9  N2   sing N N 387 
ZOU N2  C10  sing N N 388 
ZOU C10 C11  sing N N 389 
ZOU C11 N3   sing N N 390 
ZOU N3  C12  sing N N 391 
ZOU C12 C13  sing N N 392 
ZOU N3  C14  sing N N 393 
ZOU C14 O3   doub N N 394 
ZOU C14 C15  sing N N 395 
ZOU C15 C16  doub Y N 396 
ZOU C16 C17  sing Y N 397 
ZOU C17 C18  doub Y N 398 
ZOU C18 O4   sing Y N 399 
ZOU C2  C8   sing Y N 400 
ZOU N2  C13  sing N N 401 
ZOU C15 O4   sing Y N 402 
ZOU N1  H10  sing N N 403 
ZOU C4  H5   sing N N 404 
ZOU C6  H8   sing N N 405 
ZOU C6  H6   sing N N 406 
ZOU C6  H7   sing N N 407 
ZOU C7  H9   sing N N 408 
ZOU C10 H11  sing N N 409 
ZOU C10 H12  sing N N 410 
ZOU C13 H18  sing N N 411 
ZOU C13 H17  sing N N 412 
ZOU C17 H20  sing N N 413 
ZOU C1  H1   sing N N 414 
ZOU C1  H2   sing N N 415 
ZOU C1  H3   sing N N 416 
ZOU C11 H14  sing N N 417 
ZOU C11 H13  sing N N 418 
ZOU C12 H15  sing N N 419 
ZOU C12 H16  sing N N 420 
ZOU C16 H19  sing N N 421 
ZOU C18 H21  sing N N 422 
ZOU C3  H4   sing N N 423 
# 
_pdbx_audit_support.ordinal                1 
_pdbx_audit_support.funding_organization   'Wellcome Trust' 
_pdbx_audit_support.grant_number           None 
_pdbx_audit_support.country                'United Kingdom' 
# 
_pdbx_deposit_group.group_id            G_1002265 
_pdbx_deposit_group.group_description   
;XDomainX of XOrganismX PHIP screened against predicted false negatives and catalogue compounds by X-ray Crystallography at the XChem facility of Diamond Light Source beamline I04-1
;
_pdbx_deposit_group.group_title         'PanDDA analysis group deposition' 
_pdbx_deposit_group.group_type          'changed state' 
# 
_pdbx_entity_instance_feature.ordinal        1 
_pdbx_entity_instance_feature.comp_id        ZOU 
_pdbx_entity_instance_feature.asym_id        ? 
_pdbx_entity_instance_feature.seq_num        ? 
_pdbx_entity_instance_feature.auth_comp_id   ZOU 
_pdbx_entity_instance_feature.auth_asym_id   ? 
_pdbx_entity_instance_feature.auth_seq_num   ? 
_pdbx_entity_instance_feature.feature_type   'SUBJECT OF INVESTIGATION' 
_pdbx_entity_instance_feature.details        ? 
# 
_atom_sites.entry_id                    7FVK 
_atom_sites.fract_transf_matrix[1][1]   0.00670815 
_atom_sites.fract_transf_matrix[1][2]   0.00483302 
_atom_sites.fract_transf_matrix[1][3]   -0.00922867 
_atom_sites.fract_transf_matrix[2][1]   -0.02025286 
_atom_sites.fract_transf_matrix[2][2]   -0.01818840 
_atom_sites.fract_transf_matrix[2][3]   -0.02424661 
_atom_sites.fract_transf_matrix[3][1]   -0.00950493 
_atom_sites.fract_transf_matrix[3][2]   0.01493662 
_atom_sites.fract_transf_matrix[3][3]   -0.00326524 
_atom_sites.fract_transf_vector[1]      -0.146402 
_atom_sites.fract_transf_vector[2]      0.450674 
_atom_sites.fract_transf_vector[3]      0.219535 
# 
loop_
_atom_type.symbol 
C 
N 
O 
S 
# 
loop_
_atom_site.group_PDB 
_atom_site.id 
_atom_site.type_symbol 
_atom_site.label_atom_id 
_atom_site.label_alt_id 
_atom_site.label_comp_id 
_atom_site.label_asym_id 
_atom_site.label_entity_id 
_atom_site.label_seq_id 
_atom_site.pdbx_PDB_ins_code 
_atom_site.Cartn_x 
_atom_site.Cartn_y 
_atom_site.Cartn_z 
_atom_site.occupancy 
_atom_site.B_iso_or_equiv 
_atom_site.pdbx_formal_charge 
_atom_site.auth_seq_id 
_atom_site.auth_comp_id 
_atom_site.auth_asym_id 
_atom_site.auth_atom_id 
_atom_site.pdbx_PDB_model_num 
ATOM   1    N N   . SER A 1 24  ? 15.078  -19.681 1.912   1.00 28.23 ? 1315 SER A N   1 
ATOM   2    C CA  . SER A 1 24  ? 14.297  -18.998 0.821   1.00 27.72 ? 1315 SER A CA  1 
ATOM   3    C C   . SER A 1 24  ? 14.899  -17.619 0.538   1.00 22.41 ? 1315 SER A C   1 
ATOM   4    O O   . SER A 1 24  ? 14.242  -16.615 0.905   1.00 22.48 ? 1315 SER A O   1 
ATOM   5    C CB  . SER A 1 24  ? 12.844  -18.910 1.207   1.00 29.05 ? 1315 SER A CB  1 
ATOM   6    O OG  . SER A 1 24  ? 12.348  -20.195 1.539   1.00 33.64 ? 1315 SER A OG  1 
ATOM   7    N N   . TYR A 1 25  ? 16.097  -17.556 -0.070  1.00 18.50 ? 1316 TYR A N   1 
ATOM   8    C CA  . TYR A 1 25  ? 16.986  -16.369 0.046   1.00 15.71 ? 1316 TYR A CA  1 
ATOM   9    C C   . TYR A 1 25  ? 17.027  -15.575 -1.275  1.00 13.96 ? 1316 TYR A C   1 
ATOM   10   O O   . TYR A 1 25  ? 18.027  -14.876 -1.523  1.00 13.49 ? 1316 TYR A O   1 
ATOM   11   C CB  . TYR A 1 25  ? 18.379  -16.759 0.531   1.00 15.14 ? 1316 TYR A CB  1 
ATOM   12   C CG  . TYR A 1 25  ? 18.431  -17.567 1.811   1.00 14.25 ? 1316 TYR A CG  1 
ATOM   13   C CD1 . TYR A 1 25  ? 17.912  -17.079 3.003   1.00 14.34 ? 1316 TYR A CD1 1 
ATOM   14   C CD2 . TYR A 1 25  ? 19.098  -18.783 1.850   1.00 14.57 ? 1316 TYR A CD2 1 
ATOM   15   C CE1 . TYR A 1 25  ? 17.971  -17.817 4.181   1.00 14.65 ? 1316 TYR A CE1 1 
ATOM   16   C CE2 . TYR A 1 25  ? 19.200  -19.515 3.026   1.00 15.27 ? 1316 TYR A CE2 1 
ATOM   17   C CZ  . TYR A 1 25  ? 18.648  -19.025 4.194   1.00 14.57 ? 1316 TYR A CZ  1 
ATOM   18   O OH  . TYR A 1 25  ? 18.745  -19.738 5.367   1.00 15.59 ? 1316 TYR A OH  1 
ATOM   19   N N   . ASP A 1 26  ? 15.933  -15.575 -2.040  1.00 14.05 ? 1317 ASP A N   1 
ATOM   20   C CA  . ASP A 1 26  ? 15.844  -14.763 -3.282  1.00 13.70 ? 1317 ASP A CA  1 
ATOM   21   C C   . ASP A 1 26  ? 15.590  -13.296 -2.931  1.00 13.17 ? 1317 ASP A C   1 
ATOM   22   O O   . ASP A 1 26  ? 14.488  -12.926 -2.482  1.00 13.63 ? 1317 ASP A O   1 
ATOM   23   C CB  . ASP A 1 26  ? 14.778  -15.359 -4.174  1.00 14.56 ? 1317 ASP A CB  1 
ATOM   24   C CG  . ASP A 1 26  ? 14.589  -14.688 -5.525  1.00 13.91 ? 1317 ASP A CG  1 
ATOM   25   O OD1 . ASP A 1 26  ? 15.089  -13.569 -5.729  1.00 14.33 ? 1317 ASP A OD1 1 
ATOM   26   O OD2 . ASP A 1 26  ? 13.995  -15.351 -6.443  1.00 19.07 ? 1317 ASP A OD2 1 
ATOM   27   N N   . ILE A 1 27  ? 16.604  -12.459 -3.149  1.00 12.14 ? 1318 ILE A N   1 
ATOM   28   C CA  . ILE A 1 27  ? 16.603  -10.992 -2.847  1.00 12.71 ? 1318 ILE A CA  1 
ATOM   29   C C   . ILE A 1 27  ? 15.573  -10.263 -3.720  1.00 12.82 ? 1318 ILE A C   1 
ATOM   30   O O   . ILE A 1 27  ? 15.118  -9.197  -3.296  1.00 12.65 ? 1318 ILE A O   1 
ATOM   31   C CB  . ILE A 1 27  ? 18.008  -10.384 -3.047  1.00 13.28 ? 1318 ILE A CB  1 
ATOM   32   C CG1 . ILE A 1 27  ? 19.026  -10.965 -2.057  1.00 14.22 ? 1318 ILE A CG1 1 
ATOM   33   C CG2 . ILE A 1 27  ? 17.982  -8.855  -2.991  1.00 13.98 ? 1318 ILE A CG2 1 
ATOM   34   C CD1 . ILE A 1 27  ? 20.472  -10.713 -2.416  1.00 14.90 ? 1318 ILE A CD1 1 
ATOM   35   N N   . GLN A 1 28  ? 15.213  -10.816 -4.881  1.00 11.37 ? 1319 GLN A N   1 
ATOM   36   C CA  . GLN A 1 28  ? 14.323  -10.127 -5.856  1.00 11.81 ? 1319 GLN A CA  1 
ATOM   37   C C   . GLN A 1 28  ? 12.870  -10.630 -5.779  1.00 12.05 ? 1319 GLN A C   1 
ATOM   38   O O   . GLN A 1 28  ? 12.008  -9.999  -6.421  1.00 11.87 ? 1319 GLN A O   1 
ATOM   39   C CB  . GLN A 1 28  ? 14.889  -10.282 -7.275  1.00 12.00 ? 1319 GLN A CB  1 
ATOM   40   C CG  . GLN A 1 28  ? 16.099  -9.397  -7.591  1.00 11.47 ? 1319 GLN A CG  1 
ATOM   41   C CD  . GLN A 1 28  ? 17.439  -10.066 -7.359  1.00 11.34 ? 1319 GLN A CD  1 
ATOM   42   O OE1 . GLN A 1 28  ? 17.690  -11.191 -7.798  1.00 11.79 ? 1319 GLN A OE1 1 
ATOM   43   N NE2 . GLN A 1 28  ? 18.345  -9.360  -6.716  1.00 12.50 ? 1319 GLN A NE2 1 
ATOM   44   N N   . ALA A 1 29  ? 12.559  -11.675 -4.981  1.00 12.55 ? 1320 ALA A N   1 
ATOM   45   C CA  . ALA A 1 29  ? 11.225  -12.340 -4.992  1.00 12.33 ? 1320 ALA A CA  1 
ATOM   46   C C   . ALA A 1 29  ? 10.077  -11.390 -4.539  1.00 11.26 ? 1320 ALA A C   1 
ATOM   47   O O   . ALA A 1 29  ? 8.932   -11.579 -4.974  1.00 11.82 ? 1320 ALA A O   1 
ATOM   48   C CB  . ALA A 1 29  ? 11.232  -13.592 -4.138  1.00 12.69 ? 1320 ALA A CB  1 
ATOM   49   N N   . TRP A 1 30  ? 10.407  -10.377 -3.728  1.00 11.64 ? 1321 TRP A N   1 
ATOM   50   C CA  . TRP A 1 30  ? 9.385   -9.458  -3.197  1.00 11.19 ? 1321 TRP A CA  1 
ATOM   51   C C   . TRP A 1 30  ? 8.612   -8.777  -4.317  1.00 11.57 ? 1321 TRP A C   1 
ATOM   52   O O   . TRP A 1 30  ? 7.423   -8.455  -4.112  1.00 11.52 ? 1321 TRP A O   1 
ATOM   53   C CB  . TRP A 1 30  ? 10.010  -8.393  -2.298  1.00 11.92 ? 1321 TRP A CB  1 
ATOM   54   C CG  . TRP A 1 30  ? 10.941  -7.504  -3.067  1.00 12.28 ? 1321 TRP A CG  1 
ATOM   55   C CD1 . TRP A 1 30  ? 12.251  -7.724  -3.324  1.00 12.31 ? 1321 TRP A CD1 1 
ATOM   56   C CD2 . TRP A 1 30  ? 10.620  -6.234  -3.685  1.00 11.63 ? 1321 TRP A CD2 1 
ATOM   57   N NE1 . TRP A 1 30  ? 12.781  -6.697  -4.077  1.00 12.96 ? 1321 TRP A NE1 1 
ATOM   58   C CE2 . TRP A 1 30  ? 11.805  -5.777  -4.296  1.00 12.33 ? 1321 TRP A CE2 1 
ATOM   59   C CE3 . TRP A 1 30  ? 9.510   -5.398  -3.712  1.00 12.48 ? 1321 TRP A CE3 1 
ATOM   60   C CZ2 . TRP A 1 30  ? 11.906  -4.555  -4.971  1.00 13.52 ? 1321 TRP A CZ2 1 
ATOM   61   C CZ3 . TRP A 1 30  ? 9.580   -4.212  -4.429  1.00 13.32 ? 1321 TRP A CZ3 1 
ATOM   62   C CH2 . TRP A 1 30  ? 10.763  -3.805  -5.044  1.00 14.68 ? 1321 TRP A CH2 1 
ATOM   63   N N   . LYS A 1 31  ? 9.211   -8.574  -5.513  1.00 11.84 ? 1322 LYS A N   1 
ATOM   64   C CA  . LYS A 1 31  ? 8.550   -7.731  -6.525  1.00 11.72 ? 1322 LYS A CA  1 
ATOM   65   C C   . LYS A 1 31  ? 7.296   -8.418  -7.058  1.00 11.71 ? 1322 LYS A C   1 
ATOM   66   O O   . LYS A 1 31  ? 6.199   -7.822  -7.090  1.00 12.35 ? 1322 LYS A O   1 
ATOM   67   C CB  . LYS A 1 31  ? 9.571   -7.248  -7.551  1.00 12.53 ? 1322 LYS A CB  1 
ATOM   68   C CG  . LYS A 1 31  ? 8.945   -6.399  -8.666  1.00 13.16 ? 1322 LYS A CG  1 
ATOM   69   C CD  . LYS A 1 31  ? 9.975   -5.809  -9.574  1.00 13.32 ? 1322 LYS A CD  1 
ATOM   70   C CE  . LYS A 1 31  ? 9.410   -4.893  -10.639 1.00 14.29 ? 1322 LYS A CE  1 
ATOM   71   N NZ  . LYS A 1 31  ? 10.536  -4.365  -11.451 1.00 15.12 ? 1322 LYS A NZ  1 
ATOM   72   N N   . LYS A 1 32  ? 7.434   -9.678  -7.481  1.00 13.14 ? 1323 LYS A N   1 
ATOM   73   C CA  . LYS A 1 32  ? 6.262   -10.433 -7.979  1.00 13.32 ? 1323 LYS A CA  1 
ATOM   74   C C   . LYS A 1 32  ? 5.273   -10.691 -6.833  1.00 12.27 ? 1323 LYS A C   1 
ATOM   75   O O   . LYS A 1 32  ? 4.076   -10.636 -7.080  1.00 13.52 ? 1323 LYS A O   1 
ATOM   76   C CB  . LYS A 1 32  ? 6.699   -11.727 -8.683  1.00 16.45 ? 1323 LYS A CB  1 
ATOM   77   C CG  . LYS A 1 32  ? 5.588   -12.708 -9.033  1.00 20.66 ? 1323 LYS A CG  1 
ATOM   78   C CD  . LYS A 1 32  ? 5.680   -13.349 -10.430 1.00 24.74 ? 1323 LYS A CD  1 
ATOM   79   C CE  . LYS A 1 32  ? 4.332   -13.746 -11.009 1.00 27.81 ? 1323 LYS A CE  1 
ATOM   80   N NZ  . LYS A 1 32  ? 4.438   -14.168 -12.430 1.00 29.36 ? 1323 LYS A NZ  1 
ATOM   81   N N   . GLN A 1 33  ? 5.766   -10.907 -5.620  1.00 12.81 ? 1324 GLN A N   1 
ATOM   82   C CA  . GLN A 1 33  ? 4.859   -11.102 -4.463  1.00 12.82 ? 1324 GLN A CA  1 
ATOM   83   C C   . GLN A 1 33  ? 4.021   -9.821  -4.243  1.00 12.30 ? 1324 GLN A C   1 
ATOM   84   O O   . GLN A 1 33  ? 2.791   -9.902  -4.036  1.00 12.63 ? 1324 GLN A O   1 
ATOM   85   C CB  . GLN A 1 33  ? 5.622   -11.424 -3.189  1.00 12.81 ? 1324 GLN A CB  1 
ATOM   86   C CG  . GLN A 1 33  ? 6.271   -12.801 -3.258  1.00 13.52 ? 1324 GLN A CG  1 
ATOM   87   C CD  . GLN A 1 33  ? 7.351   -13.004 -2.258  1.00 14.94 ? 1324 GLN A CD  1 
ATOM   88   O OE1 . GLN A 1 33  ? 7.740   -12.147 -1.478  1.00 16.00 ? 1324 GLN A OE1 1 
ATOM   89   N NE2 . GLN A 1 33  ? 7.934   -14.204 -2.282  1.00 17.06 ? 1324 GLN A NE2 1 
ATOM   90   N N   . CYS A 1 34  ? 4.607   -8.639  -4.422  1.00 11.91 ? 1325 CYS A N   1 
ATOM   91   C CA  . CYS A 1 34  ? 3.854   -7.379  -4.289  1.00 11.66 ? 1325 CYS A CA  1 
ATOM   92   C C   . CYS A 1 34  ? 2.925   -7.191  -5.484  1.00 11.73 ? 1325 CYS A C   1 
ATOM   93   O O   . CYS A 1 34  ? 1.788   -6.703  -5.306  1.00 12.14 ? 1325 CYS A O   1 
ATOM   94   C CB  . CYS A 1 34  ? 4.789   -6.195  -4.154  1.00 11.39 ? 1325 CYS A CB  1 
ATOM   95   S SG  . CYS A 1 34  ? 5.627   -6.090  -2.536  1.00 12.79 ? 1325 CYS A SG  1 
ATOM   96   N N   . GLU A 1 35  ? 3.316   -7.560  -6.697  1.00 12.26 ? 1326 GLU A N   1 
ATOM   97   C CA  . GLU A 1 35  ? 2.398   -7.495  -7.855  1.00 13.27 ? 1326 GLU A CA  1 
ATOM   98   C C   . GLU A 1 35  ? 1.147   -8.334  -7.593  1.00 13.50 ? 1326 GLU A C   1 
ATOM   99   O O   . GLU A 1 35  ? 0.028   -7.871  -7.870  1.00 14.56 ? 1326 GLU A O   1 
ATOM   100  C CB  . GLU A 1 35  ? 3.103   -8.035  -9.116  1.00 15.05 ? 1326 GLU A CB  1 
ATOM   101  C CG  . GLU A 1 35  ? 4.187   -7.157  -9.702  1.00 18.48 ? 1326 GLU A CG  1 
ATOM   102  C CD  . GLU A 1 35  ? 5.081   -7.807  -10.749 1.00 22.39 ? 1326 GLU A CD  1 
ATOM   103  O OE1 . GLU A 1 35  ? 4.969   -9.013  -11.032 1.00 25.89 ? 1326 GLU A OE1 1 
ATOM   104  O OE2 . GLU A 1 35  ? 5.977   -7.103  -11.207 1.00 23.87 ? 1326 GLU A OE2 1 
ATOM   105  N N   . GLU A 1 36  ? 1.317   -9.558  -7.104  1.00 14.59 ? 1327 GLU A N   1 
ATOM   106  C CA  . GLU A 1 36  ? 0.172   -10.458 -6.827  1.00 15.73 ? 1327 GLU A CA  1 
ATOM   107  C C   . GLU A 1 36  ? -0.684  -9.858  -5.709  1.00 14.14 ? 1327 GLU A C   1 
ATOM   108  O O   . GLU A 1 36  ? -1.924  -9.895  -5.838  1.00 14.85 ? 1327 GLU A O   1 
ATOM   109  C CB  . GLU A 1 36  ? 0.683   -11.870 -6.552  1.00 18.41 ? 1327 GLU A CB  1 
ATOM   110  C CG  . GLU A 1 36  ? 1.286   -12.514 -7.798  1.00 23.10 ? 1327 GLU A CG  1 
ATOM   111  C CD  . GLU A 1 36  ? 0.435   -12.482 -9.064  1.00 25.51 ? 1327 GLU A CD  1 
ATOM   112  O OE1 . GLU A 1 36  ? -0.790  -12.772 -8.989  1.00 29.79 ? 1327 GLU A OE1 1 
ATOM   113  O OE2 . GLU A 1 36  ? 0.981   -12.164 -10.138 1.00 28.86 ? 1327 GLU A OE2 1 
ATOM   114  N N   . LEU A 1 37  ? -0.074  -9.309  -4.655  1.00 13.97 ? 1328 LEU A N   1 
ATOM   115  C CA  . LEU A 1 37  ? -0.883  -8.714  -3.553  1.00 12.45 ? 1328 LEU A CA  1 
ATOM   116  C C   . LEU A 1 37  ? -1.664  -7.515  -4.091  1.00 12.52 ? 1328 LEU A C   1 
ATOM   117  O O   . LEU A 1 37  ? -2.872  -7.334  -3.744  1.00 13.55 ? 1328 LEU A O   1 
ATOM   118  C CB  . LEU A 1 37  ? -0.003  -8.378  -2.373  1.00 13.66 ? 1328 LEU A CB  1 
ATOM   119  C CG  . LEU A 1 37  ? -0.684  -7.657  -1.222  1.00 13.16 ? 1328 LEU A CG  1 
ATOM   120  C CD1 . LEU A 1 37  ? -1.906  -8.421  -0.716  1.00 15.51 ? 1328 LEU A CD1 1 
ATOM   121  C CD2 . LEU A 1 37  ? 0.283   -7.485  -0.113  1.00 14.67 ? 1328 LEU A CD2 1 
ATOM   122  N N   . LEU A 1 38  ? -1.082  -6.680  -4.954  1.00 12.62 ? 1329 LEU A N   1 
ATOM   123  C CA  . LEU A 1 38  ? -1.833  -5.559  -5.555  1.00 12.88 ? 1329 LEU A CA  1 
ATOM   124  C C   . LEU A 1 38  ? -2.980  -6.091  -6.407  1.00 14.36 ? 1329 LEU A C   1 
ATOM   125  O O   . LEU A 1 38  ? -4.089  -5.511  -6.386  1.00 15.96 ? 1329 LEU A O   1 
ATOM   126  C CB  . LEU A 1 38  ? -0.901  -4.649  -6.364  1.00 13.74 ? 1329 LEU A CB  1 
ATOM   127  C CG  . LEU A 1 38  ? 0.112   -3.858  -5.545  1.00 13.59 ? 1329 LEU A CG  1 
ATOM   128  C CD1 . LEU A 1 38  ? 1.188   -3.262  -6.460  1.00 15.42 ? 1329 LEU A CD1 1 
ATOM   129  C CD2 . LEU A 1 38  ? -0.564  -2.754  -4.723  1.00 15.79 ? 1329 LEU A CD2 1 
ATOM   130  N N   . ASN A 1 39  ? -2.778  -7.166  -7.141  1.00 15.68 ? 1330 ASN A N   1 
ATOM   131  C CA  . ASN A 1 39  ? -3.896  -7.816  -7.880  1.00 18.57 ? 1330 ASN A CA  1 
ATOM   132  C C   . ASN A 1 39  ? -5.032  -8.184  -6.904  1.00 15.74 ? 1330 ASN A C   1 
ATOM   133  O O   . ASN A 1 39  ? -6.239  -7.882  -7.208  1.00 17.90 ? 1330 ASN A O   1 
ATOM   134  C CB  . ASN A 1 39  ? -3.384  -8.998  -8.717  1.00 21.28 ? 1330 ASN A CB  1 
ATOM   135  C CG  . ASN A 1 39  ? -2.551  -8.592  -9.916  1.00 24.09 ? 1330 ASN A CG  1 
ATOM   136  O OD1 . ASN A 1 39  ? -2.595  -7.457  -10.380 1.00 28.60 ? 1330 ASN A OD1 1 
ATOM   137  N ND2 . ASN A 1 39  ? -1.769  -9.524  -10.432 1.00 27.63 ? 1330 ASN A ND2 1 
ATOM   138  N N   . LEU A 1 40  ? -4.750  -8.811  -5.801  1.00 15.72 ? 1331 LEU A N   1 
ATOM   139  C CA  . LEU A 1 40  ? -5.787  -9.199  -4.813  1.00 16.55 ? 1331 LEU A CA  1 
ATOM   140  C C   . LEU A 1 40  ? -6.453  -7.941  -4.267  1.00 16.22 ? 1331 LEU A C   1 
ATOM   141  O O   . LEU A 1 40  ? -7.715  -7.904  -4.179  1.00 18.30 ? 1331 LEU A O   1 
ATOM   142  C CB  . LEU A 1 40  ? -5.144  -9.973  -3.682  1.00 15.95 ? 1331 LEU A CB  1 
ATOM   143  C CG  . LEU A 1 40  ? -4.684  -11.403 -4.011  1.00 16.78 ? 1331 LEU A CG  1 
ATOM   144  C CD1 . LEU A 1 40  ? -3.964  -11.999 -2.834  1.00 20.77 ? 1331 LEU A CD1 1 
ATOM   145  C CD2 . LEU A 1 40  ? -5.842  -12.297 -4.456  1.00 21.25 ? 1331 LEU A CD2 1 
ATOM   146  N N   . ILE A 1 41  ? -5.716  -6.856  -4.025  1.00 14.65 ? 1332 ILE A N   1 
ATOM   147  C CA  . ILE A 1 41  ? -6.301  -5.596  -3.494  1.00 13.04 ? 1332 ILE A CA  1 
ATOM   148  C C   . ILE A 1 41  ? -7.255  -5.010  -4.542  1.00 14.57 ? 1332 ILE A C   1 
ATOM   149  O O   . ILE A 1 41  ? -8.382  -4.604  -4.180  1.00 14.50 ? 1332 ILE A O   1 
ATOM   150  C CB  . ILE A 1 41  ? -5.178  -4.631  -3.058  1.00 13.59 ? 1332 ILE A CB  1 
ATOM   151  C CG1 . ILE A 1 41  ? -4.537  -5.161  -1.776  1.00 14.52 ? 1332 ILE A CG1 1 
ATOM   152  C CG2 . ILE A 1 41  ? -5.672  -3.192  -2.945  1.00 12.55 ? 1332 ILE A CG2 1 
ATOM   153  C CD1 . ILE A 1 41  ? -3.281  -4.446  -1.347  1.00 16.63 ? 1332 ILE A CD1 1 
ATOM   154  N N   . PHE A 1 42  ? -6.873  -4.982  -5.811  1.00 16.15 ? 1333 PHE A N   1 
ATOM   155  C CA  . PHE A 1 42  ? -7.777  -4.525  -6.905  1.00 18.71 ? 1333 PHE A CA  1 
ATOM   156  C C   . PHE A 1 42  ? -9.022  -5.430  -7.052  1.00 20.10 ? 1333 PHE A C   1 
ATOM   157  O O   . PHE A 1 42  ? -10.089 -4.840  -7.409  1.00 26.98 ? 1333 PHE A O   1 
ATOM   158  C CB  . PHE A 1 42  ? -6.982  -4.338  -8.201  1.00 17.86 ? 1333 PHE A CB  1 
ATOM   159  C CG  . PHE A 1 42  ? -6.258  -3.013  -8.322  1.00 17.51 ? 1333 PHE A CG  1 
ATOM   160  C CD1 . PHE A 1 42  ? -6.851  -1.962  -9.012  1.00 19.83 ? 1333 PHE A CD1 1 
ATOM   161  C CD2 . PHE A 1 42  ? -4.965  -2.830  -7.839  1.00 20.38 ? 1333 PHE A CD2 1 
ATOM   162  C CE1 . PHE A 1 42  ? -6.198  -0.741  -9.167  1.00 23.12 ? 1333 PHE A CE1 1 
ATOM   163  C CE2 . PHE A 1 42  ? -4.315  -1.608  -7.990  1.00 19.90 ? 1333 PHE A CE2 1 
ATOM   164  C CZ  . PHE A 1 42  ? -4.950  -0.557  -8.618  1.00 20.83 ? 1333 PHE A CZ  1 
ATOM   165  N N   . GLN A 1 43  ? -9.034  -6.698  -6.630  1.00 20.13 ? 1334 GLN A N   1 
ATOM   166  C CA  . GLN A 1 43  ? -10.278 -7.568  -6.642  1.00 20.88 ? 1334 GLN A CA  1 
ATOM   167  C C   . GLN A 1 43  ? -11.204 -7.296  -5.438  1.00 21.59 ? 1334 GLN A C   1 
ATOM   168  O O   . GLN A 1 43  ? -12.396 -7.620  -5.500  1.00 23.07 ? 1334 GLN A O   1 
ATOM   169  C CB  . GLN A 1 43  ? -9.843  -9.043  -6.666  1.00 20.89 ? 1334 GLN A CB  1 
ATOM   170  C CG  . GLN A 1 43  ? -9.043  -9.428  -7.899  1.00 23.60 ? 1334 GLN A CG  1 
ATOM   171  N N   A CYS A 1 44  ? -10.665 -6.728  -4.363  0.32 19.49 ? 1335 CYS A N   1 
ATOM   172  N N   B CYS A 1 44  ? -10.659 -6.740  -4.355  0.32 19.45 ? 1335 CYS A N   1 
ATOM   173  C CA  A CYS A 1 44  ? -11.419 -6.347  -3.144  0.32 18.11 ? 1335 CYS A CA  1 
ATOM   174  C CA  B CYS A 1 44  ? -11.398 -6.362  -3.122  0.32 18.01 ? 1335 CYS A CA  1 
ATOM   175  C C   A CYS A 1 44  ? -12.346 -5.176  -3.478  0.32 18.04 ? 1335 CYS A C   1 
ATOM   176  C C   B CYS A 1 44  ? -12.337 -5.188  -3.460  0.32 17.95 ? 1335 CYS A C   1 
ATOM   177  O O   A CYS A 1 44  ? -11.866 -4.124  -3.963  0.32 16.59 ? 1335 CYS A O   1 
ATOM   178  O O   B CYS A 1 44  ? -11.857 -4.137  -3.951  0.32 16.56 ? 1335 CYS A O   1 
ATOM   179  C CB  A CYS A 1 44  ? -10.483 -5.960  -2.006  0.32 17.87 ? 1335 CYS A CB  1 
ATOM   180  C CB  B CYS A 1 44  ? -10.455 -5.966  -1.982  0.32 17.79 ? 1335 CYS A CB  1 
ATOM   181  S SG  A CYS A 1 44  ? -9.595  -7.408  -1.405  0.32 19.41 ? 1335 CYS A SG  1 
ATOM   182  S SG  B CYS A 1 44  ? -11.198 -6.197  -0.346  0.32 20.19 ? 1335 CYS A SG  1 
ATOM   183  N N   . GLU A 1 45  ? -13.645 -5.308  -3.198  1.00 17.55 ? 1336 GLU A N   1 
ATOM   184  C CA  . GLU A 1 45  ? -14.557 -4.135  -3.351  1.00 15.99 ? 1336 GLU A CA  1 
ATOM   185  C C   . GLU A 1 45  ? -14.133 -2.962  -2.430  1.00 15.19 ? 1336 GLU A C   1 
ATOM   186  O O   . GLU A 1 45  ? -14.308 -1.779  -2.813  1.00 15.14 ? 1336 GLU A O   1 
ATOM   187  C CB  . GLU A 1 45  ? -15.993 -4.531  -3.018  1.00 16.12 ? 1336 GLU A CB  1 
ATOM   188  C CG  . GLU A 1 45  ? -16.566 -5.512  -4.029  1.00 20.04 ? 1336 GLU A CG  1 
ATOM   189  C CD  . GLU A 1 45  ? -17.999 -5.939  -3.819  1.00 24.23 ? 1336 GLU A CD  1 
ATOM   190  O OE1 . GLU A 1 45  ? -18.613 -5.536  -2.807  1.00 24.95 ? 1336 GLU A OE1 1 
ATOM   191  O OE2 . GLU A 1 45  ? -18.504 -6.658  -4.714  1.00 25.34 ? 1336 GLU A OE2 1 
ATOM   192  N N   . ASP A 1 46  ? -13.504 -3.301  -1.310  1.00 13.55 ? 1337 ASP A N   1 
ATOM   193  C CA  . ASP A 1 46  ? -13.031 -2.272  -0.362  1.00 13.81 ? 1337 ASP A CA  1 
ATOM   194  C C   . ASP A 1 46  ? -11.929 -1.360  -0.934  1.00 12.66 ? 1337 ASP A C   1 
ATOM   195  O O   . ASP A 1 46  ? -11.693 -0.285  -0.328  1.00 13.57 ? 1337 ASP A O   1 
ATOM   196  C CB  . ASP A 1 46  ? -12.561 -2.879  0.942   1.00 14.28 ? 1337 ASP A CB  1 
ATOM   197  C CG  . ASP A 1 46  ? -13.676 -3.390  1.853   1.00 16.59 ? 1337 ASP A CG  1 
ATOM   198  O OD1 . ASP A 1 46  ? -14.834 -2.891  1.694   1.00 18.77 ? 1337 ASP A OD1 1 
ATOM   199  O OD2 . ASP A 1 46  ? -13.391 -4.146  2.776   1.00 15.76 ? 1337 ASP A OD2 1 
ATOM   200  N N   . SER A 1 47  ? -11.296 -1.718  -2.048  1.00 12.37 ? 1338 SER A N   1 
ATOM   201  C CA  . SER A 1 47  ? -10.251 -0.844  -2.636  1.00 12.73 ? 1338 SER A CA  1 
ATOM   202  C C   . SER A 1 47  ? -10.804 0.253   -3.548  1.00 13.08 ? 1338 SER A C   1 
ATOM   203  O O   . SER A 1 47  ? -10.040 1.147   -3.896  1.00 13.06 ? 1338 SER A O   1 
ATOM   204  C CB  . SER A 1 47  ? -9.204  -1.642  -3.364  1.00 12.64 ? 1338 SER A CB  1 
ATOM   205  O OG  . SER A 1 47  ? -9.628  -2.089  -4.659  1.00 12.99 ? 1338 SER A OG  1 
ATOM   206  N N   . GLU A 1 48  ? -12.056 0.173   -3.994  1.00 13.24 ? 1339 GLU A N   1 
ATOM   207  C CA  . GLU A 1 48  ? -12.471 1.013   -5.151  1.00 14.52 ? 1339 GLU A CA  1 
ATOM   208  C C   . GLU A 1 48  ? -12.186 2.497   -4.888  1.00 12.76 ? 1339 GLU A C   1 
ATOM   209  O O   . GLU A 1 48  ? -11.720 3.203   -5.784  1.00 13.44 ? 1339 GLU A O   1 
ATOM   210  C CB  . GLU A 1 48  ? -13.900 0.718   -5.604  1.00 17.27 ? 1339 GLU A CB  1 
ATOM   211  C CG  . GLU A 1 48  ? -14.298 1.501   -6.843  1.00 20.38 ? 1339 GLU A CG  1 
ATOM   212  C CD  . GLU A 1 48  ? -14.674 2.939   -6.559  1.00 25.65 ? 1339 GLU A CD  1 
ATOM   213  O OE1 . GLU A 1 48  ? -15.208 3.182   -5.466  1.00 28.07 ? 1339 GLU A OE1 1 
ATOM   214  O OE2 . GLU A 1 48  ? -14.426 3.814   -7.432  1.00 30.59 ? 1339 GLU A OE2 1 
ATOM   215  N N   . PRO A 1 49  ? -12.392 3.063   -3.670  1.00 12.31 ? 1340 PRO A N   1 
ATOM   216  C CA  . PRO A 1 49  ? -12.112 4.487   -3.444  1.00 12.34 ? 1340 PRO A CA  1 
ATOM   217  C C   . PRO A 1 49  ? -10.640 4.898   -3.507  1.00 12.11 ? 1340 PRO A C   1 
ATOM   218  O O   . PRO A 1 49  ? -10.350 6.081   -3.609  1.00 11.73 ? 1340 PRO A O   1 
ATOM   219  C CB  . PRO A 1 49  ? -12.608 4.751   -2.019  1.00 13.59 ? 1340 PRO A CB  1 
ATOM   220  C CG  . PRO A 1 49  ? -13.592 3.642   -1.753  1.00 14.19 ? 1340 PRO A CG  1 
ATOM   221  C CD  . PRO A 1 49  ? -12.998 2.448   -2.476  1.00 13.22 ? 1340 PRO A CD  1 
ATOM   222  N N   . PHE A 1 50  ? -9.759  3.904   -3.424  1.00 11.83 ? 1341 PHE A N   1 
ATOM   223  C CA  . PHE A 1 50  ? -8.295  4.078   -3.285  1.00 11.59 ? 1341 PHE A CA  1 
ATOM   224  C C   . PHE A 1 50  ? -7.562  3.675   -4.564  1.00 12.71 ? 1341 PHE A C   1 
ATOM   225  O O   . PHE A 1 50  ? -6.332  3.708   -4.568  1.00 13.07 ? 1341 PHE A O   1 
ATOM   226  C CB  . PHE A 1 50  ? -7.793  3.276   -2.079  1.00 11.27 ? 1341 PHE A CB  1 
ATOM   227  C CG  . PHE A 1 50  ? -8.637  3.440   -0.837  1.00 11.33 ? 1341 PHE A CG  1 
ATOM   228  C CD1 . PHE A 1 50  ? -8.663  4.647   -0.156  1.00 12.10 ? 1341 PHE A CD1 1 
ATOM   229  C CD2 . PHE A 1 50  ? -9.436  2.407   -0.379  1.00 11.76 ? 1341 PHE A CD2 1 
ATOM   230  C CE1 . PHE A 1 50  ? -9.488  4.826   0.942   1.00 12.39 ? 1341 PHE A CE1 1 
ATOM   231  C CE2 . PHE A 1 50  ? -10.246 2.584   0.726   1.00 12.21 ? 1341 PHE A CE2 1 
ATOM   232  C CZ  . PHE A 1 50  ? -10.273 3.791   1.382   1.00 12.69 ? 1341 PHE A CZ  1 
ATOM   233  N N   . ARG A 1 51  ? -8.263  3.324   -5.643  1.00 13.49 ? 1342 ARG A N   1 
ATOM   234  C CA  . ARG A 1 51  ? -7.601  2.807   -6.869  1.00 14.33 ? 1342 ARG A CA  1 
ATOM   235  C C   . ARG A 1 51  ? -6.939  3.957   -7.619  1.00 15.64 ? 1342 ARG A C   1 
ATOM   236  O O   . ARG A 1 51  ? -5.875  3.722   -8.241  1.00 17.11 ? 1342 ARG A O   1 
ATOM   237  C CB  . ARG A 1 51  ? -8.591  2.063   -7.770  1.00 15.44 ? 1342 ARG A CB  1 
ATOM   238  C CG  . ARG A 1 51  ? -8.989  0.724   -7.174  1.00 15.62 ? 1342 ARG A CG  1 
ATOM   239  C CD  . ARG A 1 51  ? -10.072 0.025   -7.971  1.00 16.88 ? 1342 ARG A CD  1 
ATOM   240  N NE  . ARG A 1 51  ? -10.627 -1.080  -7.211  1.00 18.25 ? 1342 ARG A NE  1 
ATOM   241  C CZ  . ARG A 1 51  ? -11.872 -1.533  -7.302  1.00 20.52 ? 1342 ARG A CZ  1 
ATOM   242  N NH1 . ARG A 1 51  ? -12.745 -1.012  -8.158  1.00 22.38 ? 1342 ARG A NH1 1 
ATOM   243  N NH2 . ARG A 1 51  ? -12.233 -2.541  -6.537  1.00 20.37 ? 1342 ARG A NH2 1 
ATOM   244  N N   . GLN A 1 52  ? -7.529  5.147   -7.582  1.00 16.71 ? 1343 GLN A N   1 
ATOM   245  C CA  . GLN A 1 52  ? -7.136  6.276   -8.446  1.00 19.33 ? 1343 GLN A CA  1 
ATOM   246  C C   . GLN A 1 52  ? -6.998  7.506   -7.556  1.00 20.06 ? 1343 GLN A C   1 
ATOM   247  O O   . GLN A 1 52  ? -7.594  7.561   -6.475  1.00 19.33 ? 1343 GLN A O   1 
ATOM   248  C CB  . GLN A 1 52  ? -8.158  6.417   -9.586  1.00 21.89 ? 1343 GLN A CB  1 
ATOM   249  C CG  . GLN A 1 52  ? -8.533  5.092   -10.257 1.00 26.38 ? 1343 GLN A CG  1 
ATOM   250  C CD  . GLN A 1 52  ? -7.390  4.371   -10.937 1.00 28.64 ? 1343 GLN A CD  1 
ATOM   251  O OE1 . GLN A 1 52  ? -6.350  4.950   -11.256 1.00 34.81 ? 1343 GLN A OE1 1 
ATOM   252  N NE2 . GLN A 1 52  ? -7.568  3.077   -11.163 1.00 31.67 ? 1343 GLN A NE2 1 
ATOM   253  N N   . PRO A 1 53  ? -6.195  8.514   -7.960  1.00 23.99 ? 1344 PRO A N   1 
ATOM   254  C CA  . PRO A 1 53  ? -5.924  9.650   -7.088  1.00 24.46 ? 1344 PRO A CA  1 
ATOM   255  C C   . PRO A 1 53  ? -7.254  10.345  -6.793  1.00 24.98 ? 1344 PRO A C   1 
ATOM   256  O O   . PRO A 1 53  ? -8.124  10.359  -7.675  1.00 25.16 ? 1344 PRO A O   1 
ATOM   257  C CB  . PRO A 1 53  ? -4.968  10.536  -7.896  1.00 24.64 ? 1344 PRO A CB  1 
ATOM   258  C CG  . PRO A 1 53  ? -5.251  10.145  -9.320  1.00 26.63 ? 1344 PRO A CG  1 
ATOM   259  C CD  . PRO A 1 53  ? -5.548  8.659   -9.272  1.00 24.64 ? 1344 PRO A CD  1 
ATOM   260  N N   . VAL A 1 54  ? -7.398  10.858  -5.571  1.00 25.52 ? 1345 VAL A N   1 
ATOM   261  C CA  . VAL A 1 54  ? -8.635  11.541  -5.098  1.00 26.06 ? 1345 VAL A CA  1 
ATOM   262  C C   . VAL A 1 54  ? -8.993  12.645  -6.100  1.00 27.83 ? 1345 VAL A C   1 
ATOM   263  O O   . VAL A 1 54  ? -8.057  13.258  -6.692  1.00 27.04 ? 1345 VAL A O   1 
ATOM   264  C CB  . VAL A 1 54  ? -8.500  12.093  -3.666  1.00 26.71 ? 1345 VAL A CB  1 
ATOM   265  C CG1 . VAL A 1 54  ? -9.701  12.950  -3.288  1.00 26.98 ? 1345 VAL A CG1 1 
ATOM   266  C CG2 . VAL A 1 54  ? -8.311  10.973  -2.656  1.00 27.75 ? 1345 VAL A CG2 1 
ATOM   267  N N   . ASP A 1 55  ? -10.309 12.836  -6.262  1.00 30.24 ? 1346 ASP A N   1 
ATOM   268  C CA  . ASP A 1 55  ? -11.016 13.817  -7.129  1.00 31.35 ? 1346 ASP A CA  1 
ATOM   269  C C   . ASP A 1 55  ? -11.163 15.138  -6.360  1.00 31.32 ? 1346 ASP A C   1 
ATOM   270  O O   . ASP A 1 55  ? -11.969 15.185  -5.414  1.00 32.06 ? 1346 ASP A O   1 
ATOM   271  C CB  . ASP A 1 55  ? -12.383 13.238  -7.514  1.00 32.27 ? 1346 ASP A CB  1 
ATOM   272  C CG  . ASP A 1 55  ? -13.238 14.050  -8.473  1.00 31.79 ? 1346 ASP A CG  1 
ATOM   273  O OD1 . ASP A 1 55  ? -12.905 15.216  -8.736  1.00 32.86 ? 1346 ASP A OD1 1 
ATOM   274  O OD2 . ASP A 1 55  ? -14.247 13.489  -8.944  1.00 34.49 ? 1346 ASP A OD2 1 
ATOM   275  N N   . LEU A 1 56  ? -10.425 16.172  -6.759  1.00 32.95 ? 1347 LEU A N   1 
ATOM   276  C CA  . LEU A 1 56  ? -10.431 17.495  -6.078  1.00 35.12 ? 1347 LEU A CA  1 
ATOM   277  C C   . LEU A 1 56  ? -11.741 18.233  -6.382  1.00 35.19 ? 1347 LEU A C   1 
ATOM   278  O O   . LEU A 1 56  ? -12.172 19.026  -5.532  1.00 36.76 ? 1347 LEU A O   1 
ATOM   279  C CB  . LEU A 1 56  ? -9.208  18.305  -6.517  1.00 35.64 ? 1347 LEU A CB  1 
ATOM   280  C CG  . LEU A 1 56  ? -7.853  17.639  -6.275  1.00 37.01 ? 1347 LEU A CG  1 
ATOM   281  C CD1 . LEU A 1 56  ? -6.719  18.598  -6.590  1.00 37.45 ? 1347 LEU A CD1 1 
ATOM   282  C CD2 . LEU A 1 56  ? -7.724  17.121  -4.848  1.00 38.16 ? 1347 LEU A CD2 1 
ATOM   283  N N   . LEU A 1 57  ? -12.379 17.963  -7.524  1.00 37.62 ? 1348 LEU A N   1 
ATOM   284  C CA  . LEU A 1 57  ? -13.646 18.643  -7.896  1.00 37.97 ? 1348 LEU A CA  1 
ATOM   285  C C   . LEU A 1 57  ? -14.705 18.298  -6.841  1.00 36.72 ? 1348 LEU A C   1 
ATOM   286  O O   . LEU A 1 57  ? -15.368 19.234  -6.351  1.00 36.16 ? 1348 LEU A O   1 
ATOM   287  C CB  . LEU A 1 57  ? -14.075 18.227  -9.308  1.00 41.03 ? 1348 LEU A CB  1 
ATOM   288  C CG  . LEU A 1 57  ? -13.025 18.416  -10.404 1.00 44.31 ? 1348 LEU A CG  1 
ATOM   289  C CD1 . LEU A 1 57  ? -13.597 18.079  -11.774 1.00 46.06 ? 1348 LEU A CD1 1 
ATOM   290  C CD2 . LEU A 1 57  ? -12.472 19.830  -10.398 1.00 45.27 ? 1348 LEU A CD2 1 
ATOM   291  N N   . GLU A 1 58  ? -14.814 17.015  -6.470  1.00 33.43 ? 1349 GLU A N   1 
ATOM   292  C CA  . GLU A 1 58  ? -15.799 16.500  -5.476  1.00 33.04 ? 1349 GLU A CA  1 
ATOM   293  C C   . GLU A 1 58  ? -15.346 16.840  -4.048  1.00 30.33 ? 1349 GLU A C   1 
ATOM   294  O O   . GLU A 1 58  ? -16.220 17.096  -3.185  1.00 31.13 ? 1349 GLU A O   1 
ATOM   295  C CB  . GLU A 1 58  ? -15.972 14.986  -5.639  1.00 34.17 ? 1349 GLU A CB  1 
ATOM   296  C CG  . GLU A 1 58  ? -16.692 14.588  -6.917  1.00 36.39 ? 1349 GLU A CG  1 
ATOM   297  C CD  . GLU A 1 58  ? -16.926 13.095  -7.105  1.00 40.10 ? 1349 GLU A CD  1 
ATOM   298  O OE1 . GLU A 1 58  ? -16.500 12.311  -6.230  1.00 43.85 ? 1349 GLU A OE1 1 
ATOM   299  O OE2 . GLU A 1 58  ? -17.542 12.717  -8.126  1.00 41.96 ? 1349 GLU A OE2 1 
ATOM   300  N N   . TYR A 1 59  ? -14.033 16.824  -3.795  1.00 29.04 ? 1350 TYR A N   1 
ATOM   301  C CA  . TYR A 1 59  ? -13.424 17.083  -2.464  1.00 27.41 ? 1350 TYR A CA  1 
ATOM   302  C C   . TYR A 1 59  ? -12.485 18.283  -2.587  1.00 25.94 ? 1350 TYR A C   1 
ATOM   303  O O   . TYR A 1 59  ? -11.272 18.136  -2.523  1.00 24.49 ? 1350 TYR A O   1 
ATOM   304  C CB  . TYR A 1 59  ? -12.754 15.794  -1.969  1.00 27.14 ? 1350 TYR A CB  1 
ATOM   305  C CG  . TYR A 1 59  ? -13.707 14.642  -1.735  1.00 26.75 ? 1350 TYR A CG  1 
ATOM   306  C CD1 . TYR A 1 59  ? -14.390 14.517  -0.534  1.00 28.03 ? 1350 TYR A CD1 1 
ATOM   307  C CD2 . TYR A 1 59  ? -13.950 13.682  -2.708  1.00 28.99 ? 1350 TYR A CD2 1 
ATOM   308  C CE1 . TYR A 1 59  ? -15.271 13.472  -0.301  1.00 28.60 ? 1350 TYR A CE1 1 
ATOM   309  C CE2 . TYR A 1 59  ? -14.839 12.634  -2.497  1.00 28.72 ? 1350 TYR A CE2 1 
ATOM   310  C CZ  . TYR A 1 59  ? -15.496 12.521  -1.281  1.00 29.01 ? 1350 TYR A CZ  1 
ATOM   311  O OH  . TYR A 1 59  ? -16.360 11.489  -1.025  1.00 29.46 ? 1350 TYR A OH  1 
ATOM   312  N N   . PRO A 1 60  ? -13.007 19.525  -2.774  1.00 26.01 ? 1351 PRO A N   1 
ATOM   313  C CA  . PRO A 1 60  ? -12.142 20.673  -3.055  1.00 23.33 ? 1351 PRO A CA  1 
ATOM   314  C C   . PRO A 1 60  ? -11.270 21.103  -1.863  1.00 20.36 ? 1351 PRO A C   1 
ATOM   315  O O   . PRO A 1 60  ? -10.312 21.796  -2.100  1.00 19.24 ? 1351 PRO A O   1 
ATOM   316  C CB  . PRO A 1 60  ? -13.122 21.783  -3.478  1.00 26.05 ? 1351 PRO A CB  1 
ATOM   317  C CG  . PRO A 1 60  ? -14.417 21.410  -2.794  1.00 25.66 ? 1351 PRO A CG  1 
ATOM   318  C CD  . PRO A 1 60  ? -14.434 19.890  -2.739  1.00 27.41 ? 1351 PRO A CD  1 
ATOM   319  N N   . ASP A 1 61  ? -11.589 20.679  -0.634  1.00 18.34 ? 1352 ASP A N   1 
ATOM   320  C CA  . ASP A 1 61  ? -10.699 20.943  0.533   1.00 18.05 ? 1352 ASP A CA  1 
ATOM   321  C C   . ASP A 1 61  ? -9.615  19.853  0.679   1.00 17.04 ? 1352 ASP A C   1 
ATOM   322  O O   . ASP A 1 61  ? -8.777  19.984  1.588   1.00 14.90 ? 1352 ASP A O   1 
ATOM   323  C CB  . ASP A 1 61  ? -11.488 21.087  1.836   1.00 18.36 ? 1352 ASP A CB  1 
ATOM   324  C CG  . ASP A 1 61  ? -12.159 19.807  2.272   1.00 18.40 ? 1352 ASP A CG  1 
ATOM   325  O OD1 . ASP A 1 61  ? -12.562 19.016  1.385   1.00 22.57 ? 1352 ASP A OD1 1 
ATOM   326  O OD2 . ASP A 1 61  ? -12.350 19.642  3.488   1.00 24.73 ? 1352 ASP A OD2 1 
ATOM   327  N N   . TYR A 1 62  ? -9.569  18.825  -0.172  1.00 15.76 ? 1353 TYR A N   1 
ATOM   328  C CA  . TYR A 1 62  ? -8.728  17.620  0.091   1.00 16.24 ? 1353 TYR A CA  1 
ATOM   329  C C   . TYR A 1 62  ? -7.267  18.039  0.313   1.00 16.93 ? 1353 TYR A C   1 
ATOM   330  O O   . TYR A 1 62  ? -6.639  17.615  1.329   1.00 15.32 ? 1353 TYR A O   1 
ATOM   331  C CB  . TYR A 1 62  ? -8.903  16.595  -1.031  1.00 16.11 ? 1353 TYR A CB  1 
ATOM   332  C CG  . TYR A 1 62  ? -8.223  15.275  -0.758  1.00 15.78 ? 1353 TYR A CG  1 
ATOM   333  C CD1 . TYR A 1 62  ? -8.751  14.418  0.190   1.00 15.69 ? 1353 TYR A CD1 1 
ATOM   334  C CD2 . TYR A 1 62  ? -7.045  14.908  -1.396  1.00 15.72 ? 1353 TYR A CD2 1 
ATOM   335  C CE1 . TYR A 1 62  ? -8.151  13.199  0.469   1.00 14.60 ? 1353 TYR A CE1 1 
ATOM   336  C CE2 . TYR A 1 62  ? -6.441  13.679  -1.140  1.00 14.36 ? 1353 TYR A CE2 1 
ATOM   337  C CZ  . TYR A 1 62  ? -6.983  12.838  -0.185  1.00 14.18 ? 1353 TYR A CZ  1 
ATOM   338  O OH  . TYR A 1 62  ? -6.379  11.639  0.106   1.00 14.78 ? 1353 TYR A OH  1 
ATOM   339  N N   . ARG A 1 63  ? -6.713  18.860  -0.591  1.00 16.88 ? 1354 ARG A N   1 
ATOM   340  C CA  . ARG A 1 63  ? -5.273  19.232  -0.596  1.00 19.26 ? 1354 ARG A CA  1 
ATOM   341  C C   . ARG A 1 63  ? -4.955  20.276  0.490   1.00 18.98 ? 1354 ARG A C   1 
ATOM   342  O O   . ARG A 1 63  ? -3.760  20.509  0.738   1.00 19.12 ? 1354 ARG A O   1 
ATOM   343  C CB  . ARG A 1 63  ? -4.845  19.697  -1.989  1.00 21.51 ? 1354 ARG A CB  1 
ATOM   344  C CG  . ARG A 1 63  ? -4.744  18.568  -3.008  1.00 24.30 ? 1354 ARG A CG  1 
ATOM   345  C CD  . ARG A 1 63  ? -3.739  17.489  -2.635  1.00 27.76 ? 1354 ARG A CD  1 
ATOM   346  N NE  . ARG A 1 63  ? -2.457  18.027  -2.194  1.00 30.22 ? 1354 ARG A NE  1 
ATOM   347  C CZ  . ARG A 1 63  ? -1.457  18.409  -2.994  1.00 31.76 ? 1354 ARG A CZ  1 
ATOM   348  N NH1 . ARG A 1 63  ? -1.561  18.321  -4.311  1.00 34.45 ? 1354 ARG A NH1 1 
ATOM   349  N NH2 . ARG A 1 63  ? -0.342  18.884  -2.471  1.00 32.39 ? 1354 ARG A NH2 1 
ATOM   350  N N   . ASP A 1 64  ? -5.963  20.829  1.177   1.00 19.36 ? 1355 ASP A N   1 
ATOM   351  C CA  . ASP A 1 64  ? -5.749  21.668  2.390   1.00 20.50 ? 1355 ASP A CA  1 
ATOM   352  C C   . ASP A 1 64  ? -5.277  20.775  3.548   1.00 20.39 ? 1355 ASP A C   1 
ATOM   353  O O   . ASP A 1 64  ? -4.424  21.236  4.349   1.00 21.24 ? 1355 ASP A O   1 
ATOM   354  C CB  . ASP A 1 64  ? -7.007  22.451  2.778   1.00 20.98 ? 1355 ASP A CB  1 
ATOM   355  C CG  . ASP A 1 64  ? -7.581  23.347  1.688   1.00 21.80 ? 1355 ASP A CG  1 
ATOM   356  O OD1 . ASP A 1 64  ? -6.859  23.653  0.713   1.00 22.32 ? 1355 ASP A OD1 1 
ATOM   357  O OD2 . ASP A 1 64  ? -8.753  23.730  1.824   1.00 25.46 ? 1355 ASP A OD2 1 
ATOM   358  N N   . ILE A 1 65  ? -5.776  19.531  3.603   1.00 19.28 ? 1356 ILE A N   1 
ATOM   359  C CA  . ILE A 1 65  ? -5.567  18.569  4.729   1.00 18.67 ? 1356 ILE A CA  1 
ATOM   360  C C   . ILE A 1 65  ? -4.401  17.619  4.408   1.00 18.01 ? 1356 ILE A C   1 
ATOM   361  O O   . ILE A 1 65  ? -3.554  17.364  5.304   1.00 18.82 ? 1356 ILE A O   1 
ATOM   362  C CB  . ILE A 1 65  ? -6.864  17.779  5.018   1.00 19.43 ? 1356 ILE A CB  1 
ATOM   363  C CG1 . ILE A 1 65  ? -8.087  18.680  5.248   1.00 21.53 ? 1356 ILE A CG1 1 
ATOM   364  C CG2 . ILE A 1 65  ? -6.661  16.831  6.188   1.00 19.43 ? 1356 ILE A CG2 1 
ATOM   365  C CD1 . ILE A 1 65  ? -8.811  19.062  4.002   1.00 24.24 ? 1356 ILE A CD1 1 
ATOM   366  N N   . ILE A 1 66  ? -4.334  17.138  3.169   1.00 15.76 ? 1357 ILE A N   1 
ATOM   367  C CA  . ILE A 1 66  ? -3.428  16.035  2.740   1.00 16.18 ? 1357 ILE A CA  1 
ATOM   368  C C   . ILE A 1 66  ? -2.262  16.622  1.954   1.00 16.66 ? 1357 ILE A C   1 
ATOM   369  O O   . ILE A 1 66  ? -2.455  17.155  0.869   1.00 19.58 ? 1357 ILE A O   1 
ATOM   370  C CB  . ILE A 1 66  ? -4.251  14.989  1.959   1.00 14.13 ? 1357 ILE A CB  1 
ATOM   371  C CG1 . ILE A 1 66  ? -5.364  14.392  2.840   1.00 15.41 ? 1357 ILE A CG1 1 
ATOM   372  C CG2 . ILE A 1 66  ? -3.300  13.950  1.364   1.00 16.07 ? 1357 ILE A CG2 1 
ATOM   373  C CD1 . ILE A 1 66  ? -4.942  13.780  4.118   1.00 16.28 ? 1357 ILE A CD1 1 
ATOM   374  N N   . ASP A 1 67  ? -1.052  16.492  2.497   1.00 18.76 ? 1358 ASP A N   1 
ATOM   375  C CA  . ASP A 1 67  ? 0.175   17.041  1.860   1.00 20.89 ? 1358 ASP A CA  1 
ATOM   376  C C   . ASP A 1 67  ? 0.682   16.126  0.738   1.00 19.13 ? 1358 ASP A C   1 
ATOM   377  O O   . ASP A 1 67  ? 1.316   16.628  -0.192  1.00 19.81 ? 1358 ASP A O   1 
ATOM   378  C CB  . ASP A 1 67  ? 1.323   17.175  2.859   1.00 23.63 ? 1358 ASP A CB  1 
ATOM   379  C CG  . ASP A 1 67  ? 1.107   18.200  3.949   1.00 27.11 ? 1358 ASP A CG  1 
ATOM   380  O OD1 . ASP A 1 67  ? 0.446   19.217  3.677   1.00 27.22 ? 1358 ASP A OD1 1 
ATOM   381  O OD2 . ASP A 1 67  ? 1.609   17.964  5.063   1.00 30.01 ? 1358 ASP A OD2 1 
ATOM   382  N N   . THR A 1 68  ? 0.507   14.801  0.864   1.00 17.76 ? 1359 THR A N   1 
ATOM   383  C CA  . THR A 1 68  ? 1.062   13.852  -0.136  1.00 17.53 ? 1359 THR A CA  1 
ATOM   384  C C   . THR A 1 68  ? -0.021  12.854  -0.557  1.00 15.47 ? 1359 THR A C   1 
ATOM   385  O O   . THR A 1 68  ? -0.143  11.769  0.085   1.00 15.81 ? 1359 THR A O   1 
ATOM   386  C CB  . THR A 1 68  ? 2.301   13.122  0.395   1.00 18.24 ? 1359 THR A CB  1 
ATOM   387  O OG1 . THR A 1 68  ? 3.220   14.115  0.865   1.00 20.99 ? 1359 THR A OG1 1 
ATOM   388  C CG2 . THR A 1 68  ? 2.973   12.315  -0.693  1.00 20.05 ? 1359 THR A CG2 1 
ATOM   389  N N   . PRO A 1 69  ? -0.803  13.107  -1.616  1.00 15.21 ? 1360 PRO A N   1 
ATOM   390  C CA  . PRO A 1 69  ? -1.786  12.123  -2.083  1.00 15.90 ? 1360 PRO A CA  1 
ATOM   391  C C   . PRO A 1 69  ? -1.096  10.817  -2.500  1.00 14.17 ? 1360 PRO A C   1 
ATOM   392  O O   . PRO A 1 69  ? 0.021   10.780  -2.954  1.00 15.91 ? 1360 PRO A O   1 
ATOM   393  C CB  . PRO A 1 69  ? -2.401  12.805  -3.304  1.00 16.89 ? 1360 PRO A CB  1 
ATOM   394  C CG  . PRO A 1 69  ? -2.242  14.304  -3.011  1.00 19.31 ? 1360 PRO A CG  1 
ATOM   395  C CD  . PRO A 1 69  ? -0.853  14.379  -2.402  1.00 16.78 ? 1360 PRO A CD  1 
ATOM   396  N N   . MET A 1 70  ? -1.814  9.710   -2.295  1.00 13.38 ? 1361 MET A N   1 
ATOM   397  C CA  . MET A 1 70  ? -1.306  8.390   -2.734  1.00 12.39 ? 1361 MET A CA  1 
ATOM   398  C C   . MET A 1 70  ? -2.507  7.490   -3.039  1.00 11.86 ? 1361 MET A C   1 
ATOM   399  O O   . MET A 1 70  ? -3.552  7.636   -2.434  1.00 12.37 ? 1361 MET A O   1 
ATOM   400  C CB  . MET A 1 70  ? -0.381  7.752   -1.682  1.00 12.43 ? 1361 MET A CB  1 
ATOM   401  C CG  . MET A 1 70  ? 0.330   6.492   -2.170  1.00 12.74 ? 1361 MET A CG  1 
ATOM   402  S SD  . MET A 1 70  ? 1.271   6.615   -3.680  1.00 13.40 ? 1361 MET A SD  1 
ATOM   403  C CE  . MET A 1 70  ? 2.413   7.970   -3.360  1.00 16.10 ? 1361 MET A CE  1 
ATOM   404  N N   . ASP A 1 71  ? -2.336  6.580   -3.994  1.00 11.82 ? 1362 ASP A N   1 
ATOM   405  C CA  . ASP A 1 71  ? -3.414  5.645   -4.397  1.00 11.56 ? 1362 ASP A CA  1 
ATOM   406  C C   . ASP A 1 71  ? -2.770  4.369   -4.939  1.00 10.77 ? 1362 ASP A C   1 
ATOM   407  O O   . ASP A 1 71  ? -1.573  4.354   -5.256  1.00 11.47 ? 1362 ASP A O   1 
ATOM   408  C CB  . ASP A 1 71  ? -4.313  6.298   -5.454  1.00 13.68 ? 1362 ASP A CB  1 
ATOM   409  C CG  . ASP A 1 71  ? -3.524  6.559   -6.719  1.00 15.90 ? 1362 ASP A CG  1 
ATOM   410  O OD1 . ASP A 1 71  ? -2.773  7.576   -6.781  1.00 17.35 ? 1362 ASP A OD1 1 
ATOM   411  O OD2 . ASP A 1 71  ? -3.487  5.658   -7.558  1.00 16.00 ? 1362 ASP A OD2 1 
ATOM   412  N N   . PHE A 1 72  ? -3.555  3.298   -5.138  1.00 10.77 ? 1363 PHE A N   1 
ATOM   413  C CA  . PHE A 1 72  ? -2.981  1.997   -5.517  1.00 10.62 ? 1363 PHE A CA  1 
ATOM   414  C C   . PHE A 1 72  ? -2.513  1.979   -6.965  1.00 11.91 ? 1363 PHE A C   1 
ATOM   415  O O   . PHE A 1 72  ? -1.614  1.203   -7.273  1.00 12.04 ? 1363 PHE A O   1 
ATOM   416  C CB  . PHE A 1 72  ? -3.955  0.853   -5.234  1.00 11.41 ? 1363 PHE A CB  1 
ATOM   417  C CG  . PHE A 1 72  ? -4.045  0.521   -3.765  1.00 10.86 ? 1363 PHE A CG  1 
ATOM   418  C CD1 . PHE A 1 72  ? -3.017  -0.154  -3.167  1.00 11.30 ? 1363 PHE A CD1 1 
ATOM   419  C CD2 . PHE A 1 72  ? -5.139  0.852   -2.980  1.00 11.91 ? 1363 PHE A CD2 1 
ATOM   420  C CE1 . PHE A 1 72  ? -3.055  -0.483  -1.827  1.00 12.22 ? 1363 PHE A CE1 1 
ATOM   421  C CE2 . PHE A 1 72  ? -5.180  0.516   -1.640  1.00 11.65 ? 1363 PHE A CE2 1 
ATOM   422  C CZ  . PHE A 1 72  ? -4.117  -0.116  -1.061  1.00 11.77 ? 1363 PHE A CZ  1 
ATOM   423  N N   . ALA A 1 73  ? -3.121  2.762   -7.871  1.00 11.45 ? 1364 ALA A N   1 
ATOM   424  C CA  . ALA A 1 73  ? -2.595  2.833   -9.247  1.00 12.46 ? 1364 ALA A CA  1 
ATOM   425  C C   . ALA A 1 73  ? -1.203  3.484   -9.275  1.00 12.62 ? 1364 ALA A C   1 
ATOM   426  O O   . ALA A 1 73  ? -0.285  2.952   -9.968  1.00 13.28 ? 1364 ALA A O   1 
ATOM   427  C CB  . ALA A 1 73  ? -3.572  3.573   -10.142 1.00 13.82 ? 1364 ALA A CB  1 
ATOM   428  N N   . THR A 1 74  ? -0.993  4.493   -8.474  1.00 12.02 ? 1365 THR A N   1 
ATOM   429  C CA  . THR A 1 74  ? 0.359   5.090   -8.388  1.00 12.95 ? 1365 THR A CA  1 
ATOM   430  C C   . THR A 1 74  ? 1.338   4.058   -7.825  1.00 11.64 ? 1365 THR A C   1 
ATOM   431  O O   . THR A 1 74  ? 2.459   3.959   -8.338  1.00 12.18 ? 1365 THR A O   1 
ATOM   432  C CB  . THR A 1 74  ? 0.320   6.346   -7.557  1.00 13.21 ? 1365 THR A CB  1 
ATOM   433  O OG1 . THR A 1 74  ? -0.543  7.297   -8.213  1.00 15.59 ? 1365 THR A OG1 1 
ATOM   434  C CG2 . THR A 1 74  ? 1.688   6.974   -7.354  1.00 14.25 ? 1365 THR A CG2 1 
ATOM   435  N N   . VAL A 1 75  ? 0.955   3.331   -6.782  1.00 10.87 ? 1366 VAL A N   1 
ATOM   436  C CA  . VAL A 1 75  ? 1.862   2.285   -6.227  1.00 10.89 ? 1366 VAL A CA  1 
ATOM   437  C C   . VAL A 1 75  ? 2.204   1.250   -7.306  1.00 10.79 ? 1366 VAL A C   1 
ATOM   438  O O   . VAL A 1 75  ? 3.400   0.901   -7.479  1.00 10.65 ? 1366 VAL A O   1 
ATOM   439  C CB  . VAL A 1 75  ? 1.269   1.645   -4.940  1.00 11.00 ? 1366 VAL A CB  1 
ATOM   440  C CG1 . VAL A 1 75  ? 2.138   0.496   -4.475  1.00 11.87 ? 1366 VAL A CG1 1 
ATOM   441  C CG2 . VAL A 1 75  ? 1.091   2.667   -3.842  1.00 12.21 ? 1366 VAL A CG2 1 
ATOM   442  N N   . ARG A 1 76  ? 1.215   0.727   -8.015  1.00 10.87 ? 1367 ARG A N   1 
ATOM   443  C CA  . ARG A 1 76  ? 1.479   -0.268  -9.077  1.00 13.15 ? 1367 ARG A CA  1 
ATOM   444  C C   . ARG A 1 76  ? 2.391   0.313   -10.163 1.00 12.63 ? 1367 ARG A C   1 
ATOM   445  O O   . ARG A 1 76  ? 3.294   -0.432  -10.614 1.00 12.62 ? 1367 ARG A O   1 
ATOM   446  C CB  . ARG A 1 76  ? 0.138   -0.708  -9.665  1.00 14.36 ? 1367 ARG A CB  1 
ATOM   447  C CG  . ARG A 1 76  ? 0.218   -1.761  -10.755 1.00 18.52 ? 1367 ARG A CG  1 
ATOM   448  C CD  . ARG A 1 76  ? -1.216  -2.034  -11.192 1.00 24.85 ? 1367 ARG A CD  1 
ATOM   449  N NE  . ARG A 1 76  ? -1.758  -3.210  -10.568 1.00 25.39 ? 1367 ARG A NE  1 
ATOM   450  C CZ  . ARG A 1 76  ? -3.030  -3.620  -10.673 1.00 25.65 ? 1367 ARG A CZ  1 
ATOM   451  N NH1 . ARG A 1 76  ? -3.958  -2.853  -11.228 1.00 24.77 ? 1367 ARG A NH1 1 
ATOM   452  N NH2 . ARG A 1 76  ? -3.356  -4.803  -10.212 1.00 26.55 ? 1367 ARG A NH2 1 
ATOM   453  N N   . GLU A 1 77  ? 2.137   1.543   -10.584 1.00 12.38 ? 1368 GLU A N   1 
ATOM   454  C CA  . GLU A 1 77  ? 2.976   2.135   -11.649 1.00 12.83 ? 1368 GLU A CA  1 
ATOM   455  C C   . GLU A 1 77  ? 4.398   2.333   -11.144 1.00 13.08 ? 1368 GLU A C   1 
ATOM   456  O O   . GLU A 1 77  ? 5.341   2.145   -11.920 1.00 13.87 ? 1368 GLU A O   1 
ATOM   457  C CB  . GLU A 1 77  ? 2.337   3.445   -12.057 1.00 16.04 ? 1368 GLU A CB  1 
ATOM   458  C CG  . GLU A 1 77  ? 1.064   3.303   -12.875 1.00 20.37 ? 1368 GLU A CG  1 
ATOM   459  C CD  . GLU A 1 77  ? 0.071   4.458   -12.847 1.00 28.89 ? 1368 GLU A CD  1 
ATOM   460  O OE1 . GLU A 1 77  ? 0.425   5.566   -12.336 1.00 33.61 ? 1368 GLU A OE1 1 
ATOM   461  O OE2 . GLU A 1 77  ? -1.088  4.233   -13.329 1.00 35.51 ? 1368 GLU A OE2 1 
ATOM   462  N N   . THR A 1 78  ? 4.611   2.750   -9.915  1.00 12.20 ? 1369 THR A N   1 
ATOM   463  C CA  . THR A 1 78  ? 5.958   2.963   -9.338  1.00 11.87 ? 1369 THR A CA  1 
ATOM   464  C C   . THR A 1 78  ? 6.683   1.611   -9.311  1.00 12.85 ? 1369 THR A C   1 
ATOM   465  O O   . THR A 1 78  ? 7.905   1.532   -9.703  1.00 12.60 ? 1369 THR A O   1 
ATOM   466  C CB  . THR A 1 78  ? 5.856   3.574   -7.938  1.00 12.06 ? 1369 THR A CB  1 
ATOM   467  O OG1 . THR A 1 78  ? 5.167   4.817   -8.029  1.00 13.02 ? 1369 THR A OG1 1 
ATOM   468  C CG2 . THR A 1 78  ? 7.213   3.821   -7.334  1.00 12.73 ? 1369 THR A CG2 1 
ATOM   469  N N   . LEU A 1 79  ? 6.000   0.539   -8.892  1.00 11.40 ? 1370 LEU A N   1 
ATOM   470  C CA  . LEU A 1 79  ? 6.590   -0.821  -8.893  1.00 11.80 ? 1370 LEU A CA  1 
ATOM   471  C C   . LEU A 1 79  ? 6.979   -1.237  -10.296 1.00 12.15 ? 1370 LEU A C   1 
ATOM   472  O O   . LEU A 1 79  ? 8.128   -1.734  -10.527 1.00 12.73 ? 1370 LEU A O   1 
ATOM   473  C CB  . LEU A 1 79  ? 5.575   -1.773  -8.227  1.00 11.28 ? 1370 LEU A CB  1 
ATOM   474  C CG  . LEU A 1 79  ? 6.060   -3.220  -8.021  1.00 11.87 ? 1370 LEU A CG  1 
ATOM   475  C CD1 . LEU A 1 79  ? 7.203   -3.264  -7.019  1.00 12.32 ? 1370 LEU A CD1 1 
ATOM   476  C CD2 . LEU A 1 79  ? 4.881   -4.094  -7.555  1.00 12.32 ? 1370 LEU A CD2 1 
ATOM   477  N N   . GLU A 1 80  ? 6.052   -1.138  -11.252 1.00 12.77 ? 1371 GLU A N   1 
ATOM   478  C CA  . GLU A 1 80  ? 6.304   -1.577  -12.659 1.00 14.10 ? 1371 GLU A CA  1 
ATOM   479  C C   . GLU A 1 80  ? 7.424   -0.744  -13.307 1.00 13.95 ? 1371 GLU A C   1 
ATOM   480  O O   . GLU A 1 80  ? 8.229   -1.297  -14.068 1.00 14.34 ? 1371 GLU A O   1 
ATOM   481  C CB  . GLU A 1 80  ? 5.009   -1.524  -13.479 1.00 14.98 ? 1371 GLU A CB  1 
ATOM   482  C CG  . GLU A 1 80  ? 5.200   -1.915  -14.940 1.00 17.84 ? 1371 GLU A CG  1 
ATOM   483  C CD  . GLU A 1 80  ? 5.728   -0.803  -15.827 1.00 22.41 ? 1371 GLU A CD  1 
ATOM   484  O OE1 . GLU A 1 80  ? 5.364   0.374   -15.584 1.00 27.94 ? 1371 GLU A OE1 1 
ATOM   485  O OE2 . GLU A 1 80  ? 6.527   -1.110  -16.735 1.00 26.98 ? 1371 GLU A OE2 1 
ATOM   486  N N   . ALA A 1 81  ? 7.531   0.529   -12.982 1.00 13.93 ? 1372 ALA A N   1 
ATOM   487  C CA  . ALA A 1 81  ? 8.618   1.405   -13.533 1.00 14.64 ? 1372 ALA A CA  1 
ATOM   488  C C   . ALA A 1 81  ? 9.985   0.971   -13.007 1.00 14.74 ? 1372 ALA A C   1 
ATOM   489  O O   . ALA A 1 81  ? 11.027  1.470   -13.456 1.00 15.61 ? 1372 ALA A O   1 
ATOM   490  C CB  . ALA A 1 81  ? 8.350   2.828   -13.157 1.00 16.18 ? 1372 ALA A CB  1 
ATOM   491  N N   . GLY A 1 82  ? 10.053  0.105   -11.973 1.00 13.54 ? 1373 GLY A N   1 
ATOM   492  C CA  . GLY A 1 82  ? 11.336  -0.185  -11.327 1.00 13.18 ? 1373 GLY A CA  1 
ATOM   493  C C   . GLY A 1 82  ? 11.820  0.943   -10.455 1.00 12.63 ? 1373 GLY A C   1 
ATOM   494  O O   . GLY A 1 82  ? 13.028  1.196   -10.352 1.00 13.46 ? 1373 GLY A O   1 
ATOM   495  N N   . ASN A 1 83  ? 10.913  1.629   -9.738  1.00 11.91 ? 1374 ASN A N   1 
ATOM   496  C CA  . ASN A 1 83  ? 11.216  2.825   -8.902  1.00 12.46 ? 1374 ASN A CA  1 
ATOM   497  C C   . ASN A 1 83  ? 10.966  2.590   -7.393  1.00 11.93 ? 1374 ASN A C   1 
ATOM   498  O O   . ASN A 1 83  ? 11.017  3.557   -6.601  1.00 12.73 ? 1374 ASN A O   1 
ATOM   499  C CB  . ASN A 1 83  ? 10.460  4.059   -9.417  1.00 12.92 ? 1374 ASN A CB  1 
ATOM   500  C CG  . ASN A 1 83  ? 10.927  4.602   -10.765 1.00 13.72 ? 1374 ASN A CG  1 
ATOM   501  O OD1 . ASN A 1 83  ? 10.205  5.402   -11.378 1.00 15.46 ? 1374 ASN A OD1 1 
ATOM   502  N ND2 . ASN A 1 83  ? 12.110  4.232   -11.236 1.00 13.60 ? 1374 ASN A ND2 1 
ATOM   503  N N   . TYR A 1 84  ? 10.783  1.325   -6.978  1.00 12.03 ? 1375 TYR A N   1 
ATOM   504  C CA  . TYR A 1 84  ? 10.953  0.892   -5.563  1.00 11.93 ? 1375 TYR A CA  1 
ATOM   505  C C   . TYR A 1 84  ? 12.250  0.083   -5.461  1.00 11.94 ? 1375 TYR A C   1 
ATOM   506  O O   . TYR A 1 84  ? 12.450  -0.797  -6.295  1.00 12.61 ? 1375 TYR A O   1 
ATOM   507  C CB  . TYR A 1 84  ? 9.753   0.078   -5.059  1.00 11.07 ? 1375 TYR A CB  1 
ATOM   508  C CG  . TYR A 1 84  ? 8.478   0.854   -4.846  1.00 10.55 ? 1375 TYR A CG  1 
ATOM   509  C CD1 . TYR A 1 84  ? 8.429   2.015   -4.078  1.00 10.76 ? 1375 TYR A CD1 1 
ATOM   510  C CD2 . TYR A 1 84  ? 7.306   0.435   -5.450  1.00 10.74 ? 1375 TYR A CD2 1 
ATOM   511  C CE1 . TYR A 1 84  ? 7.240   2.696   -3.884  1.00 10.87 ? 1375 TYR A CE1 1 
ATOM   512  C CE2 . TYR A 1 84  ? 6.115   1.103   -5.259  1.00 10.76 ? 1375 TYR A CE2 1 
ATOM   513  C CZ  . TYR A 1 84  ? 6.079   2.239   -4.484  1.00 10.97 ? 1375 TYR A CZ  1 
ATOM   514  O OH  . TYR A 1 84  ? 4.885   2.893   -4.348  1.00 12.11 ? 1375 TYR A OH  1 
ATOM   515  N N   . GLU A 1 85  ? 13.084  0.355   -4.450  1.00 12.62 ? 1376 GLU A N   1 
ATOM   516  C CA  . GLU A 1 85  ? 14.311  -0.465  -4.202  1.00 14.98 ? 1376 GLU A CA  1 
ATOM   517  C C   . GLU A 1 85  ? 14.028  -1.655  -3.258  1.00 14.42 ? 1376 GLU A C   1 
ATOM   518  O O   . GLU A 1 85  ? 14.861  -2.543  -3.150  1.00 15.58 ? 1376 GLU A O   1 
ATOM   519  C CB  . GLU A 1 85  ? 15.445  0.387   -3.627  1.00 17.68 ? 1376 GLU A CB  1 
ATOM   520  C CG  . GLU A 1 85  ? 16.715  -0.416  -3.421  1.00 21.84 ? 1376 GLU A CG  1 
ATOM   521  C CD  . GLU A 1 85  ? 17.987  0.392   -3.533  1.00 24.91 ? 1376 GLU A CD  1 
ATOM   522  O OE1 . GLU A 1 85  ? 17.974  1.551   -3.073  1.00 27.81 ? 1376 GLU A OE1 1 
ATOM   523  O OE2 . GLU A 1 85  ? 18.973  -0.143  -4.104  1.00 26.99 ? 1376 GLU A OE2 1 
ATOM   524  N N   . SER A 1 86  ? 12.911  -1.663  -2.544  1.00 13.27 ? 1377 SER A N   1 
ATOM   525  C CA  . SER A 1 86  ? 12.620  -2.664  -1.498  1.00 13.28 ? 1377 SER A CA  1 
ATOM   526  C C   . SER A 1 86  ? 11.132  -2.704  -1.249  1.00 12.57 ? 1377 SER A C   1 
ATOM   527  O O   . SER A 1 86  ? 10.415  -1.733  -1.518  1.00 12.32 ? 1377 SER A O   1 
ATOM   528  C CB  . SER A 1 86  ? 13.327  -2.335  -0.231  1.00 14.28 ? 1377 SER A CB  1 
ATOM   529  O OG  . SER A 1 86  ? 12.761  -1.195  0.388   1.00 14.52 ? 1377 SER A OG  1 
ATOM   530  N N   . PRO A 1 87  ? 10.633  -3.798  -0.649  1.00 12.23 ? 1378 PRO A N   1 
ATOM   531  C CA  . PRO A 1 87  ? 9.223   -3.848  -0.290  1.00 12.11 ? 1378 PRO A CA  1 
ATOM   532  C C   . PRO A 1 87  ? 8.910   -2.893  0.870   1.00 11.62 ? 1378 PRO A C   1 
ATOM   533  O O   . PRO A 1 87  ? 7.749   -2.502  1.011   1.00 12.18 ? 1378 PRO A O   1 
ATOM   534  C CB  . PRO A 1 87  ? 8.984   -5.305  0.131   1.00 12.77 ? 1378 PRO A CB  1 
ATOM   535  C CG  . PRO A 1 87  ? 10.373  -5.803  0.546   1.00 12.21 ? 1378 PRO A CG  1 
ATOM   536  C CD  . PRO A 1 87  ? 11.311  -5.098  -0.426  1.00 12.11 ? 1378 PRO A CD  1 
ATOM   537  N N   . MET A 1 88  ? 9.905   -2.494  1.672   1.00 10.98 ? 1379 MET A N   1 
ATOM   538  C CA  . MET A 1 88  ? 9.660   -1.490  2.735   1.00 11.31 ? 1379 MET A CA  1 
ATOM   539  C C   . MET A 1 88  ? 9.198   -0.172  2.101   1.00 11.20 ? 1379 MET A C   1 
ATOM   540  O O   . MET A 1 88  ? 8.334   0.511   2.662   1.00 10.92 ? 1379 MET A O   1 
ATOM   541  C CB  . MET A 1 88  ? 10.908  -1.264  3.595   1.00 12.38 ? 1379 MET A CB  1 
ATOM   542  C CG  . MET A 1 88  ? 11.277  -2.492  4.425   1.00 12.70 ? 1379 MET A CG  1 
ATOM   543  S SD  . MET A 1 88  ? 12.211  -3.792  3.551   1.00 13.67 ? 1379 MET A SD  1 
ATOM   544  C CE  . MET A 1 88  ? 13.866  -3.121  3.737   1.00 14.49 ? 1379 MET A CE  1 
ATOM   545  N N   . GLU A 1 89  ? 9.808   0.236   0.987   1.00 11.33 ? 1380 GLU A N   1 
ATOM   546  C CA  . GLU A 1 89  ? 9.408   1.500   0.340   1.00 11.82 ? 1380 GLU A CA  1 
ATOM   547  C C   . GLU A 1 89  ? 7.954   1.385   -0.139  1.00 10.77 ? 1380 GLU A C   1 
ATOM   548  O O   . GLU A 1 89  ? 7.172   2.340   0.037   1.00 10.99 ? 1380 GLU A O   1 
ATOM   549  C CB  . GLU A 1 89  ? 10.328  1.811   -0.837  1.00 13.40 ? 1380 GLU A CB  1 
ATOM   550  C CG  . GLU A 1 89  ? 11.781  2.062   -0.469  1.00 13.89 ? 1380 GLU A CG  1 
ATOM   551  C CD  . GLU A 1 89  ? 12.625  2.399   -1.680  1.00 14.43 ? 1380 GLU A CD  1 
ATOM   552  O OE1 . GLU A 1 89  ? 12.060  2.418   -2.774  1.00 13.73 ? 1380 GLU A OE1 1 
ATOM   553  O OE2 . GLU A 1 89  ? 13.844  2.686   -1.507  1.00 15.66 ? 1380 GLU A OE2 1 
ATOM   554  N N   . LEU A 1 90  ? 7.581   0.274   -0.782  1.00 10.36 ? 1381 LEU A N   1 
ATOM   555  C CA  . LEU A 1 90  ? 6.192   0.045   -1.259  1.00 10.68 ? 1381 LEU A CA  1 
ATOM   556  C C   . LEU A 1 90  ? 5.237   0.107   -0.059  1.00 10.66 ? 1381 LEU A C   1 
ATOM   557  O O   . LEU A 1 90  ? 4.153   0.721   -0.149  1.00 10.37 ? 1381 LEU A O   1 
ATOM   558  C CB  . LEU A 1 90  ? 6.124   -1.310  -1.978  1.00 10.75 ? 1381 LEU A CB  1 
ATOM   559  C CG  . LEU A 1 90  ? 4.759   -1.669  -2.576  1.00 11.20 ? 1381 LEU A CG  1 
ATOM   560  C CD1 . LEU A 1 90  ? 4.919   -2.381  -3.897  1.00 11.33 ? 1381 LEU A CD1 1 
ATOM   561  C CD2 . LEU A 1 90  ? 3.902   -2.496  -1.617  1.00 11.19 ? 1381 LEU A CD2 1 
ATOM   562  N N   A CYS A 1 91  ? 5.615   -0.525  1.048   0.32 10.43 ? 1382 CYS A N   1 
ATOM   563  N N   B CYS A 1 91  ? 5.591   -0.514  1.062   0.32 11.71 ? 1382 CYS A N   1 
ATOM   564  C CA  A CYS A 1 91  ? 4.778   -0.625  2.266   0.32 10.61 ? 1382 CYS A CA  1 
ATOM   565  C CA  B CYS A 1 91  ? 4.739   -0.521  2.276   0.32 12.57 ? 1382 CYS A CA  1 
ATOM   566  C C   A CYS A 1 91  ? 4.552   0.790   2.815   0.32 11.41 ? 1382 CYS A C   1 
ATOM   567  C C   B CYS A 1 91  ? 4.506   0.893   2.766   0.32 12.70 ? 1382 CYS A C   1 
ATOM   568  O O   A CYS A 1 91  ? 3.419   1.084   3.241   0.32 11.85 ? 1382 CYS A O   1 
ATOM   569  O O   B CYS A 1 91  ? 3.399   1.212   3.228   0.32 12.58 ? 1382 CYS A O   1 
ATOM   570  C CB  A CYS A 1 91  ? 5.426   -1.602  3.244   0.32 10.07 ? 1382 CYS A CB  1 
ATOM   571  C CB  B CYS A 1 91  ? 5.409   -1.279  3.402   0.32 13.78 ? 1382 CYS A CB  1 
ATOM   572  S SG  A CYS A 1 91  ? 4.409   -1.946  4.704   0.32 10.13 ? 1382 CYS A SG  1 
ATOM   573  S SG  B CYS A 1 91  ? 5.267   -3.047  3.128   0.32 17.00 ? 1382 CYS A SG  1 
ATOM   574  N N   . LYS A 1 92  ? 5.553   1.674   2.723   1.00 11.91 ? 1383 LYS A N   1 
ATOM   575  C CA  . LYS A 1 92  ? 5.409   3.071   3.197   1.00 12.70 ? 1383 LYS A CA  1 
ATOM   576  C C   . LYS A 1 92  ? 4.361   3.805   2.345   1.00 11.81 ? 1383 LYS A C   1 
ATOM   577  O O   . LYS A 1 92  ? 3.536   4.566   2.882   1.00 11.66 ? 1383 LYS A O   1 
ATOM   578  C CB  . LYS A 1 92  ? 6.790   3.731   3.144   1.00 14.86 ? 1383 LYS A CB  1 
ATOM   579  C CG  . LYS A 1 92  ? 6.842   5.113   3.755   1.00 17.14 ? 1383 LYS A CG  1 
ATOM   580  C CD  . LYS A 1 92  ? 8.190   5.438   4.367   1.00 20.24 ? 1383 LYS A CD  1 
ATOM   581  C CE  . LYS A 1 92  ? 9.276   5.795   3.380   1.00 24.66 ? 1383 LYS A CE  1 
ATOM   582  N NZ  . LYS A 1 92  ? 10.343  6.563   4.072   1.00 26.92 ? 1383 LYS A NZ  1 
ATOM   583  N N   . ASP A 1 93  ? 4.399   3.653   1.029   1.00 11.36 ? 1384 ASP A N   1 
ATOM   584  C CA  . ASP A 1 93  ? 3.399   4.315   0.162   1.00 11.26 ? 1384 ASP A CA  1 
ATOM   585  C C   . ASP A 1 93  ? 1.998   3.737   0.415   1.00 10.29 ? 1384 ASP A C   1 
ATOM   586  O O   . ASP A 1 93  ? 1.041   4.488   0.492   1.00 10.00 ? 1384 ASP A O   1 
ATOM   587  C CB  . ASP A 1 93  ? 3.767   4.208   -1.312  1.00 11.84 ? 1384 ASP A CB  1 
ATOM   588  C CG  . ASP A 1 93  ? 4.651   5.324   -1.844  1.00 12.77 ? 1384 ASP A CG  1 
ATOM   589  O OD1 . ASP A 1 93  ? 4.789   6.354   -1.143  1.00 15.15 ? 1384 ASP A OD1 1 
ATOM   590  O OD2 . ASP A 1 93  ? 5.170   5.167   -2.976  1.00 13.02 ? 1384 ASP A OD2 1 
ATOM   591  N N   . VAL A 1 94  ? 1.866   2.424   0.599   1.00 9.76  ? 1385 VAL A N   1 
ATOM   592  C CA  . VAL A 1 94  ? 0.515   1.835   0.857   1.00 10.11 ? 1385 VAL A CA  1 
ATOM   593  C C   . VAL A 1 94  ? -0.002  2.351   2.209   1.00 9.77  ? 1385 VAL A C   1 
ATOM   594  O O   . VAL A 1 94  ? -1.179  2.761   2.312   1.00 10.17 ? 1385 VAL A O   1 
ATOM   595  C CB  . VAL A 1 94  ? 0.545   0.303   0.805   1.00 10.32 ? 1385 VAL A CB  1 
ATOM   596  C CG1 . VAL A 1 94  ? -0.728  -0.296  1.362   1.00 10.70 ? 1385 VAL A CG1 1 
ATOM   597  C CG2 . VAL A 1 94  ? 0.821   -0.183  -0.600  1.00 10.25 ? 1385 VAL A CG2 1 
ATOM   598  N N   . ARG A 1 95  ? 0.858   2.401   3.223   1.00 9.81  ? 1386 ARG A N   1 
ATOM   599  C CA  . ARG A 1 95  ? 0.451   2.916   4.552   1.00 10.08 ? 1386 ARG A CA  1 
ATOM   600  C C   . ARG A 1 95  ? 0.027   4.386   4.455   1.00 10.12 ? 1386 ARG A C   1 
ATOM   601  O O   . ARG A 1 95  ? -0.876  4.800   5.211   1.00 10.55 ? 1386 ARG A O   1 
ATOM   602  C CB  . ARG A 1 95  ? 1.557   2.672   5.580   1.00 10.91 ? 1386 ARG A CB  1 
ATOM   603  C CG  . ARG A 1 95  ? 1.603   1.219   6.018   1.00 12.39 ? 1386 ARG A CG  1 
ATOM   604  C CD  . ARG A 1 95  ? 2.920   0.807   6.625   1.00 14.00 ? 1386 ARG A CD  1 
ATOM   605  N NE  . ARG A 1 95  ? 2.946   -0.616  6.934   1.00 14.49 ? 1386 ARG A NE  1 
ATOM   606  C CZ  . ARG A 1 95  ? 4.001   -1.277  7.435   1.00 15.97 ? 1386 ARG A CZ  1 
ATOM   607  N NH1 . ARG A 1 95  ? 5.132   -0.642  7.715   1.00 17.48 ? 1386 ARG A NH1 1 
ATOM   608  N NH2 . ARG A 1 95  ? 3.920   -2.576  7.659   1.00 16.71 ? 1386 ARG A NH2 1 
ATOM   609  N N   . LEU A 1 96  ? 0.594   5.149   3.533   1.00 10.36 ? 1387 LEU A N   1 
ATOM   610  C CA  . LEU A 1 96  ? 0.202   6.568   3.320   1.00 10.66 ? 1387 LEU A CA  1 
ATOM   611  C C   . LEU A 1 96  ? -1.236  6.634   2.777   1.00 10.50 ? 1387 LEU A C   1 
ATOM   612  O O   . LEU A 1 96  ? -2.005  7.530   3.187   1.00 10.42 ? 1387 LEU A O   1 
ATOM   613  C CB  . LEU A 1 96  ? 1.179   7.225   2.343   1.00 11.60 ? 1387 LEU A CB  1 
ATOM   614  C CG  . LEU A 1 96  ? 0.962   8.705   2.061   1.00 12.46 ? 1387 LEU A CG  1 
ATOM   615  C CD1 . LEU A 1 96  ? 1.065   9.536   3.318   1.00 13.09 ? 1387 LEU A CD1 1 
ATOM   616  C CD2 . LEU A 1 96  ? 1.969   9.195   1.028   1.00 12.96 ? 1387 LEU A CD2 1 
ATOM   617  N N   . ILE A 1 97  ? -1.624  5.704   1.896   1.00 10.78 ? 1388 ILE A N   1 
ATOM   618  C CA  . ILE A 1 97  ? -3.041  5.677   1.422   1.00 10.83 ? 1388 ILE A CA  1 
ATOM   619  C C   . ILE A 1 97  ? -3.955  5.634   2.656   1.00 10.82 ? 1388 ILE A C   1 
ATOM   620  O O   . ILE A 1 97  ? -4.956  6.377   2.740   1.00 11.16 ? 1388 ILE A O   1 
ATOM   621  C CB  . ILE A 1 97  ? -3.271  4.466   0.503   1.00 10.86 ? 1388 ILE A CB  1 
ATOM   622  C CG1 . ILE A 1 97  ? -2.424  4.533   -0.772  1.00 10.29 ? 1388 ILE A CG1 1 
ATOM   623  C CG2 . ILE A 1 97  ? -4.751  4.344   0.187   1.00 11.12 ? 1388 ILE A CG2 1 
ATOM   624  C CD1 . ILE A 1 97  ? -2.431  3.258   -1.625  1.00 10.63 ? 1388 ILE A CD1 1 
ATOM   625  N N   . PHE A 1 98  ? -3.629  4.788   3.615   1.00 10.28 ? 1389 PHE A N   1 
ATOM   626  C CA  . PHE A 1 98  ? -4.519  4.568   4.776   1.00 11.04 ? 1389 PHE A CA  1 
ATOM   627  C C   . PHE A 1 98  ? -4.420  5.747   5.746   1.00 10.85 ? 1389 PHE A C   1 
ATOM   628  O O   . PHE A 1 98  ? -5.457  6.168   6.289   1.00 11.47 ? 1389 PHE A O   1 
ATOM   629  C CB  . PHE A 1 98  ? -4.223  3.224   5.442   1.00 11.83 ? 1389 PHE A CB  1 
ATOM   630  C CG  . PHE A 1 98  ? -4.387  2.038   4.529   1.00 12.10 ? 1389 PHE A CG  1 
ATOM   631  C CD1 . PHE A 1 98  ? -5.493  1.893   3.715   1.00 13.32 ? 1389 PHE A CD1 1 
ATOM   632  C CD2 . PHE A 1 98  ? -3.411  1.058   4.438   1.00 13.23 ? 1389 PHE A CD2 1 
ATOM   633  C CE1 . PHE A 1 98  ? -5.671  0.779   2.856   1.00 15.49 ? 1389 PHE A CE1 1 
ATOM   634  C CE2 . PHE A 1 98  ? -3.621  -0.043  3.580   1.00 13.61 ? 1389 PHE A CE2 1 
ATOM   635  C CZ  . PHE A 1 98  ? -4.737  -0.160  2.833   1.00 14.71 ? 1389 PHE A CZ  1 
ATOM   636  N N   . SER A 1 99  ? -3.229  6.299   6.000   1.00 11.07 ? 1390 SER A N   1 
ATOM   637  C CA  . SER A 1 99  ? -3.152  7.456   6.910   1.00 11.80 ? 1390 SER A CA  1 
ATOM   638  C C   . SER A 1 99  ? -3.858  8.647   6.267   1.00 11.72 ? 1390 SER A C   1 
ATOM   639  O O   . SER A 1 99  ? -4.467  9.485   7.033   1.00 12.05 ? 1390 SER A O   1 
ATOM   640  C CB  . SER A 1 99  ? -1.729  7.743   7.323   1.00 13.24 ? 1390 SER A CB  1 
ATOM   641  O OG  . SER A 1 99  ? -0.924  8.064   6.244   1.00 14.28 ? 1390 SER A OG  1 
ATOM   642  N N   . ASN A 1 100 ? -3.782  8.838   4.966   1.00 11.29 ? 1391 ASN A N   1 
ATOM   643  C CA  . ASN A 1 100 ? -4.506  9.946   4.315   1.00 11.43 ? 1391 ASN A CA  1 
ATOM   644  C C   . ASN A 1 100 ? -6.003  9.776   4.550   1.00 11.69 ? 1391 ASN A C   1 
ATOM   645  O O   . ASN A 1 100 ? -6.712  10.779  4.875   1.00 12.36 ? 1391 ASN A O   1 
ATOM   646  C CB  . ASN A 1 100 ? -4.193  10.052  2.829   1.00 11.67 ? 1391 ASN A CB  1 
ATOM   647  C CG  . ASN A 1 100 ? -2.818  10.595  2.503   1.00 11.81 ? 1391 ASN A CG  1 
ATOM   648  O OD1 . ASN A 1 100 ? -2.125  11.161  3.365   1.00 12.60 ? 1391 ASN A OD1 1 
ATOM   649  N ND2 . ASN A 1 100 ? -2.463  10.457  1.263   1.00 11.90 ? 1391 ASN A ND2 1 
ATOM   650  N N   . SER A 1 101 ? -6.555  8.569   4.391   1.00 11.73 ? 1392 SER A N   1 
ATOM   651  C CA  . SER A 1 101 ? -8.003  8.355   4.607   1.00 11.77 ? 1392 SER A CA  1 
ATOM   652  C C   . SER A 1 101 ? -8.356  8.694   6.054   1.00 11.98 ? 1392 SER A C   1 
ATOM   653  O O   . SER A 1 101 ? -9.410  9.328   6.323   1.00 12.35 ? 1392 SER A O   1 
ATOM   654  C CB  . SER A 1 101 ? -8.330  6.932   4.219   1.00 11.45 ? 1392 SER A CB  1 
ATOM   655  O OG  . SER A 1 101 ? -9.756  6.704   4.389   1.00 13.64 ? 1392 SER A OG  1 
ATOM   656  N N   . LYS A 1 102 ? -7.560  8.277   7.013   1.00 12.14 ? 1393 LYS A N   1 
ATOM   657  C CA  . LYS A 1 102 ? -7.834  8.604   8.438   1.00 13.61 ? 1393 LYS A CA  1 
ATOM   658  C C   . LYS A 1 102 ? -7.725  10.100  8.717   1.00 13.91 ? 1393 LYS A C   1 
ATOM   659  O O   . LYS A 1 102 ? -8.567  10.622  9.515   1.00 15.66 ? 1393 LYS A O   1 
ATOM   660  C CB  . LYS A 1 102 ? -6.814  7.877   9.301   1.00 13.38 ? 1393 LYS A CB  1 
ATOM   661  C CG  . LYS A 1 102 ? -7.079  7.931   10.810  1.00 14.55 ? 1393 LYS A CG  1 
ATOM   662  C CD  . LYS A 1 102 ? -6.213  7.013   11.570  1.00 15.72 ? 1393 LYS A CD  1 
ATOM   663  C CE  . LYS A 1 102 ? -6.590  6.961   13.038  1.00 17.92 ? 1393 LYS A CE  1 
ATOM   664  N NZ  . LYS A 1 102 ? -5.734  6.035   13.813  1.00 21.28 ? 1393 LYS A NZ  1 
ATOM   665  N N   . ALA A 1 103 ? -6.821  10.789  8.085   1.00 13.56 ? 1394 ALA A N   1 
ATOM   666  C CA  . ALA A 1 103 ? -6.689  12.249  8.294   1.00 14.32 ? 1394 ALA A CA  1 
ATOM   667  C C   . ALA A 1 103 ? -7.836  12.986  7.641   1.00 15.43 ? 1394 ALA A C   1 
ATOM   668  O O   . ALA A 1 103 ? -8.305  14.026  8.206   1.00 16.48 ? 1394 ALA A O   1 
ATOM   669  C CB  . ALA A 1 103 ? -5.362  12.721  7.748   1.00 15.43 ? 1394 ALA A CB  1 
ATOM   670  N N   . TYR A 1 104 ? -8.333  12.553  6.489   1.00 13.88 ? 1395 TYR A N   1 
ATOM   671  C CA  . TYR A 1 104 ? -9.373  13.282  5.755   1.00 14.23 ? 1395 TYR A CA  1 
ATOM   672  C C   . TYR A 1 104 ? -10.783 12.968  6.261   1.00 14.23 ? 1395 TYR A C   1 
ATOM   673  O O   . TYR A 1 104 ? -11.724 13.765  6.010   1.00 14.88 ? 1395 TYR A O   1 
ATOM   674  C CB  . TYR A 1 104 ? -9.290  13.072  4.246   1.00 15.23 ? 1395 TYR A CB  1 
ATOM   675  C CG  . TYR A 1 104 ? -10.162 14.053  3.490   1.00 16.23 ? 1395 TYR A CG  1 
ATOM   676  C CD1 . TYR A 1 104 ? -9.884  15.410  3.425   1.00 17.02 ? 1395 TYR A CD1 1 
ATOM   677  C CD2 . TYR A 1 104 ? -11.299 13.590  2.852   1.00 17.85 ? 1395 TYR A CD2 1 
ATOM   678  C CE1 . TYR A 1 104 ? -10.767 16.282  2.781   1.00 18.47 ? 1395 TYR A CE1 1 
ATOM   679  C CE2 . TYR A 1 104 ? -12.168 14.432  2.180   1.00 20.29 ? 1395 TYR A CE2 1 
ATOM   680  C CZ  . TYR A 1 104 ? -11.896 15.779  2.159   1.00 18.02 ? 1395 TYR A CZ  1 
ATOM   681  O OH  . TYR A 1 104 ? -12.768 16.636  1.518   1.00 22.88 ? 1395 TYR A OH  1 
ATOM   682  N N   . THR A 1 105 ? -10.995 11.805  6.865   1.00 16.28 ? 1396 THR A N   1 
ATOM   683  C CA  . THR A 1 105 ? -12.365 11.394  7.244   1.00 15.70 ? 1396 THR A CA  1 
ATOM   684  C C   . THR A 1 105 ? -12.928 12.482  8.160   1.00 17.67 ? 1396 THR A C   1 
ATOM   685  O O   . THR A 1 105 ? -12.240 12.950  9.070   1.00 17.14 ? 1396 THR A O   1 
ATOM   686  C CB  . THR A 1 105 ? -12.415 9.971   7.821   1.00 15.59 ? 1396 THR A CB  1 
ATOM   687  O OG1 . THR A 1 105 ? -13.772 9.552   8.019   1.00 16.17 ? 1396 THR A OG1 1 
ATOM   688  C CG2 . THR A 1 105 ? -11.678 9.831   9.133   1.00 16.78 ? 1396 THR A CG2 1 
ATOM   689  N N   . PRO A 1 106 ? -14.187 12.925  7.935   1.00 18.59 ? 1397 PRO A N   1 
ATOM   690  C CA  . PRO A 1 106 ? -14.829 13.858  8.857   1.00 18.74 ? 1397 PRO A CA  1 
ATOM   691  C C   . PRO A 1 106 ? -15.335 13.104  10.099  1.00 18.73 ? 1397 PRO A C   1 
ATOM   692  O O   . PRO A 1 106 ? -15.766 13.730  11.074  1.00 20.67 ? 1397 PRO A O   1 
ATOM   693  C CB  . PRO A 1 106 ? -15.967 14.446  8.003   1.00 19.94 ? 1397 PRO A CB  1 
ATOM   694  C CG  . PRO A 1 106 ? -16.301 13.399  6.959   1.00 20.40 ? 1397 PRO A CG  1 
ATOM   695  C CD  . PRO A 1 106 ? -15.060 12.550  6.811   1.00 19.84 ? 1397 PRO A CD  1 
ATOM   696  N N   . SER A 1 107 ? -15.300 11.768  10.029  1.00 19.22 ? 1398 SER A N   1 
ATOM   697  C CA  . SER A 1 107 ? -15.886 10.825  11.014  1.00 20.11 ? 1398 SER A CA  1 
ATOM   698  C C   . SER A 1 107 ? -15.141 9.489   10.964  1.00 20.31 ? 1398 SER A C   1 
ATOM   699  O O   . SER A 1 107 ? -14.928 8.963   9.848   1.00 21.08 ? 1398 SER A O   1 
ATOM   700  C CB  . SER A 1 107 ? -17.363 10.610  10.740  1.00 21.13 ? 1398 SER A CB  1 
ATOM   701  O OG  . SER A 1 107 ? -17.870 9.542   11.527  1.00 21.72 ? 1398 SER A OG  1 
ATOM   702  N N   . LYS A 1 108 ? -14.832 8.900   12.119  1.00 22.36 ? 1399 LYS A N   1 
ATOM   703  C CA  . LYS A 1 108 ? -14.212 7.547   12.163  1.00 24.06 ? 1399 LYS A CA  1 
ATOM   704  C C   . LYS A 1 108 ? -15.299 6.475   11.969  1.00 24.52 ? 1399 LYS A C   1 
ATOM   705  O O   . LYS A 1 108 ? -14.919 5.274   11.929  1.00 25.71 ? 1399 LYS A O   1 
ATOM   706  C CB  . LYS A 1 108 ? -13.368 7.382   13.433  1.00 25.63 ? 1399 LYS A CB  1 
ATOM   707  C CG  . LYS A 1 108 ? -12.165 8.321   13.547  1.00 26.02 ? 1399 LYS A CG  1 
ATOM   708  C CD  . LYS A 1 108 ? -11.114 8.177   12.458  1.00 28.01 ? 1399 LYS A CD  1 
ATOM   709  C CE  . LYS A 1 108 ? -10.151 9.350   12.378  1.00 26.98 ? 1399 LYS A CE  1 
ATOM   710  N NZ  . LYS A 1 108 ? -9.461  9.570   13.672  1.00 29.60 ? 1399 LYS A NZ  1 
ATOM   711  N N   . ARG A 1 109 ? -16.568 6.887   11.774  1.00 25.25 ? 1400 ARG A N   1 
ATOM   712  C CA  . ARG A 1 109 ? -17.751 6.026   11.490  1.00 28.01 ? 1400 ARG A CA  1 
ATOM   713  C C   . ARG A 1 109 ? -18.142 6.109   10.007  1.00 27.02 ? 1400 ARG A C   1 
ATOM   714  O O   . ARG A 1 109 ? -19.268 5.703   9.666   1.00 27.75 ? 1400 ARG A O   1 
ATOM   715  C CB  . ARG A 1 109 ? -18.967 6.474   12.314  1.00 31.47 ? 1400 ARG A CB  1 
ATOM   716  C CG  . ARG A 1 109 ? -18.719 6.640   13.807  1.00 34.25 ? 1400 ARG A CG  1 
ATOM   717  C CD  . ARG A 1 109 ? -19.886 7.339   14.481  1.00 35.75 ? 1400 ARG A CD  1 
ATOM   718  N NE  . ARG A 1 109 ? -21.139 6.948   13.853  1.00 38.14 ? 1400 ARG A NE  1 
ATOM   719  C CZ  . ARG A 1 109 ? -21.756 5.785   14.035  1.00 37.93 ? 1400 ARG A CZ  1 
ATOM   720  N NH1 . ARG A 1 109 ? -21.257 4.881   14.863  1.00 40.49 ? 1400 ARG A NH1 1 
ATOM   721  N NH2 . ARG A 1 109 ? -22.875 5.530   13.381  1.00 38.11 ? 1400 ARG A NH2 1 
ATOM   722  N N   . SER A 1 110 ? -17.283 6.650   9.149   1.00 22.92 ? 1401 SER A N   1 
ATOM   723  C CA  . SER A 1 110 ? -17.625 6.918   7.732   1.00 19.64 ? 1401 SER A CA  1 
ATOM   724  C C   . SER A 1 110 ? -17.435 5.664   6.876   1.00 16.97 ? 1401 SER A C   1 
ATOM   725  O O   . SER A 1 110 ? -16.634 4.786   7.243   1.00 15.19 ? 1401 SER A O   1 
ATOM   726  C CB  . SER A 1 110 ? -16.842 8.069   7.189   1.00 20.29 ? 1401 SER A CB  1 
ATOM   727  O OG  . SER A 1 110 ? -15.586 7.655   6.669   1.00 24.44 ? 1401 SER A OG  1 
ATOM   728  N N   . ARG A 1 111 ? -18.162 5.601   5.761   1.00 16.43 ? 1402 ARG A N   1 
ATOM   729  C CA  . ARG A 1 111 ? -18.064 4.515   4.760   1.00 16.07 ? 1402 ARG A CA  1 
ATOM   730  C C   . ARG A 1 111 ? -16.624 4.381   4.253   1.00 14.32 ? 1402 ARG A C   1 
ATOM   731  O O   . ARG A 1 111 ? -16.087 3.258   4.273   1.00 13.77 ? 1402 ARG A O   1 
ATOM   732  C CB  . ARG A 1 111 ? -18.994 4.823   3.583   1.00 16.57 ? 1402 ARG A CB  1 
ATOM   733  C CG  . ARG A 1 111 ? -18.977 3.771   2.488   1.00 17.65 ? 1402 ARG A CG  1 
ATOM   734  C CD  . ARG A 1 111 ? -19.644 2.483   2.939   1.00 18.80 ? 1402 ARG A CD  1 
ATOM   735  N NE  . ARG A 1 111 ? -19.318 1.317   2.116   1.00 21.11 ? 1402 ARG A NE  1 
ATOM   736  C CZ  . ARG A 1 111 ? -19.972 0.913   1.020   1.00 20.65 ? 1402 ARG A CZ  1 
ATOM   737  N NH1 . ARG A 1 111 ? -21.015 1.573   0.554   1.00 22.21 ? 1402 ARG A NH1 1 
ATOM   738  N NH2 . ARG A 1 111 ? -19.556 -0.158  0.363   1.00 22.26 ? 1402 ARG A NH2 1 
ATOM   739  N N   . ILE A 1 112 ? -16.070 5.427   3.684   1.00 13.14 ? 1403 ILE A N   1 
ATOM   740  C CA  . ILE A 1 112 ? -14.741 5.278   3.017   1.00 13.11 ? 1403 ILE A CA  1 
ATOM   741  C C   . ILE A 1 112 ? -13.674 4.950   4.043   1.00 13.77 ? 1403 ILE A C   1 
ATOM   742  O O   . ILE A 1 112 ? -12.871 4.023   3.844   1.00 12.94 ? 1403 ILE A O   1 
ATOM   743  C CB  . ILE A 1 112 ? -14.415 6.513   2.153   1.00 13.38 ? 1403 ILE A CB  1 
ATOM   744  C CG1 . ILE A 1 112 ? -15.388 6.570   0.973   1.00 15.30 ? 1403 ILE A CG1 1 
ATOM   745  C CG2 . ILE A 1 112 ? -12.957 6.472   1.679   1.00 14.51 ? 1403 ILE A CG2 1 
ATOM   746  C CD1 . ILE A 1 112 ? -15.330 7.844   0.148   1.00 18.01 ? 1403 ILE A CD1 1 
ATOM   747  N N   . TYR A 1 113 ? -13.648 5.586   5.207   1.00 13.05 ? 1404 TYR A N   1 
ATOM   748  C CA  . TYR A 1 113 ? -12.645 5.262   6.234   1.00 12.15 ? 1404 TYR A CA  1 
ATOM   749  C C   . TYR A 1 113 ? -12.825 3.835   6.711   1.00 12.79 ? 1404 TYR A C   1 
ATOM   750  O O   . TYR A 1 113 ? -11.852 3.126   6.921   1.00 13.02 ? 1404 TYR A O   1 
ATOM   751  C CB  . TYR A 1 113 ? -12.744 6.250   7.381   1.00 13.86 ? 1404 TYR A CB  1 
ATOM   752  C CG  . TYR A 1 113 ? -11.840 5.931   8.542   1.00 12.25 ? 1404 TYR A CG  1 
ATOM   753  C CD1 . TYR A 1 113 ? -10.443 5.922   8.403   1.00 14.66 ? 1404 TYR A CD1 1 
ATOM   754  C CD2 . TYR A 1 113 ? -12.358 5.619   9.791   1.00 13.99 ? 1404 TYR A CD2 1 
ATOM   755  C CE1 . TYR A 1 113 ? -9.611  5.633   9.484   1.00 14.84 ? 1404 TYR A CE1 1 
ATOM   756  C CE2 . TYR A 1 113 ? -11.531 5.334   10.868  1.00 16.44 ? 1404 TYR A CE2 1 
ATOM   757  C CZ  . TYR A 1 113 ? -10.156 5.348   10.721  1.00 15.74 ? 1404 TYR A CZ  1 
ATOM   758  O OH  . TYR A 1 113 ? -9.329  5.033   11.789  1.00 17.41 ? 1404 TYR A OH  1 
ATOM   759  N N   A SER A 1 114 ? -14.070 3.397   6.893   0.32 12.87 ? 1405 SER A N   1 
ATOM   760  N N   B SER A 1 114 ? -14.058 3.385   6.908   0.32 13.00 ? 1405 SER A N   1 
ATOM   761  C CA  A SER A 1 114 ? -14.383 2.012   7.328   0.32 14.21 ? 1405 SER A CA  1 
ATOM   762  C CA  B SER A 1 114 ? -14.323 1.995   7.356   0.32 14.43 ? 1405 SER A CA  1 
ATOM   763  C C   A SER A 1 114 ? -13.809 0.996   6.321   0.32 13.74 ? 1405 SER A C   1 
ATOM   764  C C   B SER A 1 114 ? -13.794 0.982   6.321   0.32 13.80 ? 1405 SER A C   1 
ATOM   765  O O   A SER A 1 114 ? -13.321 -0.064  6.744   0.32 14.14 ? 1405 SER A O   1 
ATOM   766  O O   B SER A 1 114 ? -13.318 -0.094  6.723   0.32 14.05 ? 1405 SER A O   1 
ATOM   767  C CB  A SER A 1 114 ? -15.877 1.789   7.555   0.32 15.52 ? 1405 SER A CB  1 
ATOM   768  C CB  B SER A 1 114 ? -15.789 1.776   7.650   0.32 16.05 ? 1405 SER A CB  1 
ATOM   769  O OG  A SER A 1 114 ? -16.592 1.570   6.344   0.32 16.52 ? 1405 SER A OG  1 
ATOM   770  O OG  B SER A 1 114 ? -16.192 2.610   8.727   0.32 17.49 ? 1405 SER A OG  1 
ATOM   771  N N   . MET A 1 115 ? -13.958 1.252   5.018   1.00 12.23 ? 1406 MET A N   1 
ATOM   772  C CA  . MET A 1 115 ? -13.389 0.410   3.932   1.00 12.41 ? 1406 MET A CA  1 
ATOM   773  C C   . MET A 1 115 ? -11.862 0.427   4.073   1.00 11.36 ? 1406 MET A C   1 
ATOM   774  O O   . MET A 1 115 ? -11.220 -0.636  3.895   1.00 12.03 ? 1406 MET A O   1 
ATOM   775  C CB  . MET A 1 115 ? -13.787 0.952   2.557   1.00 12.68 ? 1406 MET A CB  1 
ATOM   776  C CG  . MET A 1 115 ? -15.254 0.792   2.206   1.00 13.07 ? 1406 MET A CG  1 
ATOM   777  S SD  . MET A 1 115 ? -15.823 1.770   0.781   1.00 15.72 ? 1406 MET A SD  1 
ATOM   778  C CE  . MET A 1 115 ? -15.494 0.645   -0.561  1.00 18.41 ? 1406 MET A CE  1 
ATOM   779  N N   . SER A 1 116 ? -11.283 1.579   4.412   1.00 11.52 ? 1407 SER A N   1 
ATOM   780  C CA  . SER A 1 116 ? -9.806  1.712   4.535   1.00 11.45 ? 1407 SER A CA  1 
ATOM   781  C C   . SER A 1 116 ? -9.312  0.772   5.637   1.00 11.40 ? 1407 SER A C   1 
ATOM   782  O O   . SER A 1 116 ? -8.253  0.167   5.490   1.00 12.22 ? 1407 SER A O   1 
ATOM   783  C CB  . SER A 1 116 ? -9.328  3.144   4.791   1.00 12.25 ? 1407 SER A CB  1 
ATOM   784  O OG  . SER A 1 116 ? -9.339  3.494   6.157   1.00 12.99 ? 1407 SER A OG  1 
ATOM   785  N N   . LEU A 1 117 ? -10.015 0.686   6.759   1.00 11.64 ? 1408 LEU A N   1 
ATOM   786  C CA  . LEU A 1 117 ? -9.528  -0.115  7.907   1.00 12.35 ? 1408 LEU A CA  1 
ATOM   787  C C   . LEU A 1 117 ? -9.599  -1.606  7.572   1.00 11.78 ? 1408 LEU A C   1 
ATOM   788  O O   . LEU A 1 117 ? -8.696  -2.353  7.978   1.00 11.87 ? 1408 LEU A O   1 
ATOM   789  C CB  . LEU A 1 117 ? -10.332 0.220   9.161   1.00 13.72 ? 1408 LEU A CB  1 
ATOM   790  C CG  . LEU A 1 117 ? -10.250 1.667   9.649   1.00 14.50 ? 1408 LEU A CG  1 
ATOM   791  C CD1 . LEU A 1 117 ? -11.156 1.861   10.857  1.00 15.67 ? 1408 LEU A CD1 1 
ATOM   792  C CD2 . LEU A 1 117 ? -8.819  2.084   9.963   1.00 15.30 ? 1408 LEU A CD2 1 
ATOM   793  N N   . ARG A 1 118 ? -10.621 -2.052  6.840   1.00 11.66 ? 1409 ARG A N   1 
ATOM   794  C CA  . ARG A 1 118 ? -10.669 -3.480  6.417   1.00 11.87 ? 1409 ARG A CA  1 
ATOM   795  C C   . ARG A 1 118 ? -9.531  -3.749  5.422   1.00 11.60 ? 1409 ARG A C   1 
ATOM   796  O O   . ARG A 1 118 ? -8.827  -4.784  5.519   1.00 11.52 ? 1409 ARG A O   1 
ATOM   797  C CB  . ARG A 1 118 ? -12.032 -3.841  5.822   1.00 12.26 ? 1409 ARG A CB  1 
ATOM   798  C CG  . ARG A 1 118 ? -13.187 -3.936  6.814   1.00 12.76 ? 1409 ARG A CG  1 
ATOM   799  C CD  . ARG A 1 118 ? -14.424 -4.538  6.173   1.00 13.89 ? 1409 ARG A CD  1 
ATOM   800  N NE  . ARG A 1 118 ? -14.945 -3.688  5.119   1.00 14.07 ? 1409 ARG A NE  1 
ATOM   801  C CZ  . ARG A 1 118 ? -15.845 -2.719  5.255   1.00 15.35 ? 1409 ARG A CZ  1 
ATOM   802  N NH1 . ARG A 1 118 ? -16.366 -2.431  6.432   1.00 15.94 ? 1409 ARG A NH1 1 
ATOM   803  N NH2 . ARG A 1 118 ? -16.186 -2.008  4.191   1.00 15.86 ? 1409 ARG A NH2 1 
ATOM   804  N N   . LEU A 1 119 ? -9.334  -2.867  4.452   1.00 10.91 ? 1410 LEU A N   1 
ATOM   805  C CA  . LEU A 1 119 ? -8.292  -3.102  3.441   1.00 11.55 ? 1410 LEU A CA  1 
ATOM   806  C C   . LEU A 1 119 ? -6.901  -3.092  4.094   1.00 10.67 ? 1410 LEU A C   1 
ATOM   807  O O   . LEU A 1 119 ? -6.039  -3.908  3.695   1.00 11.34 ? 1410 LEU A O   1 
ATOM   808  C CB  . LEU A 1 119 ? -8.434  -2.058  2.335   1.00 12.51 ? 1410 LEU A CB  1 
ATOM   809  C CG  . LEU A 1 119 ? -7.800  -2.447  1.006   1.00 13.32 ? 1410 LEU A CG  1 
ATOM   810  C CD1 . LEU A 1 119 ? -8.618  -3.546  0.327   1.00 13.56 ? 1410 LEU A CD1 1 
ATOM   811  C CD2 . LEU A 1 119 ? -7.683  -1.238  0.105   1.00 13.83 ? 1410 LEU A CD2 1 
ATOM   812  N N   . SER A 1 120 ? -6.679  -2.203  5.065   1.00 10.47 ? 1411 SER A N   1 
ATOM   813  C CA  . SER A 1 120 ? -5.393  -2.110  5.780   1.00 11.30 ? 1411 SER A CA  1 
ATOM   814  C C   . SER A 1 120 ? -5.142  -3.445  6.487   1.00 11.83 ? 1411 SER A C   1 
ATOM   815  O O   . SER A 1 120 ? -4.002  -3.942  6.474   1.00 11.43 ? 1411 SER A O   1 
ATOM   816  C CB  . SER A 1 120 ? -5.423  -0.953  6.746   1.00 11.38 ? 1411 SER A CB  1 
ATOM   817  O OG  . SER A 1 120 ? -4.253  -0.963  7.564   1.00 13.12 ? 1411 SER A OG  1 
ATOM   818  N N   . ALA A 1 121 ? -6.130  -4.024  7.193   1.00 10.87 ? 1412 ALA A N   1 
ATOM   819  C CA  . ALA A 1 121 ? -5.914  -5.294  7.908   1.00 11.40 ? 1412 ALA A CA  1 
ATOM   820  C C   . ALA A 1 121 ? -5.533  -6.384  6.922   1.00 10.79 ? 1412 ALA A C   1 
ATOM   821  O O   . ALA A 1 121 ? -4.641  -7.187  7.202   1.00 11.96 ? 1412 ALA A O   1 
ATOM   822  C CB  . ALA A 1 121 ? -7.168  -5.675  8.677   1.00 12.70 ? 1412 ALA A CB  1 
ATOM   823  N N   . PHE A 1 122 ? -6.203  -6.409  5.770   1.00 11.16 ? 1413 PHE A N   1 
ATOM   824  C CA  . PHE A 1 122 ? -5.897  -7.416  4.717   1.00 11.47 ? 1413 PHE A CA  1 
ATOM   825  C C   . PHE A 1 122 ? -4.455  -7.241  4.226   1.00 11.17 ? 1413 PHE A C   1 
ATOM   826  O O   . PHE A 1 122 ? -3.664  -8.210  4.093   1.00 11.33 ? 1413 PHE A O   1 
ATOM   827  C CB  . PHE A 1 122 ? -6.933  -7.310  3.587   1.00 11.69 ? 1413 PHE A CB  1 
ATOM   828  C CG  . PHE A 1 122 ? -6.634  -8.204  2.426   1.00 12.72 ? 1413 PHE A CG  1 
ATOM   829  C CD1 . PHE A 1 122 ? -7.040  -9.536  2.422   1.00 14.63 ? 1413 PHE A CD1 1 
ATOM   830  C CD2 . PHE A 1 122 ? -5.997  -7.730  1.282   1.00 14.03 ? 1413 PHE A CD2 1 
ATOM   831  C CE1 . PHE A 1 122 ? -6.772  -10.373 1.333   1.00 16.63 ? 1413 PHE A CE1 1 
ATOM   832  C CE2 . PHE A 1 122 ? -5.753  -8.575  0.199   1.00 15.96 ? 1413 PHE A CE2 1 
ATOM   833  C CZ  . PHE A 1 122 ? -6.168  -9.894  0.210   1.00 17.08 ? 1413 PHE A CZ  1 
ATOM   834  N N   . PHE A 1 123 ? -4.101  -5.980  3.910   1.00 11.42 ? 1414 PHE A N   1 
ATOM   835  C CA  . PHE A 1 123 ? -2.741  -5.680  3.433   1.00 11.25 ? 1414 PHE A CA  1 
ATOM   836  C C   . PHE A 1 123 ? -1.688  -6.087  4.448   1.00 11.43 ? 1414 PHE A C   1 
ATOM   837  O O   . PHE A 1 123 ? -0.690  -6.759  4.079   1.00 11.64 ? 1414 PHE A O   1 
ATOM   838  C CB  . PHE A 1 123 ? -2.618  -4.193  3.077   1.00 11.73 ? 1414 PHE A CB  1 
ATOM   839  C CG  . PHE A 1 123 ? -1.204  -3.783  2.694   1.00 11.78 ? 1414 PHE A CG  1 
ATOM   840  C CD1 . PHE A 1 123 ? -0.673  -4.106  1.476   1.00 12.45 ? 1414 PHE A CD1 1 
ATOM   841  C CD2 . PHE A 1 123 ? -0.393  -3.134  3.632   1.00 12.69 ? 1414 PHE A CD2 1 
ATOM   842  C CE1 . PHE A 1 123 ? 0.657   -3.751  1.197   1.00 12.31 ? 1414 PHE A CE1 1 
ATOM   843  C CE2 . PHE A 1 123 ? 0.915   -2.780  3.335   1.00 12.87 ? 1414 PHE A CE2 1 
ATOM   844  C CZ  . PHE A 1 123 ? 1.407   -3.095  2.123   1.00 13.14 ? 1414 PHE A CZ  1 
ATOM   845  N N   . GLU A 1 124 ? -1.864  -5.722  5.701   1.00 10.89 ? 1415 GLU A N   1 
ATOM   846  C CA  . GLU A 1 124 ? -0.855  -6.013  6.737   1.00 12.01 ? 1415 GLU A CA  1 
ATOM   847  C C   . GLU A 1 124 ? -0.720  -7.524  6.918   1.00 12.22 ? 1415 GLU A C   1 
ATOM   848  O O   . GLU A 1 124 ? 0.396   -8.040  7.097   1.00 14.07 ? 1415 GLU A O   1 
ATOM   849  C CB  . GLU A 1 124 ? -1.195  -5.338  8.058   1.00 12.62 ? 1415 GLU A CB  1 
ATOM   850  C CG  . GLU A 1 124 ? -1.068  -3.809  7.963   1.00 14.63 ? 1415 GLU A CG  1 
ATOM   851  C CD  . GLU A 1 124 ? 0.329   -3.237  7.713   1.00 15.36 ? 1415 GLU A CD  1 
ATOM   852  O OE1 . GLU A 1 124 ? 1.320   -3.908  8.098   1.00 17.34 ? 1415 GLU A OE1 1 
ATOM   853  O OE2 . GLU A 1 124 ? 0.432   -2.149  7.137   1.00 15.10 ? 1415 GLU A OE2 1 
ATOM   854  N N   . GLU A 1 125 ? -1.829  -8.276  6.850   1.00 12.09 ? 1416 GLU A N   1 
ATOM   855  C CA  . GLU A 1 125 ? -1.777  -9.743  7.005   1.00 12.86 ? 1416 GLU A CA  1 
ATOM   856  C C   . GLU A 1 125 ? -0.909  -10.363 5.924   1.00 12.93 ? 1416 GLU A C   1 
ATOM   857  O O   . GLU A 1 125 ? -0.174  -11.324 6.215   1.00 14.33 ? 1416 GLU A O   1 
ATOM   858  C CB  . GLU A 1 125 ? -3.231  -10.213 6.888   1.00 12.37 ? 1416 GLU A CB  1 
ATOM   859  C CG  . GLU A 1 125 ? -3.424  -11.711 6.898   1.00 13.81 ? 1416 GLU A CG  1 
ATOM   860  C CD  . GLU A 1 125 ? -4.914  -12.042 6.836   1.00 14.44 ? 1416 GLU A CD  1 
ATOM   861  O OE1 . GLU A 1 125 ? -5.640  -11.698 7.821   1.00 15.19 ? 1416 GLU A OE1 1 
ATOM   862  O OE2 . GLU A 1 125 ? -5.389  -12.488 5.766   1.00 16.75 ? 1416 GLU A OE2 1 
ATOM   863  N N   . HIS A 1 126 ? -0.982  -9.867  4.691   1.00 12.51 ? 1417 HIS A N   1 
ATOM   864  C CA  . HIS A 1 126 ? -0.270  -10.442 3.516   1.00 14.25 ? 1417 HIS A CA  1 
ATOM   865  C C   . HIS A 1 126 ? 1.173   -9.903  3.403   1.00 13.00 ? 1417 HIS A C   1 
ATOM   866  O O   . HIS A 1 126 ? 2.095   -10.686 3.025   1.00 13.77 ? 1417 HIS A O   1 
ATOM   867  C CB  . HIS A 1 126 ? -1.095  -10.203 2.238   1.00 15.35 ? 1417 HIS A CB  1 
ATOM   868  C CG  . HIS A 1 126 ? -2.308  -11.068 2.098   1.00 17.01 ? 1417 HIS A CG  1 
ATOM   869  N ND1 . HIS A 1 126 ? -3.461  -10.907 2.850   1.00 18.65 ? 1417 HIS A ND1 1 
ATOM   870  C CD2 . HIS A 1 126 ? -2.532  -12.103 1.261   1.00 18.47 ? 1417 HIS A CD2 1 
ATOM   871  C CE1 . HIS A 1 126 ? -4.325  -11.851 2.497   1.00 19.89 ? 1417 HIS A CE1 1 
ATOM   872  N NE2 . HIS A 1 126 ? -3.800  -12.566 1.512   1.00 19.35 ? 1417 HIS A NE2 1 
ATOM   873  N N   . ILE A 1 127 ? 1.427   -8.625  3.689   1.00 12.66 ? 1418 ILE A N   1 
ATOM   874  C CA  . ILE A 1 127 ? 2.780   -8.042  3.452   1.00 12.56 ? 1418 ILE A CA  1 
ATOM   875  C C   . ILE A 1 127 ? 3.781   -8.516  4.518   1.00 12.36 ? 1418 ILE A C   1 
ATOM   876  O O   . ILE A 1 127 ? 5.000   -8.460  4.265   1.00 11.90 ? 1418 ILE A O   1 
ATOM   877  C CB  . ILE A 1 127 ? 2.707   -6.505  3.382   1.00 12.73 ? 1418 ILE A CB  1 
ATOM   878  C CG1 . ILE A 1 127 ? 3.861   -5.896  2.569   1.00 13.02 ? 1418 ILE A CG1 1 
ATOM   879  C CG2 . ILE A 1 127 ? 2.643   -5.901  4.775   1.00 12.96 ? 1418 ILE A CG2 1 
ATOM   880  C CD1 . ILE A 1 127 ? 3.928   -6.316  1.126   1.00 14.12 ? 1418 ILE A CD1 1 
ATOM   881  N N   A SER A 1 128 ? 3.321   -8.992  5.679   0.32 12.51 ? 1419 SER A N   1 
ATOM   882  N N   B SER A 1 128 ? 3.356   -9.008  5.696   0.32 12.16 ? 1419 SER A N   1 
ATOM   883  C CA  A SER A 1 128 ? 4.202   -9.413  6.797   0.32 13.10 ? 1419 SER A CA  1 
ATOM   884  C CA  B SER A 1 128 ? 4.304   -9.354  6.791   0.32 12.53 ? 1419 SER A CA  1 
ATOM   885  C C   A SER A 1 128 ? 5.299   -10.372 6.298   0.32 13.17 ? 1419 SER A C   1 
ATOM   886  C C   B SER A 1 128 ? 5.347   -10.377 6.293   0.32 12.72 ? 1419 SER A C   1 
ATOM   887  O O   A SER A 1 128 ? 6.488   -10.106 6.584   0.32 14.80 ? 1419 SER A O   1 
ATOM   888  O O   B SER A 1 128 ? 6.550   -10.172 6.579   0.32 14.12 ? 1419 SER A O   1 
ATOM   889  C CB  A SER A 1 128 ? 3.373   -10.006 7.925   0.32 14.07 ? 1419 SER A CB  1 
ATOM   890  C CB  B SER A 1 128 ? 3.594   -9.820  8.058   0.32 13.35 ? 1419 SER A CB  1 
ATOM   891  O OG  A SER A 1 128 ? 2.576   -11.082 7.466   0.32 15.78 ? 1419 SER A OG  1 
ATOM   892  O OG  B SER A 1 128 ? 4.548   -10.174 9.055   0.32 13.87 ? 1419 SER A OG  1 
ATOM   893  N N   . SER A 1 129 ? 4.934   -11.437 5.591   1.00 12.44 ? 1420 SER A N   1 
ATOM   894  C CA  . SER A 1 129 ? 5.911   -12.468 5.165   1.00 13.27 ? 1420 SER A CA  1 
ATOM   895  C C   . SER A 1 129 ? 6.766   -11.949 4.000   1.00 12.56 ? 1420 SER A C   1 
ATOM   896  O O   . SER A 1 129 ? 7.880   -12.447 3.834   1.00 12.60 ? 1420 SER A O   1 
ATOM   897  C CB  . SER A 1 129 ? 5.229   -13.754 4.819   1.00 15.01 ? 1420 SER A CB  1 
ATOM   898  O OG  . SER A 1 129 ? 4.539   -13.672 3.581   1.00 18.52 ? 1420 SER A OG  1 
ATOM   899  N N   . VAL A 1 130 ? 6.242   -11.044 3.168   1.00 11.51 ? 1421 VAL A N   1 
ATOM   900  C CA  . VAL A 1 130 ? 7.061   -10.449 2.070   1.00 11.49 ? 1421 VAL A CA  1 
ATOM   901  C C   . VAL A 1 130 ? 8.225   -9.687  2.701   1.00 11.19 ? 1421 VAL A C   1 
ATOM   902  O O   . VAL A 1 130 ? 9.424   -9.842  2.276   1.00 11.18 ? 1421 VAL A O   1 
ATOM   903  C CB  . VAL A 1 130 ? 6.213   -9.530  1.195   1.00 11.41 ? 1421 VAL A CB  1 
ATOM   904  C CG1 . VAL A 1 130 ? 7.062   -8.885  0.106   1.00 11.38 ? 1421 VAL A CG1 1 
ATOM   905  C CG2 . VAL A 1 130 ? 5.041   -10.277 0.601   1.00 11.85 ? 1421 VAL A CG2 1 
ATOM   906  N N   . LEU A 1 131 ? 7.949   -8.879  3.722   1.00 11.16 ? 1422 LEU A N   1 
ATOM   907  C CA  . LEU A 1 131 ? 9.006   -8.108  4.407   1.00 11.31 ? 1422 LEU A CA  1 
ATOM   908  C C   . LEU A 1 131 ? 9.989   -9.053  5.088   1.00 11.35 ? 1422 LEU A C   1 
ATOM   909  O O   . LEU A 1 131 ? 11.208  -8.842  4.978   1.00 11.95 ? 1422 LEU A O   1 
ATOM   910  C CB  . LEU A 1 131 ? 8.389   -7.158  5.443   1.00 11.97 ? 1422 LEU A CB  1 
ATOM   911  C CG  . LEU A 1 131 ? 7.607   -5.983  4.857   1.00 12.59 ? 1422 LEU A CG  1 
ATOM   912  C CD1 . LEU A 1 131 ? 6.816   -5.247  5.926   1.00 14.04 ? 1422 LEU A CD1 1 
ATOM   913  C CD2 . LEU A 1 131 ? 8.528   -5.055  4.085   1.00 13.85 ? 1422 LEU A CD2 1 
ATOM   914  N N   . SER A 1 132 ? 9.490   -9.999  5.862   1.00 11.83 ? 1423 SER A N   1 
ATOM   915  C CA  . SER A 1 132 ? 10.379  -10.933 6.599   1.00 12.10 ? 1423 SER A CA  1 
ATOM   916  C C   . SER A 1 132 ? 11.297  -11.679 5.614   1.00 12.46 ? 1423 SER A C   1 
ATOM   917  O O   . SER A 1 132 ? 12.531  -11.769 5.894   1.00 11.83 ? 1423 SER A O   1 
ATOM   918  C CB  . SER A 1 132 ? 9.594   -11.902 7.469   1.00 12.95 ? 1423 SER A CB  1 
ATOM   919  O OG  . SER A 1 132 ? 8.861   -11.219 8.465   1.00 14.21 ? 1423 SER A OG  1 
ATOM   920  N N   . ASP A 1 133 ? 10.744  -12.216 4.521   1.00 12.88 ? 1424 ASP A N   1 
ATOM   921  C CA  . ASP A 1 133 ? 11.560  -12.999 3.555   1.00 12.71 ? 1424 ASP A CA  1 
ATOM   922  C C   . ASP A 1 133 ? 12.632  -12.101 2.931   1.00 12.10 ? 1424 ASP A C   1 
ATOM   923  O O   . ASP A 1 133 ? 13.803  -12.520 2.778   1.00 12.27 ? 1424 ASP A O   1 
ATOM   924  C CB  . ASP A 1 133 ? 10.702  -13.653 2.468   1.00 14.42 ? 1424 ASP A CB  1 
ATOM   925  C CG  . ASP A 1 133 ? 10.021  -14.960 2.844   1.00 16.49 ? 1424 ASP A CG  1 
ATOM   926  O OD1 . ASP A 1 133 ? 10.007  -15.317 4.053   1.00 18.32 ? 1424 ASP A OD1 1 
ATOM   927  O OD2 . ASP A 1 133 ? 9.499   -15.621 1.906   1.00 19.24 ? 1424 ASP A OD2 1 
ATOM   928  N N   . TYR A 1 134 ? 12.279  -10.884 2.532   1.00 11.18 ? 1425 TYR A N   1 
ATOM   929  C CA  . TYR A 1 134 ? 13.257  -9.963  1.924   1.00 11.49 ? 1425 TYR A CA  1 
ATOM   930  C C   . TYR A 1 134 ? 14.370  -9.684  2.933   1.00 12.24 ? 1425 TYR A C   1 
ATOM   931  O O   . TYR A 1 134 ? 15.577  -9.744  2.619   1.00 11.70 ? 1425 TYR A O   1 
ATOM   932  C CB  . TYR A 1 134 ? 12.570  -8.689  1.427   1.00 11.73 ? 1425 TYR A CB  1 
ATOM   933  C CG  . TYR A 1 134 ? 13.532  -7.638  0.979   1.00 12.26 ? 1425 TYR A CG  1 
ATOM   934  C CD1 . TYR A 1 134 ? 14.093  -7.667  -0.288  1.00 13.41 ? 1425 TYR A CD1 1 
ATOM   935  C CD2 . TYR A 1 134 ? 13.882  -6.623  1.843   1.00 13.45 ? 1425 TYR A CD2 1 
ATOM   936  C CE1 . TYR A 1 134 ? 14.980  -6.687  -0.693  1.00 13.97 ? 1425 TYR A CE1 1 
ATOM   937  C CE2 . TYR A 1 134 ? 14.748  -5.634  1.444   1.00 13.49 ? 1425 TYR A CE2 1 
ATOM   938  C CZ  . TYR A 1 134 ? 15.307  -5.672  0.184   1.00 13.45 ? 1425 TYR A CZ  1 
ATOM   939  O OH  . TYR A 1 134 ? 16.159  -4.671  -0.191  1.00 15.12 ? 1425 TYR A OH  1 
ATOM   940  N N   . LYS A 1 135 ? 13.999  -9.338  4.165   1.00 12.02 ? 1426 LYS A N   1 
ATOM   941  C CA  . LYS A 1 135 ? 15.027  -8.958  5.137   1.00 11.81 ? 1426 LYS A CA  1 
ATOM   942  C C   . LYS A 1 135 ? 15.938  -10.162 5.440   1.00 11.57 ? 1426 LYS A C   1 
ATOM   943  O O   . LYS A 1 135 ? 17.141  -9.996  5.584   1.00 11.74 ? 1426 LYS A O   1 
ATOM   944  C CB  . LYS A 1 135 ? 14.387  -8.371  6.392   1.00 14.26 ? 1426 LYS A CB  1 
ATOM   945  C CG  . LYS A 1 135 ? 13.687  -7.051  6.084   1.00 15.17 ? 1426 LYS A CG  1 
ATOM   946  C CD  . LYS A 1 135 ? 13.017  -6.469  7.339   1.00 15.30 ? 1426 LYS A CD  1 
ATOM   947  C CE  . LYS A 1 135 ? 12.263  -5.167  7.102   1.00 19.57 ? 1426 LYS A CE  1 
ATOM   948  N NZ  . LYS A 1 135 ? 12.036  -4.411  8.368   1.00 23.93 ? 1426 LYS A NZ  1 
ATOM   949  N N   A SER A 1 136 ? 15.355  -11.347 5.520   0.32 10.70 ? 1427 SER A N   1 
ATOM   950  N N   B SER A 1 136 ? 15.370  -11.356 5.491   0.32 11.57 ? 1427 SER A N   1 
ATOM   951  C CA  A SER A 1 136 ? 16.104  -12.621 5.704   0.32 11.59 ? 1427 SER A CA  1 
ATOM   952  C CA  B SER A 1 136 ? 16.162  -12.585 5.761   0.32 13.11 ? 1427 SER A CA  1 
ATOM   953  C C   A SER A 1 136 ? 17.108  -12.795 4.555   0.32 12.04 ? 1427 SER A C   1 
ATOM   954  C C   B SER A 1 136 ? 17.052  -12.927 4.550   0.32 12.84 ? 1427 SER A C   1 
ATOM   955  O O   A SER A 1 136 ? 18.331  -13.061 4.802   0.32 10.82 ? 1427 SER A O   1 
ATOM   956  O O   B SER A 1 136 ? 18.187  -13.394 4.753   0.32 11.83 ? 1427 SER A O   1 
ATOM   957  C CB  A SER A 1 136 ? 15.149  -13.756 5.761   0.32 11.49 ? 1427 SER A CB  1 
ATOM   958  C CB  B SER A 1 136 ? 15.270  -13.700 6.202   0.32 14.66 ? 1427 SER A CB  1 
ATOM   959  O OG  A SER A 1 136 ? 15.819  -15.005 5.662   0.32 13.39 ? 1427 SER A OG  1 
ATOM   960  O OG  B SER A 1 136 ? 14.478  -14.207 5.149   0.32 19.59 ? 1427 SER A OG  1 
ATOM   961  N N   . ALA A 1 137 ? 16.634  -12.612 3.316   1.00 12.54 ? 1428 ALA A N   1 
ATOM   962  C CA  . ALA A 1 137 ? 17.457  -12.776 2.089   1.00 12.85 ? 1428 ALA A CA  1 
ATOM   963  C C   . ALA A 1 137 ? 18.580  -11.800 2.092   1.00 13.46 ? 1428 ALA A C   1 
ATOM   964  O O   . ALA A 1 137 ? 19.740  -12.190 1.761   1.00 14.68 ? 1428 ALA A O   1 
ATOM   965  C CB  . ALA A 1 137 ? 16.600  -12.623 0.838   1.00 14.35 ? 1428 ALA A CB  1 
ATOM   966  N N   . LEU A 1 138 ? 18.427  -10.553 2.525   1.00 13.84 ? 1429 LEU A N   1 
ATOM   967  C CA  . LEU A 1 138 ? 19.522  -9.595  2.552   1.00 16.24 ? 1429 LEU A CA  1 
ATOM   968  C C   . LEU A 1 138 ? 20.493  -10.011 3.624   1.00 13.84 ? 1429 LEU A C   1 
ATOM   969  O O   . LEU A 1 138 ? 21.691  -9.869  3.405   1.00 14.90 ? 1429 LEU A O   1 
ATOM   970  C CB  . LEU A 1 138 ? 19.011  -8.186  2.815   1.00 20.57 ? 1429 LEU A CB  1 
ATOM   971  C CG  . LEU A 1 138 ? 19.428  -7.116  1.835   1.00 26.32 ? 1429 LEU A CG  1 
ATOM   972  C CD1 . LEU A 1 138 ? 19.313  -7.512  0.364   1.00 25.77 ? 1429 LEU A CD1 1 
ATOM   973  C CD2 . LEU A 1 138 ? 18.625  -5.876  2.171   1.00 24.32 ? 1429 LEU A CD2 1 
ATOM   974  N N   . ARG A 1 139 ? 20.008  -10.475 4.804   1.00 11.78 ? 1430 ARG A N   1 
ATOM   975  C CA  . ARG A 1 139 ? 20.960  -10.899 5.843   1.00 12.57 ? 1430 ARG A CA  1 
ATOM   976  C C   . ARG A 1 139 ? 21.769  -12.114 5.318   1.00 11.06 ? 1430 ARG A C   1 
ATOM   977  O O   . ARG A 1 139 ? 23.013  -12.115 5.587   1.00 13.42 ? 1430 ARG A O   1 
ATOM   978  C CB  . ARG A 1 139 ? 20.263  -11.245 7.162   1.00 12.87 ? 1430 ARG A CB  1 
ATOM   979  C CG  . ARG A 1 139 ? 19.585  -10.071 7.872   1.00 12.42 ? 1430 ARG A CG  1 
ATOM   980  C CD  . ARG A 1 139 ? 19.039  -10.474 9.247   1.00 13.00 ? 1430 ARG A CD  1 
ATOM   981  N NE  . ARG A 1 139 ? 17.953  -11.390 9.241   1.00 13.32 ? 1430 ARG A NE  1 
ATOM   982  C CZ  . ARG A 1 139 ? 16.650  -11.101 9.268   1.00 12.49 ? 1430 ARG A CZ  1 
ATOM   983  N NH1 . ARG A 1 139 ? 16.239  -9.831  9.177   1.00 14.04 ? 1430 ARG A NH1 1 
ATOM   984  N NH2 . ARG A 1 139 ? 15.754  -12.063 9.380   1.00 13.66 ? 1430 ARG A NH2 1 
ATOM   985  N N   . PHE A 1 140 ? 21.148  -13.062 4.619   1.00 10.81 ? 1431 PHE A N   1 
ATOM   986  C CA  . PHE A 1 140 ? 21.911  -14.197 4.075   1.00 12.31 ? 1431 PHE A CA  1 
ATOM   987  C C   . PHE A 1 140 ? 22.989  -13.721 3.089   1.00 12.39 ? 1431 PHE A C   1 
ATOM   988  O O   . PHE A 1 140 ? 24.136  -14.155 3.101   1.00 13.36 ? 1431 PHE A O   1 
ATOM   989  C CB  . PHE A 1 140 ? 20.952  -15.202 3.484   1.00 12.64 ? 1431 PHE A CB  1 
ATOM   990  C CG  . PHE A 1 140 ? 21.619  -16.497 3.080   1.00 14.23 ? 1431 PHE A CG  1 
ATOM   991  C CD1 . PHE A 1 140 ? 21.899  -17.468 4.041   1.00 16.57 ? 1431 PHE A CD1 1 
ATOM   992  C CD2 . PHE A 1 140 ? 22.022  -16.732 1.783   1.00 15.04 ? 1431 PHE A CD2 1 
ATOM   993  C CE1 . PHE A 1 140 ? 22.517  -18.658 3.668   1.00 17.23 ? 1431 PHE A CE1 1 
ATOM   994  C CE2 . PHE A 1 140 ? 22.671  -17.905 1.427   1.00 17.96 ? 1431 PHE A CE2 1 
ATOM   995  C CZ  . PHE A 1 140 ? 22.866  -18.882 2.368   1.00 17.10 ? 1431 PHE A CZ  1 
ATOM   996  N N   . HIS A 1 141 ? 22.656  -12.723 2.299   1.00 14.02 ? 1432 HIS A N   1 
ATOM   997  C CA  . HIS A 1 141 ? 23.615  -12.166 1.290   1.00 15.41 ? 1432 HIS A CA  1 
ATOM   998  C C   . HIS A 1 141 ? 24.860  -11.604 1.977   1.00 19.80 ? 1432 HIS A C   1 
ATOM   999  O O   . HIS A 1 141 ? 26.005  -11.742 1.424   1.00 18.94 ? 1432 HIS A O   1 
ATOM   1000 C CB  . HIS A 1 141 ? 22.922  -11.103 0.454   1.00 16.80 ? 1432 HIS A CB  1 
ATOM   1001 C CG  . HIS A 1 141 ? 23.739  -10.696 -0.746  1.00 15.67 ? 1432 HIS A CG  1 
ATOM   1002 N ND1 . HIS A 1 141 ? 23.878  -11.541 -1.836  1.00 15.66 ? 1432 HIS A ND1 1 
ATOM   1003 C CD2 . HIS A 1 141 ? 24.354  -9.538  -1.029  1.00 17.29 ? 1432 HIS A CD2 1 
ATOM   1004 C CE1 . HIS A 1 141 ? 24.625  -10.901 -2.748  1.00 16.09 ? 1432 HIS A CE1 1 
ATOM   1005 N NE2 . HIS A 1 141 ? 24.917  -9.684  -2.276  1.00 16.28 ? 1432 HIS A NE2 1 
ATOM   1006 N N   . LYS A 1 142 ? 24.689  -11.018 3.163   1.00 19.80 ? 1433 LYS A N   1 
ATOM   1007 C CA  . LYS A 1 142 ? 25.779  -10.363 3.939   1.00 21.60 ? 1433 LYS A CA  1 
ATOM   1008 C C   . LYS A 1 142 ? 26.381  -11.326 4.978   1.00 23.04 ? 1433 LYS A C   1 
ATOM   1009 O O   . LYS A 1 142 ? 27.258  -10.868 5.757   1.00 25.92 ? 1433 LYS A O   1 
ATOM   1010 C CB  . LYS A 1 142 ? 25.222  -9.087  4.585   1.00 24.71 ? 1433 LYS A CB  1 
ATOM   1011 C CG  . LYS A 1 142 ? 24.540  -8.135  3.608   1.00 25.73 ? 1433 LYS A CG  1 
ATOM   1012 C CD  . LYS A 1 142 ? 23.771  -6.983  4.236   1.00 27.02 ? 1433 LYS A CD  1 
ATOM   1013 C CE  . LYS A 1 142 ? 22.888  -6.280  3.226   1.00 27.68 ? 1433 LYS A CE  1 
ATOM   1014 N NZ  . LYS A 1 142 ? 21.934  -5.345  3.865   1.00 25.74 ? 1433 LYS A NZ  1 
ATOM   1015 N N   . ARG A 1 143 ? 26.001  -12.611 4.977   1.00 22.90 ? 1434 ARG A N   1 
ATOM   1016 C CA  . ARG A 1 143 ? 26.336  -13.556 6.082   1.00 23.82 ? 1434 ARG A CA  1 
ATOM   1017 C C   . ARG A 1 143 ? 27.853  -13.729 6.329   1.00 31.96 ? 1434 ARG A C   1 
ATOM   1018 O O   . ARG A 1 143 ? 28.221  -14.146 7.453   1.00 33.98 ? 1434 ARG A O   1 
ATOM   1019 C CB  . ARG A 1 143 ? 25.700  -14.921 5.885   1.00 22.53 ? 1434 ARG A CB  1 
ATOM   1020 C CG  . ARG A 1 143 ? 26.340  -15.711 4.760   1.00 20.79 ? 1434 ARG A CG  1 
ATOM   1021 C CD  . ARG A 1 143 ? 25.500  -16.870 4.347   1.00 21.37 ? 1434 ARG A CD  1 
ATOM   1022 N NE  . ARG A 1 143 ? 26.131  -17.632 3.292   1.00 20.01 ? 1434 ARG A NE  1 
ATOM   1023 C CZ  . ARG A 1 143 ? 26.119  -17.348 2.025   1.00 21.64 ? 1434 ARG A CZ  1 
ATOM   1024 N NH1 . ARG A 1 143 ? 25.526  -16.261 1.566   1.00 18.47 ? 1434 ARG A NH1 1 
ATOM   1025 N NH2 . ARG A 1 143 ? 26.699  -18.180 1.167   1.00 23.23 ? 1434 ARG A NH2 1 
ATOM   1026 N N   . ASN A 1 144 ? 28.692  -13.559 5.305   1.00 29.69 ? 1435 ASN A N   1 
ATOM   1027 C CA  . ASN A 1 144 ? 30.152  -13.856 5.381   1.00 31.00 ? 1435 ASN A CA  1 
ATOM   1028 C C   . ASN A 1 144 ? 30.935  -12.541 5.395   1.00 31.94 ? 1435 ASN A C   1 
ATOM   1029 O O   . ASN A 1 144 ? 32.145  -12.619 5.687   1.00 30.56 ? 1435 ASN A O   1 
ATOM   1030 C CB  . ASN A 1 144 ? 30.632  -14.749 4.232   1.00 30.20 ? 1435 ASN A CB  1 
ATOM   1031 C CG  . ASN A 1 144 ? 30.184  -16.192 4.359   1.00 29.53 ? 1435 ASN A CG  1 
ATOM   1032 O OD1 . ASN A 1 144 ? 30.392  -16.832 5.389   1.00 28.36 ? 1435 ASN A OD1 1 
ATOM   1033 N ND2 . ASN A 1 144 ? 29.580  -16.718 3.305   1.00 26.87 ? 1435 ASN A ND2 1 
HETATM 1034 N N1  . ZOU B 2 .   ? -11.674 8.500   -4.266  0.64 38.00 ? 1901 ZOU A N1  1 
HETATM 1035 N N3  . ZOU B 2 .   ? -10.912 9.713   0.470   0.64 28.72 ? 1901 ZOU A N3  1 
HETATM 1036 C C4  . ZOU B 2 .   ? -13.037 7.757   -8.139  0.64 43.99 ? 1901 ZOU A C4  1 
HETATM 1037 C C5  . ZOU B 2 .   ? -11.925 8.593   -7.972  0.64 44.26 ? 1901 ZOU A C5  1 
HETATM 1038 C C6  . ZOU B 2 .   ? -11.230 9.214   -9.153  0.64 43.51 ? 1901 ZOU A C6  1 
HETATM 1039 C C7  . ZOU B 2 .   ? -11.470 8.832   -6.691  0.64 42.00 ? 1901 ZOU A C7  1 
HETATM 1040 C C8  . ZOU B 2 .   ? -12.097 8.261   -5.593  0.64 41.47 ? 1901 ZOU A C8  1 
HETATM 1041 C C10 . ZOU B 2 .   ? -11.071 8.316   -1.474  0.64 30.38 ? 1901 ZOU A C10 1 
HETATM 1042 C C13 . ZOU B 2 .   ? -12.619 10.232  -1.163  0.64 31.98 ? 1901 ZOU A C13 1 
HETATM 1043 C C15 . ZOU B 2 .   ? -12.087 9.619   2.627   0.64 25.35 ? 1901 ZOU A C15 1 
HETATM 1044 C C17 . ZOU B 2 .   ? -13.540 9.865   4.299   0.64 24.40 ? 1901 ZOU A C17 1 
HETATM 1045 C C1  . ZOU B 2 .   ? -15.108 6.571   -4.604  0.64 43.59 ? 1901 ZOU A C1  1 
HETATM 1046 C C11 . ZOU B 2 .   ? -10.117 8.981   -0.509  0.64 30.05 ? 1901 ZOU A C11 1 
HETATM 1047 C C12 . ZOU B 2 .   ? -11.632 10.814  -0.170  0.64 31.21 ? 1901 ZOU A C12 1 
HETATM 1048 C C14 . ZOU B 2 .   ? -10.987 9.302   1.742   0.64 25.97 ? 1901 ZOU A C14 1 
HETATM 1049 C C16 . ZOU B 2 .   ? -12.252 9.387   3.951   0.64 25.29 ? 1901 ZOU A C16 1 
HETATM 1050 C C18 . ZOU B 2 .   ? -14.082 10.373  3.145   0.64 26.11 ? 1901 ZOU A C18 1 
HETATM 1051 C C2  . ZOU B 2 .   ? -13.216 7.434   -5.773  0.64 42.47 ? 1901 ZOU A C2  1 
HETATM 1052 C C3  . ZOU B 2 .   ? -13.682 7.184   -7.062  0.64 43.70 ? 1901 ZOU A C3  1 
HETATM 1053 C C9  . ZOU B 2 .   ? -12.338 9.327   -3.399  0.64 36.71 ? 1901 ZOU A C9  1 
HETATM 1054 N N2  . ZOU B 2 .   ? -11.990 9.283   -2.087  0.64 32.99 ? 1901 ZOU A N2  1 
HETATM 1055 O O1  . ZOU B 2 .   ? -13.742 6.946   -4.616  0.64 44.78 ? 1901 ZOU A O1  1 
HETATM 1056 O O2  . ZOU B 2 .   ? -13.234 10.073  -3.803  0.64 38.64 ? 1901 ZOU A O2  1 
HETATM 1057 O O3  . ZOU B 2 .   ? -10.149 8.512   2.149   0.64 22.94 ? 1901 ZOU A O3  1 
HETATM 1058 O O4  . ZOU B 2 .   ? -13.204 10.223  2.113   0.64 24.15 ? 1901 ZOU A O4  1 
HETATM 1059 O O   . HOH C 3 .   ? 4.971   2.066   -14.712 0.48 17.62 ? 2001 HOH A O   1 
HETATM 1060 O O   . HOH C 3 .   ? -12.301 11.281  -5.408  0.64 37.44 ? 2002 HOH A O   1 
HETATM 1061 O O   . HOH C 3 .   ? -6.677  23.480  -1.585  1.00 39.77 ? 2003 HOH A O   1 
HETATM 1062 O O   . HOH C 3 .   ? -17.800 0.297   4.647   1.00 29.85 ? 2004 HOH A O   1 
HETATM 1063 O O   . HOH C 3 .   ? 17.202  -2.776  0.966   1.00 26.83 ? 2005 HOH A O   1 
HETATM 1064 O O   . HOH C 3 .   ? 27.150  -12.088 -0.722  1.00 35.59 ? 2006 HOH A O   1 
HETATM 1065 O O   . HOH C 3 .   ? -14.836 19.766  3.512   0.64 29.29 ? 2007 HOH A O   1 
HETATM 1066 O O   . HOH C 3 .   ? 10.041  -3.009  -13.930 1.00 18.33 ? 2008 HOH A O   1 
HETATM 1067 O O   . HOH C 3 .   ? 4.654   -8.819  11.157  1.00 41.49 ? 2009 HOH A O   1 
HETATM 1068 O O   . HOH C 3 .   ? 5.780   -4.603  -11.379 0.48 21.82 ? 2010 HOH A O   1 
HETATM 1069 O O   . HOH C 3 .   ? -17.212 1.726   -4.919  1.00 42.98 ? 2011 HOH A O   1 
HETATM 1070 O O   . HOH C 3 .   ? -7.177  15.583  9.894   1.00 22.39 ? 2012 HOH A O   1 
HETATM 1071 O O   . HOH C 3 .   ? 2.176   -12.728 5.538   1.00 19.38 ? 2013 HOH A O   1 
HETATM 1072 O O   . HOH C 3 .   ? -10.001 24.060  4.065   1.00 26.37 ? 2014 HOH A O   1 
HETATM 1073 O O   . HOH C 3 .   ? 2.129   7.123   -11.127 0.64 46.39 ? 2015 HOH A O   1 
HETATM 1074 O O   . HOH C 3 .   ? 29.372  -15.303 1.117   1.00 47.89 ? 2016 HOH A O   1 
HETATM 1075 O O   . HOH C 3 .   ? -7.704  9.875   1.517   0.64 14.80 ? 2017 HOH A O   1 
HETATM 1076 O O   . HOH C 3 .   ? 14.505  0.248   1.715   1.00 27.13 ? 2018 HOH A O   1 
HETATM 1077 O O   . HOH C 3 .   ? 16.900  -16.349 7.643   1.00 23.50 ? 2019 HOH A O   1 
HETATM 1078 O O   . HOH C 3 .   ? 7.118   -8.715  8.733   1.00 20.38 ? 2020 HOH A O   1 
HETATM 1079 O O   . HOH C 3 .   ? -4.592  10.107  -1.083  1.00 15.49 ? 2021 HOH A O   1 
HETATM 1080 O O   . HOH C 3 .   ? 10.346  -15.403 6.668   1.00 30.29 ? 2022 HOH A O   1 
HETATM 1081 O O   . HOH C 3 .   ? -20.436 2.430   14.333  1.00 38.69 ? 2023 HOH A O   1 
HETATM 1082 O O   . HOH C 3 .   ? -1.610  -0.524  6.726   1.00 17.57 ? 2024 HOH A O   1 
HETATM 1083 O O   . HOH C 3 .   ? 1.831   12.190  -4.266  1.00 27.51 ? 2025 HOH A O   1 
HETATM 1084 O O   . HOH C 3 .   ? -15.786 9.797   -5.825  0.64 31.42 ? 2026 HOH A O   1 
HETATM 1085 O O   . HOH C 3 .   ? 10.563  6.447   -13.793 1.00 33.30 ? 2027 HOH A O   1 
HETATM 1086 O O   . HOH C 3 .   ? -10.325 3.999   14.034  1.00 34.20 ? 2028 HOH A O   1 
HETATM 1087 O O   . HOH C 3 .   ? 21.405  0.284   -3.101  1.00 37.61 ? 2029 HOH A O   1 
HETATM 1088 O O   . HOH C 3 .   ? -4.594  -11.440 10.267  1.00 22.85 ? 2030 HOH A O   1 
HETATM 1089 O O   . HOH C 3 .   ? 28.609  -17.342 7.315   1.00 41.41 ? 2031 HOH A O   1 
HETATM 1090 O O   . HOH C 3 .   ? 13.998  -16.550 3.945   0.64 22.75 ? 2032 HOH A O   1 
HETATM 1091 O O   . HOH C 3 .   ? -18.290 2.536   10.401  1.00 46.01 ? 2033 HOH A O   1 
HETATM 1092 O O   . HOH C 3 .   ? 10.942  2.632   -15.882 1.00 27.40 ? 2034 HOH A O   1 
HETATM 1093 O O   . HOH C 3 .   ? 1.830   -12.865 1.466   1.00 27.97 ? 2035 HOH A O   1 
HETATM 1094 O O   . HOH C 3 .   ? 7.386   6.382   -3.916  1.00 36.51 ? 2036 HOH A O   1 
HETATM 1095 O O   . HOH C 3 .   ? 7.123   -2.139  8.761   1.00 30.15 ? 2037 HOH A O   1 
HETATM 1096 O O   . HOH C 3 .   ? 8.246   -8.306  -12.048 1.00 28.99 ? 2038 HOH A O   1 
HETATM 1097 O O   . HOH C 3 .   ? -1.219  10.781  5.886   1.00 17.08 ? 2039 HOH A O   1 
HETATM 1098 O O   . HOH C 3 .   ? 9.776   5.321   -4.953  1.00 24.10 ? 2040 HOH A O   1 
HETATM 1099 O O   . HOH C 3 .   ? 5.575   8.886   -1.735  1.00 33.45 ? 2041 HOH A O   1 
HETATM 1100 O O   . HOH C 3 .   ? 2.276   -6.423  8.473   1.00 16.82 ? 2042 HOH A O   1 
HETATM 1101 O O   . HOH C 3 .   ? -7.100  4.250   7.501   1.00 15.69 ? 2043 HOH A O   1 
HETATM 1102 O O   . HOH C 3 .   ? 10.238  -15.152 -0.677  1.00 19.67 ? 2044 HOH A O   1 
HETATM 1103 O O   . HOH C 3 .   ? -12.530 0.275   -10.559 1.00 32.21 ? 2045 HOH A O   1 
HETATM 1104 O O   . HOH C 3 .   ? -4.444  6.695   -12.158 0.64 33.89 ? 2046 HOH A O   1 
HETATM 1105 O O   . HOH C 3 .   ? 20.318  -14.033 -0.279  1.00 14.82 ? 2047 HOH A O   1 
HETATM 1106 O O   . HOH C 3 .   ? -7.674  21.074  -2.297  1.00 32.47 ? 2048 HOH A O   1 
HETATM 1107 O O   . HOH C 3 .   ? 9.852   -5.659  9.460   1.00 32.61 ? 2049 HOH A O   1 
HETATM 1108 O O   . HOH C 3 .   ? -2.900  9.852   -5.252  1.00 18.27 ? 2050 HOH A O   1 
HETATM 1109 O O   . HOH C 3 .   ? -17.243 -2.323  0.499   1.00 36.55 ? 2051 HOH A O   1 
HETATM 1110 O O   . HOH C 3 .   ? 7.526   5.821   -10.913 1.00 35.82 ? 2052 HOH A O   1 
HETATM 1111 O O   . HOH C 3 .   ? 22.707  -14.027 -1.667  1.00 15.75 ? 2053 HOH A O   1 
HETATM 1112 O O   . HOH C 3 .   ? -8.053  7.599   -3.689  1.00 15.75 ? 2054 HOH A O   1 
HETATM 1113 O O   . HOH C 3 .   ? -7.903  -11.410 5.420   1.00 15.27 ? 2055 HOH A O   1 
HETATM 1114 O O   . HOH C 3 .   ? 0.485   9.850   -8.481  1.00 36.30 ? 2056 HOH A O   1 
HETATM 1115 O O   . HOH C 3 .   ? -4.366  -15.046 5.503   1.00 25.19 ? 2057 HOH A O   1 
HETATM 1116 O O   . HOH C 3 .   ? -10.049 12.968  10.762  1.00 19.67 ? 2058 HOH A O   1 
HETATM 1117 O O   . HOH C 3 .   ? -1.074  20.196  -0.141  1.00 32.45 ? 2059 HOH A O   1 
HETATM 1118 O O   . HOH C 3 .   ? 1.641   7.106   6.679   1.00 16.12 ? 2060 HOH A O   1 
HETATM 1119 O O   . HOH C 3 .   ? -14.507 -6.637  3.273   0.64 17.36 ? 2061 HOH A O   1 
HETATM 1120 O O   . HOH C 3 .   ? 16.965  -4.940  -2.841  1.00 33.15 ? 2062 HOH A O   1 
HETATM 1121 O O   . HOH C 3 .   ? 24.049  -11.214 8.009   1.00 27.05 ? 2063 HOH A O   1 
HETATM 1122 O O   . HOH C 3 .   ? -4.342  1.075   9.460   1.00 25.09 ? 2064 HOH A O   1 
HETATM 1123 O O   . HOH C 3 .   ? 8.410   -14.008 -6.234  1.00 22.85 ? 2065 HOH A O   1 
HETATM 1124 O O   . HOH C 3 .   ? 11.967  -17.209 -6.002  1.00 37.32 ? 2066 HOH A O   1 
HETATM 1125 O O   . HOH C 3 .   ? -6.187  6.849   -1.982  0.64 15.04 ? 2067 HOH A O   1 
HETATM 1126 O O   . HOH C 3 .   ? 1.752   -12.109 -2.676  1.00 25.59 ? 2068 HOH A O   1 
HETATM 1127 O O   . HOH C 3 .   ? 2.965   18.859  -0.567  1.00 39.20 ? 2069 HOH A O   1 
HETATM 1128 O O   . HOH C 3 .   ? 20.638  -6.901  5.800   1.00 31.74 ? 2070 HOH A O   1 
HETATM 1129 O O   . HOH C 3 .   ? -10.420 -3.548  -9.874  0.64 22.89 ? 2071 HOH A O   1 
HETATM 1130 O O   . HOH C 3 .   ? 18.268  -6.619  -6.128  1.00 22.86 ? 2072 HOH A O   1 
HETATM 1131 O O   . HOH C 3 .   ? 10.065  -10.915 -8.227  1.00 13.53 ? 2073 HOH A O   1 
HETATM 1132 O O   . HOH C 3 .   ? -13.922 -1.146  9.263   1.00 18.14 ? 2074 HOH A O   1 
HETATM 1133 O O   . HOH C 3 .   ? 3.628   -13.573 8.220   1.00 27.92 ? 2075 HOH A O   1 
HETATM 1134 O O   . HOH C 3 .   ? 28.067  -13.424 2.324   1.00 33.23 ? 2076 HOH A O   1 
HETATM 1135 O O   . HOH C 3 .   ? -1.165  4.052   7.904   1.00 13.83 ? 2077 HOH A O   1 
HETATM 1136 O O   . HOH C 3 .   ? -15.925 -3.121  9.121   1.00 16.78 ? 2078 HOH A O   1 
HETATM 1137 O O   . HOH C 3 .   ? 3.660   6.018   5.286   1.00 15.53 ? 2079 HOH A O   1 
HETATM 1138 O O   . HOH C 3 .   ? 0.051   -12.305 8.840   1.00 24.86 ? 2080 HOH A O   1 
HETATM 1139 O O   . HOH C 3 .   ? 10.109  -11.318 -0.206  1.00 12.28 ? 2081 HOH A O   1 
HETATM 1140 O O   . HOH C 3 .   ? 19.004  -14.001 9.304   1.00 17.54 ? 2082 HOH A O   1 
HETATM 1141 O O   . HOH C 3 .   ? -3.687  9.809   9.722   1.00 20.97 ? 2083 HOH A O   1 
HETATM 1142 O O   . HOH C 3 .   ? 16.141  1.703   -0.195  1.00 30.87 ? 2084 HOH A O   1 
HETATM 1143 O O   . HOH C 3 .   ? 5.869   7.166   -6.630  1.00 27.57 ? 2085 HOH A O   1 
HETATM 1144 O O   . HOH C 3 .   ? -7.091  -2.001  10.280  1.00 23.01 ? 2086 HOH A O   1 
HETATM 1145 O O   . HOH C 3 .   ? 6.691   -16.348 -3.656  1.00 41.47 ? 2087 HOH A O   1 
HETATM 1146 O O   . HOH C 3 .   ? -3.051  -12.206 -7.373  1.00 29.42 ? 2088 HOH A O   1 
HETATM 1147 O O   . HOH C 3 .   ? 8.146   0.629   5.495   1.00 19.99 ? 2089 HOH A O   1 
HETATM 1148 O O   . HOH C 3 .   ? -4.356  -2.638  9.862   1.00 20.00 ? 2090 HOH A O   1 
HETATM 1149 O O   . HOH C 3 .   ? -0.230  13.284  3.265   1.00 17.93 ? 2091 HOH A O   1 
HETATM 1150 O O   . HOH C 3 .   ? -10.177 -7.292  5.472   1.00 17.82 ? 2092 HOH A O   1 
HETATM 1151 O O   . HOH C 3 .   ? 8.151   4.990   -0.341  1.00 21.85 ? 2093 HOH A O   1 
HETATM 1152 O O   . HOH C 3 .   ? -17.836 -6.355  -7.472  1.00 22.45 ? 2094 HOH A O   1 
HETATM 1153 O O   . HOH C 3 .   ? -3.955  -7.493  9.956   1.00 22.55 ? 2095 HOH A O   1 
HETATM 1154 O O   . HOH C 3 .   ? 11.792  -6.562  -12.776 1.00 18.10 ? 2096 HOH A O   1 
HETATM 1155 O O   . HOH C 3 .   ? 19.312  -15.003 6.830   1.00 14.99 ? 2097 HOH A O   1 
HETATM 1156 O O   . HOH C 3 .   ? -5.104  10.713  -3.868  1.00 17.47 ? 2098 HOH A O   1 
HETATM 1157 O O   . HOH C 3 .   ? 3.081   -3.286  -10.745 0.48 16.13 ? 2099 HOH A O   1 
HETATM 1158 O O   . HOH C 3 .   ? 12.888  -14.290 -0.535  1.00 18.23 ? 2100 HOH A O   1 
HETATM 1159 O O   . HOH C 3 .   ? 3.305   1.731   8.541   1.00 79.20 ? 2101 HOH A O   1 
HETATM 1160 O O   . HOH C 3 .   ? -7.096  -7.764  -9.944  1.00 24.16 ? 2102 HOH A O   1 
HETATM 1161 O O   . HOH C 3 .   ? 14.603  -17.553 6.183   0.64 27.70 ? 2103 HOH A O   1 
HETATM 1162 O O   . HOH C 3 .   ? -16.799 -0.533  -3.509  1.00 25.40 ? 2104 HOH A O   1 
HETATM 1163 O O   . HOH C 3 .   ? -14.681 -7.920  -2.600  1.00 34.50 ? 2105 HOH A O   1 
HETATM 1164 O O   . HOH C 3 .   ? 17.913  -7.280  6.116   1.00 18.36 ? 2106 HOH A O   1 
HETATM 1165 O O   . HOH C 3 .   ? -10.538 5.575   -6.902  0.64 16.54 ? 2107 HOH A O   1 
HETATM 1166 O O   . HOH C 3 .   ? 10.051  -1.348  -8.421  1.00 12.74 ? 2108 HOH A O   1 
HETATM 1167 O O   . HOH C 3 .   ? -6.105  7.808   0.517   0.64 13.29 ? 2109 HOH A O   1 
HETATM 1168 O O   . HOH C 3 .   ? -1.649  7.206   -10.878 1.00 33.69 ? 2110 HOH A O   1 
HETATM 1169 O O   . HOH C 3 .   ? 24.779  -15.774 -1.181  1.00 19.94 ? 2111 HOH A O   1 
HETATM 1170 O O   . HOH C 3 .   ? 0.733   -10.565 9.632   1.00 30.29 ? 2112 HOH A O   1 
HETATM 1171 O O   . HOH C 3 .   ? 4.150   -11.222 11.720  1.00 45.33 ? 2113 HOH A O   1 
HETATM 1172 O O   . HOH C 3 .   ? 11.256  -1.670  7.795   1.00 25.88 ? 2114 HOH A O   1 
HETATM 1173 O O   . HOH C 3 .   ? 6.531   -12.882 8.973   1.00 21.88 ? 2115 HOH A O   1 
HETATM 1174 O O   . HOH C 3 .   ? 12.084  4.022   -14.392 0.64 21.84 ? 2116 HOH A O   1 
HETATM 1175 O O   . HOH C 3 .   ? -0.314  -5.694  -9.788  1.00 29.16 ? 2117 HOH A O   1 
HETATM 1176 O O   . HOH C 3 .   ? -5.702  13.407  -4.958  1.00 22.88 ? 2118 HOH A O   1 
HETATM 1177 O O   . HOH C 3 .   ? -17.600 7.932   3.690   0.64 24.72 ? 2119 HOH A O   1 
HETATM 1178 O O   . HOH C 3 .   ? 12.640  -13.190 -7.902  1.00 18.56 ? 2120 HOH A O   1 
HETATM 1179 O O   . HOH C 3 .   ? -13.455 -5.983  -0.104  0.64 23.56 ? 2121 HOH A O   1 
HETATM 1180 O O   . HOH C 3 .   ? 5.553   7.612   1.410   1.00 26.78 ? 2122 HOH A O   1 
HETATM 1181 O O   . HOH C 3 .   ? -16.175 9.525   -3.215  0.64 29.49 ? 2123 HOH A O   1 
HETATM 1182 O O   . HOH C 3 .   ? -10.828 -5.607  2.828   1.00 22.46 ? 2124 HOH A O   1 
HETATM 1183 O O   . HOH C 3 .   ? -0.961  15.135  5.120   1.00 27.06 ? 2125 HOH A O   1 
HETATM 1184 O O   . HOH C 3 .   ? 12.977  -7.542  -7.748  1.00 15.80 ? 2126 HOH A O   1 
HETATM 1185 O O   . HOH C 3 .   ? -18.877 -1.209  -2.317  1.00 32.93 ? 2127 HOH A O   1 
HETATM 1186 O O   . HOH C 3 .   ? 17.662  -7.260  8.825   1.00 18.44 ? 2128 HOH A O   1 
HETATM 1187 O O   . HOH C 3 .   ? 13.463  -17.382 -1.862  1.00 23.09 ? 2129 HOH A O   1 
HETATM 1188 O O   . HOH C 3 .   ? -10.069 23.044  -4.794  1.00 33.32 ? 2130 HOH A O   1 
HETATM 1189 O O   . HOH C 3 .   ? -6.586  -3.386  -12.532 1.00 32.68 ? 2131 HOH A O   1 
HETATM 1190 O O   . HOH C 3 .   ? 12.511  -10.836 -1.655  1.00 12.72 ? 2132 HOH A O   1 
HETATM 1191 O O   . HOH C 3 .   ? -14.794 -6.947  -7.166  1.00 27.48 ? 2133 HOH A O   1 
HETATM 1192 O O   . HOH C 3 .   ? -6.560  3.630   12.216  1.00 27.77 ? 2134 HOH A O   1 
HETATM 1193 O O   . HOH C 3 .   ? 14.969  -6.409  -6.126  1.00 20.17 ? 2135 HOH A O   1 
HETATM 1194 O O   . HOH C 3 .   ? 6.114   2.056   6.743   1.00 16.42 ? 2136 HOH A O   1 
HETATM 1195 O O   . HOH C 3 .   ? -9.124  -10.409 -3.183  1.00 33.38 ? 2137 HOH A O   1 
HETATM 1196 O O   . HOH C 3 .   ? -14.303 -4.488  -7.631  1.00 35.27 ? 2138 HOH A O   1 
HETATM 1197 O O   . HOH C 3 .   ? -8.557  14.894  -9.212  1.00 36.31 ? 2139 HOH A O   1 
HETATM 1198 O O   . HOH C 3 .   ? -1.401  1.351   -12.339 1.00 32.13 ? 2140 HOH A O   1 
HETATM 1199 O O   . HOH C 3 .   ? 9.873   7.937   -9.670  0.64 23.59 ? 2141 HOH A O   1 
HETATM 1200 O O   . HOH C 3 .   ? -3.856  0.070   -12.194 1.00 40.93 ? 2142 HOH A O   1 
HETATM 1201 O O   . HOH C 3 .   ? 5.793   -4.129  9.584   1.00 24.94 ? 2143 HOH A O   1 
HETATM 1202 O O   . HOH C 3 .   ? -6.086  -5.735  -11.355 1.00 33.48 ? 2144 HOH A O   1 
HETATM 1203 O O   . HOH C 3 .   ? 19.230  -3.244  -3.585  0.50 34.29 ? 2145 HOH A O   1 
HETATM 1204 O O   . HOH C 3 .   ? -1.997  -13.572 -11.839 1.00 41.12 ? 2146 HOH A O   1 
HETATM 1205 O O   . HOH C 3 .   ? 6.597   -13.824 1.075   1.00 31.53 ? 2147 HOH A O   1 
HETATM 1206 O O   . HOH C 3 .   ? -5.431  24.065  5.641   1.00 49.54 ? 2148 HOH A O   1 
HETATM 1207 O O   . HOH C 3 .   ? -13.223 11.156  -11.035 0.64 49.05 ? 2149 HOH A O   1 
HETATM 1208 O O   . HOH C 3 .   ? -8.455  5.454   15.592  1.00 37.61 ? 2150 HOH A O   1 
HETATM 1209 O O   . HOH C 3 .   ? 12.223  -15.050 7.452   1.00 40.69 ? 2151 HOH A O   1 
HETATM 1210 O O   . HOH C 3 .   ? -21.763 -2.689  -0.118  1.00 42.91 ? 2152 HOH A O   1 
HETATM 1211 O O   . HOH C 3 .   ? 4.986   -6.725  9.105   1.00 18.27 ? 2153 HOH A O   1 
HETATM 1212 O O   . HOH C 3 .   ? 11.113  2.584   3.406   1.00 33.35 ? 2154 HOH A O   1 
HETATM 1213 O O   . HOH C 3 .   ? -1.186  -8.449  10.335  1.00 32.98 ? 2155 HOH A O   1 
HETATM 1214 O O   . HOH C 3 .   ? -11.515 4.425   -9.373  0.64 28.17 ? 2156 HOH A O   1 
HETATM 1215 O O   . HOH C 3 .   ? -3.250  5.086   9.345   1.00 16.12 ? 2157 HOH A O   1 
HETATM 1216 O O   . HOH C 3 .   ? -1.111  -13.960 3.991   0.64 29.58 ? 2158 HOH A O   1 
HETATM 1217 O O   . HOH C 3 .   ? -16.837 10.340  4.628   0.64 45.10 ? 2159 HOH A O   1 
HETATM 1218 O O   . HOH C 3 .   ? 22.180  -15.401 7.154   1.00 15.94 ? 2160 HOH A O   1 
HETATM 1219 O O   . HOH C 3 .   ? -6.503  -11.375 -8.239  1.00 45.14 ? 2161 HOH A O   1 
HETATM 1220 O O   . HOH C 3 .   ? -14.771 0.387   11.319  1.00 23.89 ? 2162 HOH A O   1 
HETATM 1221 O O   . HOH C 3 .   ? -10.464 -4.831  10.102  1.00 25.14 ? 2163 HOH A O   1 
HETATM 1222 O O   . HOH C 3 .   ? 2.395   12.788  4.259   1.00 35.07 ? 2164 HOH A O   1 
HETATM 1223 O O   . HOH C 3 .   ? 23.453  -13.739 8.971   1.00 34.16 ? 2165 HOH A O   1 
HETATM 1224 O O   . HOH C 3 .   ? 15.551  -3.685  7.123   1.00 41.45 ? 2166 HOH A O   1 
HETATM 1225 O O   . HOH C 3 .   ? 8.532   -1.895  6.558   1.00 28.92 ? 2167 HOH A O   1 
HETATM 1226 O O   . HOH C 3 .   ? 2.190   9.434   7.972   1.00 23.55 ? 2168 HOH A O   1 
HETATM 1227 O O   . HOH C 3 .   ? -15.798 -6.446  0.635   1.00 37.03 ? 2169 HOH A O   1 
HETATM 1228 O O   . HOH C 3 .   ? 12.267  -18.394 4.924   0.64 30.34 ? 2170 HOH A O   1 
HETATM 1229 O O   . HOH C 3 .   ? 4.028   20.276  6.960   0.64 39.81 ? 2171 HOH A O   1 
HETATM 1230 O O   . HOH C 3 .   ? -5.195  11.237  11.609  1.00 25.41 ? 2172 HOH A O   1 
HETATM 1231 O O   . HOH C 3 .   ? -13.805 -2.045  -11.780 1.00 26.87 ? 2173 HOH A O   1 
HETATM 1232 O O   . HOH C 3 .   ? -2.554  -13.914 -5.675  1.00 38.58 ? 2174 HOH A O   1 
HETATM 1233 O O   . HOH C 3 .   ? 2.357   -16.688 -14.631 1.00 24.37 ? 2175 HOH A O   1 
HETATM 1234 O O   . HOH C 3 .   ? -21.039 8.795   7.957   1.00 49.39 ? 2176 HOH A O   1 
HETATM 1235 O O   . HOH C 3 .   ? -1.226  1.426   8.632   1.00 20.57 ? 2177 HOH A O   1 
HETATM 1236 O O   . HOH C 3 .   ? 2.230   -16.877 4.615   1.00 35.71 ? 2178 HOH A O   1 
HETATM 1237 O O   . HOH C 3 .   ? -4.998  -11.384 -12.203 1.00 33.14 ? 2179 HOH A O   1 
HETATM 1238 O O   . HOH C 3 .   ? 1.147   5.253   8.816   1.00 21.12 ? 2180 HOH A O   1 
HETATM 1239 O O   . HOH C 3 .   ? 9.880   -13.745 -8.478  1.00 23.98 ? 2181 HOH A O   1 
HETATM 1240 O O   . HOH C 3 .   ? 4.899   8.307   4.306   1.00 23.92 ? 2182 HOH A O   1 
HETATM 1241 O O   . HOH C 3 .   ? -12.515 2.808   14.395  1.00 33.81 ? 2183 HOH A O   1 
HETATM 1242 O O   . HOH C 3 .   ? -5.479  3.480   9.601   1.00 15.18 ? 2184 HOH A O   1 
HETATM 1243 O O   . HOH C 3 .   ? -11.940 -2.561  10.886  1.00 31.65 ? 2185 HOH A O   1 
HETATM 1244 O O   . HOH C 3 .   ? 10.229  -9.694  -10.732 1.00 20.91 ? 2186 HOH A O   1 
HETATM 1245 O O   . HOH C 3 .   ? 8.603   7.346   -7.410  0.64 35.57 ? 2187 HOH A O   1 
HETATM 1246 O O   . HOH C 3 .   ? -0.020  -12.082 -0.550  1.00 32.78 ? 2188 HOH A O   1 
HETATM 1247 O O   . HOH C 3 .   ? -1.764  11.802  -6.809  1.00 32.46 ? 2189 HOH A O   1 
HETATM 1248 O O   . HOH C 3 .   ? -7.421  1.548   13.674  1.00 37.40 ? 2190 HOH A O   1 
HETATM 1249 O O   . HOH C 3 .   ? 2.849   1.767   10.634  0.64 26.54 ? 2191 HOH A O   1 
HETATM 1250 O O   . HOH C 3 .   ? -3.023  -9.550  11.028  1.00 27.23 ? 2192 HOH A O   1 
HETATM 1251 O O   . HOH C 3 .   ? 22.420  -7.826  7.636   1.00 45.34 ? 2193 HOH A O   1 
HETATM 1252 O O   . HOH C 3 .   ? -11.772 -10.360 -1.780  0.64 30.18 ? 2194 HOH A O   1 
HETATM 1253 O O   . HOH C 3 .   ? 7.835   -15.739 8.302   1.00 27.10 ? 2195 HOH A O   1 
HETATM 1254 O O   . HOH C 3 .   ? 13.360  -8.517  -10.613 0.50 12.68 ? 2196 HOH A O   1 
HETATM 1255 O O   . HOH C 3 .   ? -8.561  -4.389  -11.779 1.00 31.50 ? 2197 HOH A O   1 
HETATM 1256 O O   . HOH C 3 .   ? -3.328  -4.700  11.097  1.00 30.55 ? 2198 HOH A O   1 
HETATM 1257 O O   . HOH C 3 .   ? 4.604   9.145   -6.169  1.00 36.93 ? 2199 HOH A O   1 
HETATM 1258 O O   . HOH C 3 .   ? 5.138   4.826   7.353   1.00 34.63 ? 2200 HOH A O   1 
HETATM 1259 O O   . HOH C 3 .   ? 19.885  -6.944  10.246  1.00 32.74 ? 2201 HOH A O   1 
HETATM 1260 O O   . HOH C 3 .   ? 3.208   -16.291 7.413   1.00 38.04 ? 2202 HOH A O   1 
HETATM 1261 O O   . HOH C 3 .   ? -7.740  -1.189  12.592  1.00 39.61 ? 2203 HOH A O   1 
HETATM 1262 O O   . HOH C 3 .   ? -8.058  22.735  -6.444  1.00 47.46 ? 2204 HOH A O   1 
HETATM 1263 O O   . HOH C 3 .   ? 16.448  -5.002  5.065   1.00 24.03 ? 2205 HOH A O   1 
# 
